data_7BJV
#
_entry.id   7BJV
#
_cell.length_a   147.035
_cell.length_b   147.035
_cell.length_c   162.306
_cell.angle_alpha   90.000
_cell.angle_beta   90.000
_cell.angle_gamma   120.000
#
_symmetry.space_group_name_H-M   'P 32 2 1'
#
loop_
_entity.id
_entity.type
_entity.pdbx_description
1 polymer 'Ultraspiracle protein'
2 polymer 'Ecdysone Receptor'
3 non-polymer L-ALPHA-PHOSPHATIDYL-BETA-OLEOYL-GAMMA-PALMITOYL-PHOSPHATIDYLETHANOLAMINE
4 non-polymer "~{N}-~{tert}-butyl-2-methoxy-~{N}'-(3-methoxy-2-methyl-phenyl)carbonyl-pyridine-3-carbohydrazide"
5 non-polymer 'MAGNESIUM ION'
6 non-polymer DI(HYDROXYETHYL)ETHER
7 water water
#
loop_
_entity_poly.entity_id
_entity_poly.type
_entity_poly.pdbx_seq_one_letter_code
_entity_poly.pdbx_strand_id
1 'polypeptide(L)'
;MVQELSIERLLEMESLVADPSEEFQFLRVGPDSNVPPKFRAPVSSLCQIGNKQIAALVVWARDIPHFSQLEMEDQILLIK
GSWNELLLFAIAWRSMEFLTEERDGVDGTGNRTTSPPQLMCLMPGMTLHRNSALQAGVGQIFDRVLSELSLKMRTLRVDQ
AEYVALKAIILLNPDVKGLKNRQEVEVLREKMFLCLDEYCRRSRSSEEGRFAALLLRLPALRSISLKSFEHLFFFHLVAD
TSIAGYIRDALRNHAPPIDTNMM
;
A,B,C
2 'polypeptide(L)'
;GSHMASMTGGQQMGRDPLKNVPPLTANQKSLIARLVYYQEGYEQPSEEDLKRVTQTWQSDEDDEDSDMPFRQITEMTILT
VQLIVEFAKGLPGFSKISQSDQITLLKACSSEVMMLRVARRYDAATDSVLFANNQAYTRDNYRKAGMAYVIEDLLHFCRC
MYSMMMDNVHYALLTAIVIFSDRPGLEQPSLVEEIQRYYLNTLRVYILNQNSASPRSAVIFGKILGILTEIRTLGMQNSN
MCISLKLKNRKLPPFLEEIWDVADVA
;
D,E,F
#
loop_
_chem_comp.id
_chem_comp.type
_chem_comp.name
_chem_comp.formula
EPH non-polymer L-ALPHA-PHOSPHATIDYL-BETA-OLEOYL-GAMMA-PALMITOYL-PHOSPHATIDYLETHANOLAMINE 'C39 H68 N O8 P'
MG non-polymer 'MAGNESIUM ION' 'Mg 2'
PEG non-polymer DI(HYDROXYETHYL)ETHER 'C4 H10 O3'
U0H non-polymer ~{N}-~{tert}-butyl-2-methoxy-~{N}'-(3-methoxy-2-methyl-phenyl)carbonyl-pyridine-3-carbohydrazide 'C20 H25 N3 O4'
#
# COMPACT_ATOMS: atom_id res chain seq x y z
N VAL A 2 -7.76 -3.76 -31.40
CA VAL A 2 -6.74 -2.95 -30.76
C VAL A 2 -6.35 -1.78 -31.67
N GLN A 3 -6.62 -0.56 -31.21
CA GLN A 3 -6.34 0.64 -31.98
C GLN A 3 -5.34 1.51 -31.23
N GLU A 4 -4.73 2.43 -31.98
CA GLU A 4 -3.73 3.34 -31.44
C GLU A 4 -4.39 4.62 -30.97
N LEU A 5 -3.94 5.11 -29.80
CA LEU A 5 -4.40 6.40 -29.29
C LEU A 5 -3.70 7.50 -30.06
N SER A 6 -4.44 8.16 -30.96
CA SER A 6 -3.87 9.18 -31.82
C SER A 6 -4.84 10.35 -31.95
N ILE A 7 -4.33 11.46 -32.47
CA ILE A 7 -5.18 12.62 -32.73
C ILE A 7 -6.19 12.32 -33.81
N GLU A 8 -5.81 11.50 -34.80
CA GLU A 8 -6.73 11.17 -35.89
C GLU A 8 -7.94 10.39 -35.38
N ARG A 9 -7.72 9.45 -34.46
CA ARG A 9 -8.84 8.71 -33.89
C ARG A 9 -9.70 9.61 -33.01
N LEU A 10 -9.07 10.47 -32.21
CA LEU A 10 -9.82 11.38 -31.35
C LEU A 10 -10.67 12.34 -32.16
N LEU A 11 -10.20 12.76 -33.34
CA LEU A 11 -11.00 13.64 -34.19
C LEU A 11 -12.23 12.92 -34.72
N GLU A 12 -12.10 11.62 -35.01
CA GLU A 12 -13.26 10.84 -35.44
C GLU A 12 -14.28 10.67 -34.32
N MET A 13 -13.83 10.69 -33.07
CA MET A 13 -14.73 10.53 -31.94
C MET A 13 -15.58 11.77 -31.67
N GLU A 14 -15.20 12.92 -32.21
CA GLU A 14 -16.01 14.12 -32.04
C GLU A 14 -17.30 14.05 -32.85
N SER A 15 -17.28 13.34 -33.98
CA SER A 15 -18.46 13.21 -34.82
C SER A 15 -19.53 12.32 -34.20
N LEU A 16 -19.14 11.46 -33.26
CA LEU A 16 -20.09 10.53 -32.65
C LEU A 16 -20.98 11.26 -31.64
N VAL A 17 -22.28 11.10 -31.79
CA VAL A 17 -23.26 11.70 -30.90
C VAL A 17 -23.84 10.61 -30.01
N ALA A 18 -23.93 10.89 -28.72
CA ALA A 18 -24.45 9.92 -27.76
C ALA A 18 -25.95 10.09 -27.58
N ASP A 19 -26.61 8.97 -27.27
CA ASP A 19 -28.04 8.99 -26.97
C ASP A 19 -28.22 9.04 -25.47
N PRO A 20 -28.58 10.21 -24.91
CA PRO A 20 -28.69 10.36 -23.46
C PRO A 20 -30.01 9.86 -22.90
N SER A 21 -30.41 8.65 -23.33
CA SER A 21 -31.66 8.07 -22.86
C SER A 21 -31.65 7.87 -21.35
N GLU A 22 -30.52 7.46 -20.80
CA GLU A 22 -30.33 7.36 -19.37
C GLU A 22 -29.73 8.67 -18.85
N GLU A 23 -30.43 9.30 -17.90
CA GLU A 23 -30.00 10.57 -17.35
C GLU A 23 -29.65 10.39 -15.87
N PHE A 24 -28.53 10.97 -15.46
CA PHE A 24 -28.06 10.92 -14.09
C PHE A 24 -27.93 12.33 -13.54
N GLN A 25 -28.36 12.52 -12.29
CA GLN A 25 -28.44 13.86 -11.69
C GLN A 25 -27.11 14.21 -11.02
N PHE A 26 -26.12 14.53 -11.87
CA PHE A 26 -24.85 15.04 -11.36
C PHE A 26 -25.05 16.41 -10.69
N LEU A 27 -25.81 17.28 -11.33
CA LEU A 27 -26.09 18.62 -10.83
C LEU A 27 -27.59 18.75 -10.62
N ARG A 28 -27.99 19.09 -9.39
CA ARG A 28 -29.40 19.28 -9.06
C ARG A 28 -29.54 20.41 -8.04
N VAL A 29 -30.71 21.04 -8.04
CA VAL A 29 -30.94 22.16 -7.13
C VAL A 29 -31.01 21.66 -5.69
N GLY A 30 -31.87 20.69 -5.42
CA GLY A 30 -31.98 20.11 -4.11
C GLY A 30 -32.85 20.92 -3.17
N PRO A 31 -33.20 20.35 -2.03
CA PRO A 31 -34.07 21.04 -1.08
C PRO A 31 -33.32 22.11 -0.30
N ASP A 32 -34.09 23.10 0.16
CA ASP A 32 -33.58 24.20 0.98
C ASP A 32 -32.40 24.88 0.29
N SER A 33 -32.53 25.10 -1.02
CA SER A 33 -31.45 25.69 -1.80
C SER A 33 -31.33 27.18 -1.49
N ASN A 34 -30.11 27.63 -1.23
CA ASN A 34 -29.86 29.06 -1.05
C ASN A 34 -30.03 29.85 -2.34
N VAL A 35 -30.23 29.18 -3.46
CA VAL A 35 -30.61 29.88 -4.69
C VAL A 35 -31.98 30.50 -4.49
N PRO A 36 -32.16 31.80 -4.79
CA PRO A 36 -33.48 32.42 -4.65
C PRO A 36 -34.52 31.67 -5.45
N PRO A 37 -35.73 31.49 -4.90
CA PRO A 37 -36.76 30.75 -5.63
C PRO A 37 -37.11 31.35 -6.97
N LYS A 38 -36.97 32.68 -7.11
CA LYS A 38 -37.26 33.33 -8.39
C LYS A 38 -36.36 32.79 -9.50
N PHE A 39 -35.09 32.51 -9.18
CA PHE A 39 -34.14 32.00 -10.15
C PHE A 39 -33.91 30.49 -10.00
N ARG A 40 -34.77 29.79 -9.27
CA ARG A 40 -34.53 28.38 -9.01
C ARG A 40 -34.80 27.51 -10.24
N ALA A 41 -35.84 27.84 -10.99
CA ALA A 41 -36.16 27.09 -12.21
C ALA A 41 -35.08 27.28 -13.27
N PRO A 42 -34.57 28.50 -13.50
CA PRO A 42 -33.45 28.63 -14.45
C PRO A 42 -32.21 27.84 -14.06
N VAL A 43 -31.83 27.87 -12.77
CA VAL A 43 -30.66 27.13 -12.33
C VAL A 43 -30.87 25.63 -12.54
N SER A 44 -32.08 25.14 -12.26
CA SER A 44 -32.38 23.73 -12.50
C SER A 44 -32.26 23.38 -13.96
N SER A 45 -32.74 24.25 -14.85
CA SER A 45 -32.60 24.02 -16.28
C SER A 45 -31.14 23.94 -16.67
N LEU A 46 -30.32 24.87 -16.17
CA LEU A 46 -28.90 24.85 -16.48
C LEU A 46 -28.21 23.62 -15.91
N CYS A 47 -28.67 23.12 -14.76
CA CYS A 47 -28.09 21.90 -14.20
C CYS A 47 -28.42 20.69 -15.07
N GLN A 48 -29.65 20.62 -15.58
CA GLN A 48 -30.03 19.51 -16.45
C GLN A 48 -29.26 19.55 -17.77
N ILE A 49 -28.92 20.75 -18.25
CA ILE A 49 -28.08 20.86 -19.44
C ILE A 49 -26.66 20.38 -19.14
N GLY A 50 -26.13 20.76 -17.98
CA GLY A 50 -24.83 20.26 -17.58
C GLY A 50 -24.80 18.74 -17.45
N ASN A 51 -25.86 18.17 -16.86
CA ASN A 51 -25.93 16.73 -16.70
C ASN A 51 -25.95 16.01 -18.05
N LYS A 52 -26.65 16.57 -19.03
CA LYS A 52 -26.63 15.99 -20.37
C LYS A 52 -25.23 16.00 -20.95
N GLN A 53 -24.51 17.12 -20.80
CA GLN A 53 -23.17 17.21 -21.34
C GLN A 53 -22.17 16.40 -20.54
N ILE A 54 -22.44 16.19 -19.24
CA ILE A 54 -21.62 15.26 -18.46
C ILE A 54 -21.83 13.83 -18.95
N ALA A 55 -23.07 13.49 -19.30
CA ALA A 55 -23.36 12.15 -19.79
C ALA A 55 -22.68 11.90 -21.14
N ALA A 56 -22.73 12.87 -22.05
CA ALA A 56 -22.03 12.72 -23.32
C ALA A 56 -20.53 12.69 -23.13
N LEU A 57 -20.04 13.28 -22.04
CA LEU A 57 -18.62 13.28 -21.75
C LEU A 57 -18.13 11.90 -21.34
N VAL A 58 -18.96 11.18 -20.57
CA VAL A 58 -18.60 9.83 -20.15
C VAL A 58 -18.58 8.89 -21.36
N VAL A 59 -19.56 9.01 -22.25
CA VAL A 59 -19.59 8.18 -23.45
C VAL A 59 -18.38 8.43 -24.32
N TRP A 60 -17.91 9.69 -24.37
CA TRP A 60 -16.71 10.01 -25.12
C TRP A 60 -15.47 9.40 -24.49
N ALA A 61 -15.33 9.53 -23.17
CA ALA A 61 -14.17 8.98 -22.48
C ALA A 61 -14.11 7.47 -22.60
N ARG A 62 -15.27 6.80 -22.65
CA ARG A 62 -15.31 5.35 -22.70
C ARG A 62 -14.70 4.81 -23.98
N ASP A 63 -14.93 5.48 -25.11
CA ASP A 63 -14.44 5.03 -26.40
C ASP A 63 -13.04 5.55 -26.72
N ILE A 64 -12.40 6.26 -25.81
CA ILE A 64 -11.00 6.64 -26.05
C ILE A 64 -10.14 5.38 -26.11
N PRO A 65 -9.24 5.25 -27.08
CA PRO A 65 -8.44 4.03 -27.19
C PRO A 65 -7.69 3.73 -25.90
N HIS A 66 -7.74 2.45 -25.51
CA HIS A 66 -7.09 1.90 -24.32
C HIS A 66 -7.65 2.42 -23.02
N PHE A 67 -8.74 3.19 -23.06
CA PHE A 67 -9.38 3.64 -21.81
C PHE A 67 -10.19 2.53 -21.17
N SER A 68 -10.83 1.69 -21.99
CA SER A 68 -11.62 0.58 -21.44
C SER A 68 -10.74 -0.48 -20.81
N GLN A 69 -9.50 -0.62 -21.29
CA GLN A 69 -8.58 -1.59 -20.72
C GLN A 69 -8.08 -1.18 -19.33
N LEU A 70 -8.34 0.06 -18.91
CA LEU A 70 -8.01 0.46 -17.56
C LEU A 70 -8.97 -0.20 -16.57
N GLU A 71 -8.55 -0.23 -15.31
CA GLU A 71 -9.42 -0.75 -14.26
C GLU A 71 -10.65 0.12 -14.12
N MET A 72 -11.79 -0.53 -13.86
CA MET A 72 -13.04 0.22 -13.75
C MET A 72 -12.99 1.23 -12.60
N GLU A 73 -12.25 0.91 -11.54
CA GLU A 73 -12.04 1.88 -10.47
C GLU A 73 -11.34 3.13 -10.99
N ASP A 74 -10.34 2.95 -11.84
CA ASP A 74 -9.59 4.09 -12.36
C ASP A 74 -10.39 4.87 -13.40
N GLN A 75 -11.22 4.18 -14.19
CA GLN A 75 -12.05 4.89 -15.16
C GLN A 75 -13.05 5.82 -14.47
N ILE A 76 -13.57 5.39 -13.31
CA ILE A 76 -14.47 6.25 -12.55
C ILE A 76 -13.73 7.46 -12.00
N LEU A 77 -12.50 7.24 -11.51
CA LEU A 77 -11.75 8.34 -10.89
C LEU A 77 -11.27 9.36 -11.91
N LEU A 78 -10.95 8.93 -13.13
CA LEU A 78 -10.51 9.88 -14.14
C LEU A 78 -11.65 10.77 -14.61
N ILE A 79 -12.84 10.17 -14.83
CA ILE A 79 -13.99 10.97 -15.23
C ILE A 79 -14.48 11.82 -14.07
N LYS A 80 -14.35 11.32 -12.83
CA LYS A 80 -14.82 12.08 -11.68
C LYS A 80 -14.00 13.35 -11.46
N GLY A 81 -12.71 13.31 -11.78
CA GLY A 81 -11.84 14.45 -11.61
C GLY A 81 -11.57 15.26 -12.86
N SER A 82 -12.35 15.07 -13.92
CA SER A 82 -12.14 15.79 -15.17
C SER A 82 -13.40 16.38 -15.78
N TRP A 83 -14.60 15.99 -15.30
CA TRP A 83 -15.81 16.39 -15.99
C TRP A 83 -16.03 17.90 -15.92
N ASN A 84 -15.68 18.53 -14.80
CA ASN A 84 -15.86 19.97 -14.69
C ASN A 84 -14.90 20.73 -15.59
N GLU A 85 -13.63 20.32 -15.61
CA GLU A 85 -12.65 21.00 -16.46
C GLU A 85 -12.94 20.76 -17.94
N LEU A 86 -13.35 19.54 -18.30
CA LEU A 86 -13.69 19.26 -19.69
C LEU A 86 -14.96 20.00 -20.11
N LEU A 87 -15.87 20.26 -19.19
CA LEU A 87 -17.06 21.04 -19.52
C LEU A 87 -16.67 22.49 -19.82
N LEU A 88 -15.90 23.11 -18.93
CA LEU A 88 -15.46 24.48 -19.16
C LEU A 88 -14.59 24.60 -20.39
N PHE A 89 -13.79 23.56 -20.68
CA PHE A 89 -12.95 23.60 -21.88
C PHE A 89 -13.81 23.51 -23.14
N ALA A 90 -14.89 22.74 -23.10
CA ALA A 90 -15.81 22.69 -24.23
C ALA A 90 -16.59 23.99 -24.36
N ILE A 91 -16.97 24.60 -23.23
CA ILE A 91 -17.67 25.87 -23.27
C ILE A 91 -16.80 26.95 -23.89
N ALA A 92 -15.52 26.99 -23.52
CA ALA A 92 -14.62 27.98 -24.09
C ALA A 92 -14.38 27.74 -25.57
N TRP A 93 -14.30 26.47 -25.98
CA TRP A 93 -14.11 26.15 -27.39
C TRP A 93 -15.30 26.61 -28.22
N ARG A 94 -16.52 26.39 -27.72
CA ARG A 94 -17.71 26.85 -28.43
C ARG A 94 -17.85 28.35 -28.37
N SER A 95 -17.35 28.99 -27.31
CA SER A 95 -17.51 30.43 -27.13
C SER A 95 -16.57 31.24 -28.00
N MET A 96 -15.63 30.60 -28.71
CA MET A 96 -14.73 31.35 -29.57
C MET A 96 -15.45 32.00 -30.75
N GLU A 97 -16.57 31.40 -31.18
CA GLU A 97 -17.29 31.96 -32.32
C GLU A 97 -18.04 33.24 -31.96
N PHE A 98 -18.40 33.40 -30.69
CA PHE A 98 -19.18 34.56 -30.24
C PHE A 98 -18.29 35.70 -29.74
N LEU A 99 -17.02 35.72 -30.11
CA LEU A 99 -16.13 36.78 -29.66
C LEU A 99 -16.42 38.08 -30.39
N THR A 100 -16.14 39.20 -29.72
CA THR A 100 -16.48 40.52 -30.22
C THR A 100 -15.80 40.83 -31.56
N GLU A 101 -14.51 41.11 -31.52
CA GLU A 101 -13.77 41.48 -32.73
C GLU A 101 -12.34 40.96 -32.60
N GLU A 102 -11.50 41.31 -33.56
CA GLU A 102 -10.12 40.87 -33.58
C GLU A 102 -9.17 42.05 -33.83
N THR A 114 -13.08 49.26 -26.52
CA THR A 114 -12.57 48.28 -25.56
C THR A 114 -13.67 47.81 -24.62
N SER A 115 -14.40 46.76 -25.03
CA SER A 115 -15.48 46.22 -24.22
C SER A 115 -15.26 44.73 -24.01
N PRO A 116 -15.52 44.22 -22.80
CA PRO A 116 -15.29 42.80 -22.54
C PRO A 116 -16.28 41.94 -23.29
N PRO A 117 -15.94 40.68 -23.56
CA PRO A 117 -16.89 39.79 -24.23
C PRO A 117 -18.14 39.58 -23.38
N GLN A 118 -19.27 39.37 -24.07
CA GLN A 118 -20.57 39.36 -23.42
C GLN A 118 -21.33 38.06 -23.56
N LEU A 119 -20.93 37.16 -24.47
CA LEU A 119 -21.67 35.93 -24.71
C LEU A 119 -20.79 34.71 -24.45
N MET A 120 -21.39 33.68 -23.88
CA MET A 120 -20.70 32.43 -23.57
C MET A 120 -21.60 31.27 -23.97
N CYS A 121 -21.04 30.34 -24.74
CA CYS A 121 -21.83 29.25 -25.33
C CYS A 121 -21.89 28.08 -24.35
N LEU A 122 -22.97 28.03 -23.57
CA LEU A 122 -23.21 26.88 -22.70
C LEU A 122 -23.43 25.62 -23.53
N MET A 123 -24.15 25.75 -24.64
CA MET A 123 -24.43 24.63 -25.52
CA MET A 123 -24.43 24.63 -25.52
C MET A 123 -24.81 25.19 -26.89
N PRO A 124 -24.78 24.37 -27.95
CA PRO A 124 -25.13 24.89 -29.29
C PRO A 124 -26.39 25.74 -29.32
N GLY A 125 -27.41 25.39 -28.55
CA GLY A 125 -28.59 26.22 -28.45
C GLY A 125 -28.57 27.23 -27.32
N MET A 126 -27.42 27.47 -26.70
CA MET A 126 -27.35 28.30 -25.51
C MET A 126 -26.27 29.37 -25.63
N THR A 127 -26.59 30.56 -25.15
CA THR A 127 -25.60 31.61 -24.90
C THR A 127 -25.97 32.25 -23.57
N LEU A 128 -25.04 32.24 -22.62
CA LEU A 128 -25.25 32.91 -21.34
C LEU A 128 -24.66 34.30 -21.42
N HIS A 129 -25.48 35.31 -21.12
CA HIS A 129 -25.04 36.69 -21.24
C HIS A 129 -24.28 37.13 -19.99
N ARG A 130 -23.35 38.08 -20.19
CA ARG A 130 -22.47 38.50 -19.10
C ARG A 130 -23.26 39.13 -17.95
N ASN A 131 -24.30 39.90 -18.27
CA ASN A 131 -25.10 40.54 -17.23
C ASN A 131 -25.81 39.52 -16.36
N SER A 132 -26.22 38.38 -16.94
CA SER A 132 -26.85 37.34 -16.13
C SER A 132 -25.84 36.72 -15.17
N ALA A 133 -24.58 36.61 -15.58
CA ALA A 133 -23.55 36.09 -14.69
C ALA A 133 -23.22 37.08 -13.59
N LEU A 134 -23.25 38.38 -13.90
CA LEU A 134 -23.01 39.40 -12.88
C LEU A 134 -24.11 39.37 -11.82
N GLN A 135 -25.35 39.16 -12.23
CA GLN A 135 -26.44 39.07 -11.27
C GLN A 135 -26.30 37.84 -10.37
N ALA A 136 -25.83 36.73 -10.94
CA ALA A 136 -25.58 35.53 -10.16
C ALA A 136 -24.28 35.60 -9.36
N GLY A 137 -23.50 36.67 -9.52
CA GLY A 137 -22.25 36.80 -8.80
C GLY A 137 -21.11 35.99 -9.36
N VAL A 138 -21.23 35.48 -10.59
CA VAL A 138 -20.20 34.66 -11.19
C VAL A 138 -19.62 35.37 -12.41
N GLY A 139 -19.63 36.71 -12.37
CA GLY A 139 -19.08 37.47 -13.48
C GLY A 139 -17.57 37.35 -13.58
N GLN A 140 -16.89 37.11 -12.46
CA GLN A 140 -15.43 36.98 -12.50
C GLN A 140 -15.02 35.68 -13.18
N ILE A 141 -15.70 34.57 -12.85
CA ILE A 141 -15.46 33.31 -13.56
C ILE A 141 -15.87 33.46 -15.02
N PHE A 142 -16.96 34.18 -15.27
CA PHE A 142 -17.46 34.36 -16.63
C PHE A 142 -16.40 34.99 -17.53
N ASP A 143 -15.74 36.05 -17.03
CA ASP A 143 -14.74 36.74 -17.85
C ASP A 143 -13.46 35.93 -18.01
N ARG A 144 -13.06 35.19 -16.98
CA ARG A 144 -11.85 34.39 -17.07
C ARG A 144 -12.00 33.29 -18.12
N VAL A 145 -13.19 32.71 -18.23
CA VAL A 145 -13.43 31.68 -19.25
C VAL A 145 -13.23 32.26 -20.65
N LEU A 146 -13.75 33.48 -20.88
CA LEU A 146 -13.69 34.07 -22.20
C LEU A 146 -12.33 34.68 -22.53
N SER A 147 -11.55 35.07 -21.52
CA SER A 147 -10.26 35.69 -21.73
C SER A 147 -9.11 34.68 -21.66
N GLU A 148 -8.99 33.98 -20.52
CA GLU A 148 -7.87 33.06 -20.34
C GLU A 148 -7.98 31.83 -21.24
N LEU A 149 -9.19 31.46 -21.66
CA LEU A 149 -9.39 30.26 -22.46
C LEU A 149 -9.90 30.57 -23.86
N SER A 150 -11.08 31.19 -23.99
CA SER A 150 -11.67 31.42 -25.30
C SER A 150 -10.81 32.36 -26.14
N LEU A 151 -10.50 33.55 -25.61
CA LEU A 151 -9.76 34.53 -26.38
C LEU A 151 -8.31 34.10 -26.59
N LYS A 152 -7.72 33.41 -25.62
CA LYS A 152 -6.32 33.00 -25.75
C LYS A 152 -6.17 31.92 -26.83
N MET A 153 -7.12 31.00 -26.91
CA MET A 153 -7.05 29.98 -27.95
C MET A 153 -7.33 30.56 -29.33
N ARG A 154 -8.12 31.62 -29.41
CA ARG A 154 -8.28 32.33 -30.68
C ARG A 154 -6.98 33.01 -31.08
N THR A 155 -6.28 33.62 -30.12
CA THR A 155 -4.97 34.19 -30.40
C THR A 155 -3.96 33.10 -30.77
N LEU A 156 -3.97 31.99 -30.03
CA LEU A 156 -3.08 30.87 -30.34
C LEU A 156 -3.48 30.13 -31.61
N ARG A 157 -4.65 30.44 -32.19
CA ARG A 157 -5.12 29.81 -33.42
C ARG A 157 -5.21 28.29 -33.26
N VAL A 158 -5.84 27.86 -32.17
CA VAL A 158 -5.96 26.44 -31.87
C VAL A 158 -6.97 25.79 -32.80
N ASP A 159 -6.55 24.71 -33.46
CA ASP A 159 -7.45 23.95 -34.32
C ASP A 159 -8.07 22.81 -33.52
N GLN A 160 -8.94 22.04 -34.19
CA GLN A 160 -9.65 20.97 -33.50
C GLN A 160 -8.72 19.83 -33.13
N ALA A 161 -7.66 19.61 -33.91
CA ALA A 161 -6.71 18.55 -33.58
C ALA A 161 -6.03 18.81 -32.24
N GLU A 162 -5.54 20.03 -32.04
CA GLU A 162 -4.93 20.39 -30.76
C GLU A 162 -5.96 20.43 -29.64
N TYR A 163 -7.20 20.78 -29.96
CA TYR A 163 -8.24 20.87 -28.94
C TYR A 163 -8.61 19.49 -28.40
N VAL A 164 -8.80 18.52 -29.30
CA VAL A 164 -9.19 17.18 -28.85
C VAL A 164 -8.00 16.46 -28.21
N ALA A 165 -6.78 16.84 -28.55
CA ALA A 165 -5.62 16.27 -27.88
C ALA A 165 -5.50 16.79 -26.45
N LEU A 166 -5.77 18.08 -26.24
CA LEU A 166 -5.76 18.63 -24.89
C LEU A 166 -6.86 18.03 -24.03
N LYS A 167 -8.01 17.69 -24.64
CA LYS A 167 -9.07 17.03 -23.89
C LYS A 167 -8.60 15.70 -23.32
N ALA A 168 -7.88 14.91 -24.13
CA ALA A 168 -7.38 13.62 -23.65
C ALA A 168 -6.36 13.81 -22.54
N ILE A 169 -5.49 14.81 -22.66
CA ILE A 169 -4.48 15.05 -21.64
C ILE A 169 -5.15 15.48 -20.33
N ILE A 170 -6.24 16.23 -20.41
CA ILE A 170 -6.97 16.62 -19.20
C ILE A 170 -7.56 15.39 -18.51
N LEU A 171 -8.14 14.48 -19.28
CA LEU A 171 -8.78 13.31 -18.70
C LEU A 171 -7.74 12.34 -18.14
N LEU A 172 -6.72 12.01 -18.93
CA LEU A 172 -5.74 11.00 -18.55
C LEU A 172 -4.72 11.61 -17.58
N ASN A 173 -5.21 11.89 -16.37
CA ASN A 173 -4.38 12.52 -15.34
C ASN A 173 -3.85 11.45 -14.40
N PRO A 174 -2.55 11.15 -14.41
CA PRO A 174 -2.03 10.13 -13.49
C PRO A 174 -1.96 10.60 -12.05
N ASP A 175 -2.04 11.91 -11.79
CA ASP A 175 -1.97 12.44 -10.45
C ASP A 175 -3.31 12.41 -9.72
N VAL A 176 -4.33 11.77 -10.30
CA VAL A 176 -5.61 11.63 -9.63
C VAL A 176 -5.43 10.78 -8.39
N LYS A 177 -5.97 11.26 -7.26
CA LYS A 177 -5.78 10.59 -5.98
C LYS A 177 -6.67 9.36 -5.89
N GLY A 178 -6.08 8.25 -5.43
CA GLY A 178 -6.81 7.02 -5.23
C GLY A 178 -6.76 6.03 -6.37
N LEU A 179 -5.96 6.28 -7.41
CA LEU A 179 -5.88 5.38 -8.55
C LEU A 179 -5.28 4.03 -8.14
N LYS A 180 -5.73 2.98 -8.81
CA LYS A 180 -5.19 1.64 -8.57
C LYS A 180 -3.91 1.41 -9.38
N ASN A 181 -3.94 1.73 -10.67
CA ASN A 181 -2.80 1.55 -11.56
C ASN A 181 -2.43 2.90 -12.13
N ARG A 182 -1.59 3.64 -11.40
CA ARG A 182 -1.18 4.97 -11.84
C ARG A 182 -0.39 4.91 -13.14
N GLN A 183 0.55 3.96 -13.23
CA GLN A 183 1.43 3.90 -14.39
C GLN A 183 0.67 3.52 -15.67
N GLU A 184 -0.48 2.85 -15.56
CA GLU A 184 -1.29 2.60 -16.75
C GLU A 184 -1.88 3.89 -17.29
N VAL A 185 -2.19 4.85 -16.41
CA VAL A 185 -2.66 6.15 -16.87
C VAL A 185 -1.51 6.98 -17.43
N GLU A 186 -0.29 6.79 -16.90
CA GLU A 186 0.86 7.56 -17.38
C GLU A 186 1.13 7.28 -18.85
N VAL A 187 1.15 5.99 -19.23
CA VAL A 187 1.48 5.62 -20.61
C VAL A 187 0.54 6.28 -21.60
N LEU A 188 -0.73 6.46 -21.22
CA LEU A 188 -1.69 7.08 -22.13
C LEU A 188 -1.44 8.58 -22.24
N ARG A 189 -1.23 9.25 -21.11
CA ARG A 189 -0.93 10.68 -21.16
C ARG A 189 0.42 10.94 -21.82
N GLU A 190 1.42 10.10 -21.53
CA GLU A 190 2.71 10.24 -22.18
C GLU A 190 2.60 10.04 -23.69
N LYS A 191 1.68 9.17 -24.13
CA LYS A 191 1.46 9.01 -25.56
C LYS A 191 0.79 10.24 -26.17
N MET A 192 -0.10 10.90 -25.41
CA MET A 192 -0.73 12.11 -25.91
C MET A 192 0.25 13.27 -25.99
N PHE A 193 1.22 13.33 -25.08
CA PHE A 193 2.26 14.34 -25.19
C PHE A 193 3.08 14.16 -26.45
N LEU A 194 3.34 12.91 -26.85
CA LEU A 194 4.06 12.65 -28.09
C LEU A 194 3.22 13.03 -29.31
N CYS A 195 1.92 12.71 -29.28
CA CYS A 195 1.06 13.06 -30.40
C CYS A 195 0.92 14.56 -30.54
N LEU A 196 0.89 15.28 -29.42
CA LEU A 196 0.72 16.73 -29.48
C LEU A 196 1.98 17.42 -29.98
N ASP A 197 3.15 16.97 -29.53
CA ASP A 197 4.40 17.57 -29.99
C ASP A 197 4.62 17.32 -31.48
N GLU A 198 4.25 16.14 -31.96
CA GLU A 198 4.42 15.83 -33.38
C GLU A 198 3.51 16.70 -34.25
N TYR A 199 2.27 16.94 -33.80
CA TYR A 199 1.37 17.78 -34.58
C TYR A 199 1.83 19.22 -34.61
N CYS A 200 2.35 19.73 -33.50
CA CYS A 200 2.83 21.11 -33.46
C CYS A 200 4.07 21.29 -34.31
N ARG A 201 4.91 20.26 -34.45
CA ARG A 201 6.16 20.41 -35.17
C ARG A 201 5.97 20.30 -36.68
N ARG A 202 5.00 19.51 -37.15
CA ARG A 202 4.79 19.35 -38.58
C ARG A 202 3.86 20.41 -39.17
N SER A 203 2.88 20.89 -38.38
CA SER A 203 1.95 21.89 -38.89
C SER A 203 2.55 23.28 -38.84
N ARG A 204 2.90 23.75 -37.65
CA ARG A 204 3.44 25.10 -37.45
C ARG A 204 4.90 24.95 -37.02
N SER A 205 5.77 24.73 -38.01
CA SER A 205 7.18 24.48 -37.72
C SER A 205 7.87 25.70 -37.15
N SER A 206 7.44 26.91 -37.52
CA SER A 206 8.09 28.11 -37.04
C SER A 206 7.83 28.32 -35.55
N GLU A 207 6.62 28.00 -35.09
CA GLU A 207 6.28 28.17 -33.68
C GLU A 207 6.87 27.03 -32.88
N GLU A 208 7.92 27.32 -32.10
CA GLU A 208 8.58 26.30 -31.30
C GLU A 208 8.16 26.31 -29.84
N GLY A 209 7.51 27.37 -29.38
CA GLY A 209 6.92 27.43 -28.05
C GLY A 209 5.44 27.10 -28.02
N ARG A 210 4.89 26.56 -29.09
CA ARG A 210 3.45 26.28 -29.14
C ARG A 210 3.09 25.10 -28.25
N PHE A 211 3.96 24.09 -28.20
CA PHE A 211 3.69 22.92 -27.35
C PHE A 211 3.50 23.34 -25.90
N ALA A 212 4.32 24.28 -25.41
CA ALA A 212 4.11 24.80 -24.07
C ALA A 212 2.92 25.75 -24.02
N ALA A 213 2.71 26.53 -25.08
CA ALA A 213 1.62 27.51 -25.09
C ALA A 213 0.26 26.82 -24.97
N LEU A 214 0.08 25.69 -25.65
CA LEU A 214 -1.17 24.95 -25.54
C LEU A 214 -1.32 24.37 -24.13
N LEU A 215 -0.26 23.77 -23.60
CA LEU A 215 -0.32 23.16 -22.27
C LEU A 215 -0.45 24.19 -21.17
N LEU A 216 -0.03 25.43 -21.40
CA LEU A 216 -0.17 26.47 -20.39
C LEU A 216 -1.62 26.87 -20.15
N ARG A 217 -2.54 26.43 -21.00
CA ARG A 217 -3.96 26.70 -20.79
C ARG A 217 -4.57 25.76 -19.76
N LEU A 218 -3.95 24.61 -19.50
CA LEU A 218 -4.47 23.65 -18.55
C LEU A 218 -4.41 24.16 -17.12
N PRO A 219 -3.29 24.77 -16.67
CA PRO A 219 -3.31 25.38 -15.33
C PRO A 219 -4.33 26.49 -15.20
N ALA A 220 -4.57 27.26 -16.27
CA ALA A 220 -5.61 28.28 -16.23
C ALA A 220 -6.99 27.65 -16.15
N LEU A 221 -7.21 26.55 -16.89
CA LEU A 221 -8.48 25.84 -16.81
C LEU A 221 -8.71 25.25 -15.42
N ARG A 222 -7.64 24.83 -14.75
CA ARG A 222 -7.79 24.26 -13.41
C ARG A 222 -8.25 25.31 -12.41
N SER A 223 -7.62 26.49 -12.44
CA SER A 223 -7.99 27.55 -11.50
C SER A 223 -9.44 27.99 -11.71
N ILE A 224 -9.90 27.99 -12.97
CA ILE A 224 -11.29 28.33 -13.24
C ILE A 224 -12.22 27.22 -12.80
N SER A 225 -11.81 25.97 -13.00
CA SER A 225 -12.66 24.84 -12.62
C SER A 225 -12.84 24.76 -11.11
N LEU A 226 -11.76 24.95 -10.36
CA LEU A 226 -11.86 24.93 -8.90
C LEU A 226 -12.72 26.06 -8.38
N LYS A 227 -12.68 27.23 -9.03
CA LYS A 227 -13.52 28.34 -8.60
C LYS A 227 -14.99 28.08 -8.89
N SER A 228 -15.28 27.32 -9.95
CA SER A 228 -16.66 26.95 -10.24
C SER A 228 -17.23 26.04 -9.17
N PHE A 229 -16.40 25.10 -8.66
CA PHE A 229 -16.86 24.23 -7.59
C PHE A 229 -17.22 25.01 -6.34
N GLU A 230 -16.50 26.10 -6.05
CA GLU A 230 -16.80 26.89 -4.86
C GLU A 230 -18.19 27.51 -4.95
N HIS A 231 -18.58 27.99 -6.13
CA HIS A 231 -19.95 28.47 -6.30
C HIS A 231 -20.93 27.32 -6.35
N LEU A 232 -20.56 26.21 -7.02
CA LEU A 232 -21.46 25.06 -7.11
C LEU A 232 -21.76 24.49 -5.73
N PHE A 233 -20.73 24.34 -4.89
CA PHE A 233 -20.96 23.80 -3.55
C PHE A 233 -21.64 24.82 -2.64
N PHE A 234 -21.40 26.12 -2.86
CA PHE A 234 -22.04 27.13 -2.03
C PHE A 234 -23.55 27.14 -2.23
N PHE A 235 -24.02 26.81 -3.43
CA PHE A 235 -25.44 26.73 -3.72
C PHE A 235 -25.97 25.30 -3.65
N HIS A 236 -25.14 24.35 -3.20
CA HIS A 236 -25.54 22.96 -3.02
C HIS A 236 -26.11 22.38 -4.31
N LEU A 237 -25.38 22.58 -5.40
CA LEU A 237 -25.82 22.13 -6.72
C LEU A 237 -25.17 20.83 -7.16
N VAL A 238 -24.23 20.29 -6.39
CA VAL A 238 -23.50 19.09 -6.77
C VAL A 238 -23.85 17.97 -5.80
N ALA A 239 -24.02 16.76 -6.34
CA ALA A 239 -24.27 15.55 -5.56
C ALA A 239 -23.01 14.70 -5.65
N ASP A 240 -21.98 15.12 -4.92
CA ASP A 240 -20.68 14.45 -4.98
C ASP A 240 -20.74 13.02 -4.46
N THR A 241 -21.70 12.73 -3.56
CA THR A 241 -21.82 11.39 -3.01
C THR A 241 -22.31 10.38 -4.04
N SER A 242 -22.98 10.84 -5.10
CA SER A 242 -23.57 9.95 -6.09
C SER A 242 -22.89 10.05 -7.46
N ILE A 243 -21.93 10.96 -7.63
CA ILE A 243 -21.30 11.14 -8.94
C ILE A 243 -20.49 9.91 -9.32
N ALA A 244 -19.78 9.32 -8.36
CA ALA A 244 -18.96 8.15 -8.67
C ALA A 244 -19.82 6.99 -9.13
N GLY A 245 -21.00 6.83 -8.54
CA GLY A 245 -21.90 5.76 -8.97
C GLY A 245 -22.54 6.02 -10.31
N TYR A 246 -22.85 7.29 -10.61
CA TYR A 246 -23.44 7.62 -11.91
C TYR A 246 -22.49 7.28 -13.06
N ILE A 247 -21.20 7.56 -12.87
CA ILE A 247 -20.23 7.26 -13.92
C ILE A 247 -20.11 5.76 -14.13
N ARG A 248 -20.15 4.99 -13.05
CA ARG A 248 -20.11 3.53 -13.16
C ARG A 248 -21.29 3.02 -13.99
N ASP A 249 -22.50 3.46 -13.65
CA ASP A 249 -23.67 3.01 -14.38
C ASP A 249 -23.70 3.56 -15.80
N ALA A 250 -23.13 4.74 -16.02
CA ALA A 250 -23.09 5.31 -17.36
C ALA A 250 -22.10 4.58 -18.24
N LEU A 251 -20.98 4.11 -17.66
CA LEU A 251 -19.99 3.39 -18.44
C LEU A 251 -20.51 2.02 -18.88
N ARG A 252 -21.40 1.41 -18.11
CA ARG A 252 -21.89 0.07 -18.41
C ARG A 252 -23.20 0.08 -19.18
N ASN A 253 -24.15 0.95 -18.81
CA ASN A 253 -25.50 0.87 -19.32
C ASN A 253 -25.79 1.82 -20.49
N HIS A 254 -25.04 2.92 -20.63
CA HIS A 254 -25.32 3.86 -21.70
C HIS A 254 -25.04 3.23 -23.06
N ALA A 255 -25.92 3.54 -24.02
CA ALA A 255 -25.83 2.97 -25.35
C ALA A 255 -24.59 3.48 -26.08
N PRO A 256 -24.09 2.73 -27.06
CA PRO A 256 -22.96 3.20 -27.87
C PRO A 256 -23.33 4.46 -28.64
N PRO A 257 -22.33 5.26 -29.01
CA PRO A 257 -22.64 6.54 -29.67
C PRO A 257 -23.16 6.34 -31.09
N ILE A 258 -24.05 7.25 -31.49
CA ILE A 258 -24.55 7.27 -32.86
C ILE A 258 -23.47 7.88 -33.75
N ASP A 259 -23.42 7.44 -35.00
CA ASP A 259 -22.38 7.85 -35.94
C ASP A 259 -23.01 8.64 -37.08
N THR A 260 -22.29 9.66 -37.54
CA THR A 260 -22.68 10.46 -38.70
C THR A 260 -21.76 10.11 -39.85
N ASN A 261 -22.32 9.59 -40.93
CA ASN A 261 -21.53 9.16 -42.09
C ASN A 261 -21.42 10.27 -43.13
N VAL B 2 21.54 -7.67 -24.39
CA VAL B 2 21.28 -8.20 -23.06
C VAL B 2 22.59 -8.61 -22.39
N GLN B 3 22.96 -7.89 -21.34
CA GLN B 3 24.16 -8.20 -20.57
C GLN B 3 23.79 -9.07 -19.37
N GLU B 4 24.64 -10.03 -19.07
CA GLU B 4 24.40 -10.98 -17.98
C GLU B 4 25.04 -10.49 -16.69
N LEU B 5 24.39 -10.80 -15.57
CA LEU B 5 24.93 -10.52 -14.24
C LEU B 5 25.80 -11.70 -13.84
N SER B 6 27.12 -11.53 -13.98
CA SER B 6 28.07 -12.59 -13.68
C SER B 6 29.26 -12.02 -12.92
N ILE B 7 29.99 -12.91 -12.27
CA ILE B 7 31.23 -12.51 -11.60
C ILE B 7 32.26 -12.06 -12.64
N GLU B 8 32.21 -12.64 -13.84
CA GLU B 8 33.16 -12.25 -14.89
C GLU B 8 32.90 -10.82 -15.38
N ARG B 9 31.62 -10.43 -15.48
CA ARG B 9 31.30 -9.07 -15.92
C ARG B 9 31.68 -8.05 -14.86
N LEU B 10 31.40 -8.36 -13.58
CA LEU B 10 31.74 -7.42 -12.51
C LEU B 10 33.23 -7.19 -12.42
N LEU B 11 34.05 -8.18 -12.79
CA LEU B 11 35.50 -7.99 -12.77
C LEU B 11 35.93 -6.96 -13.81
N GLU B 12 35.35 -7.01 -15.01
CA GLU B 12 35.71 -6.05 -16.04
C GLU B 12 35.14 -4.66 -15.77
N MET B 13 34.06 -4.57 -15.00
CA MET B 13 33.52 -3.27 -14.62
C MET B 13 34.43 -2.52 -13.66
N GLU B 14 35.27 -3.23 -12.90
CA GLU B 14 36.20 -2.56 -12.01
C GLU B 14 37.28 -1.82 -12.77
N SER B 15 37.64 -2.31 -13.97
CA SER B 15 38.62 -1.64 -14.79
C SER B 15 38.09 -0.34 -15.38
N LEU B 16 36.77 -0.19 -15.46
CA LEU B 16 36.19 1.03 -16.02
C LEU B 16 36.34 2.18 -15.04
N VAL B 17 36.77 3.33 -15.56
CA VAL B 17 37.05 4.51 -14.75
C VAL B 17 35.94 5.53 -14.93
N ALA B 18 35.51 6.14 -13.84
CA ALA B 18 34.46 7.13 -13.89
C ALA B 18 35.00 8.47 -14.39
N ASP B 19 34.08 9.29 -14.92
CA ASP B 19 34.44 10.61 -15.42
C ASP B 19 34.69 11.55 -14.25
N PRO B 20 35.90 12.09 -14.08
CA PRO B 20 36.17 12.97 -12.93
C PRO B 20 35.66 14.39 -13.13
N SER B 21 34.75 14.58 -14.09
CA SER B 21 34.22 15.92 -14.35
C SER B 21 33.23 16.34 -13.27
N GLU B 22 32.41 15.41 -12.79
CA GLU B 22 31.38 15.69 -11.81
C GLU B 22 31.72 15.03 -10.48
N GLU B 23 31.67 15.82 -9.40
CA GLU B 23 31.89 15.33 -8.05
C GLU B 23 30.77 15.87 -7.16
N PHE B 24 30.19 15.00 -6.36
CA PHE B 24 29.08 15.36 -5.48
C PHE B 24 29.54 15.32 -4.03
N GLN B 25 29.17 16.36 -3.27
CA GLN B 25 29.68 16.55 -1.91
C GLN B 25 28.76 15.88 -0.91
N PHE B 26 28.84 14.54 -0.88
CA PHE B 26 28.17 13.77 0.17
C PHE B 26 28.71 14.13 1.54
N LEU B 27 30.02 14.37 1.63
CA LEU B 27 30.70 14.65 2.88
C LEU B 27 31.36 16.01 2.81
N ARG B 28 31.10 16.84 3.82
CA ARG B 28 31.70 18.16 3.92
C ARG B 28 31.89 18.51 5.39
N VAL B 29 32.86 19.39 5.65
CA VAL B 29 33.14 19.79 7.02
C VAL B 29 31.96 20.57 7.59
N GLY B 30 31.57 21.64 6.92
CA GLY B 30 30.44 22.44 7.34
C GLY B 30 30.83 23.50 8.35
N PRO B 31 29.90 24.43 8.65
CA PRO B 31 30.21 25.50 9.59
C PRO B 31 29.97 25.11 11.04
N ASP B 32 29.02 24.21 11.28
CA ASP B 32 28.74 23.71 12.62
C ASP B 32 29.58 22.48 12.97
N SER B 33 30.80 22.39 12.46
CA SER B 33 31.62 21.20 12.64
C SER B 33 32.37 21.26 13.96
N ASN B 34 32.41 20.13 14.66
CA ASN B 34 33.15 20.00 15.90
C ASN B 34 34.65 19.80 15.67
N VAL B 35 35.09 19.75 14.42
CA VAL B 35 36.50 19.54 14.11
C VAL B 35 37.30 20.76 14.56
N PRO B 36 38.44 20.57 15.24
CA PRO B 36 39.27 21.73 15.59
C PRO B 36 39.70 22.48 14.34
N PRO B 37 39.92 23.79 14.45
CA PRO B 37 40.21 24.59 13.25
C PRO B 37 41.46 24.16 12.51
N LYS B 38 42.47 23.62 13.19
CA LYS B 38 43.69 23.22 12.52
C LYS B 38 43.54 21.91 11.75
N PHE B 39 42.60 21.05 12.14
CA PHE B 39 42.39 19.77 11.46
C PHE B 39 41.28 19.83 10.42
N ARG B 40 40.71 21.01 10.16
CA ARG B 40 39.62 21.08 9.20
C ARG B 40 40.09 20.92 7.77
N ALA B 41 41.28 21.40 7.45
CA ALA B 41 41.81 21.27 6.10
C ALA B 41 42.11 19.82 5.74
N PRO B 42 42.73 19.03 6.62
CA PRO B 42 42.90 17.60 6.29
C PRO B 42 41.59 16.84 6.19
N VAL B 43 40.66 17.08 7.13
CA VAL B 43 39.37 16.39 7.08
C VAL B 43 38.61 16.79 5.81
N SER B 44 38.71 18.05 5.40
CA SER B 44 38.09 18.48 4.15
C SER B 44 38.66 17.72 2.96
N SER B 45 39.98 17.56 2.92
CA SER B 45 40.59 16.75 1.87
C SER B 45 40.15 15.30 1.99
N LEU B 46 39.98 14.82 3.22
CA LEU B 46 39.48 13.46 3.42
C LEU B 46 38.06 13.31 2.93
N CYS B 47 37.19 14.27 3.26
CA CYS B 47 35.81 14.23 2.79
C CYS B 47 35.74 14.35 1.27
N GLN B 48 36.62 15.15 0.67
CA GLN B 48 36.64 15.25 -0.79
C GLN B 48 37.11 13.95 -1.43
N ILE B 49 37.95 13.19 -0.74
CA ILE B 49 38.41 11.90 -1.28
C ILE B 49 37.32 10.85 -1.15
N GLY B 50 36.55 10.88 -0.06
CA GLY B 50 35.37 10.04 0.02
C GLY B 50 34.34 10.38 -1.04
N ASN B 51 34.14 11.68 -1.30
CA ASN B 51 33.16 12.11 -2.29
C ASN B 51 33.52 11.62 -3.68
N LYS B 52 34.82 11.58 -4.00
CA LYS B 52 35.23 11.03 -5.29
C LYS B 52 34.93 9.54 -5.38
N GLN B 53 35.17 8.81 -4.28
CA GLN B 53 34.94 7.36 -4.30
C GLN B 53 33.45 7.02 -4.35
N ILE B 54 32.60 7.87 -3.76
CA ILE B 54 31.16 7.64 -3.85
C ILE B 54 30.66 7.91 -5.26
N ALA B 55 31.25 8.89 -5.94
CA ALA B 55 30.85 9.17 -7.32
C ALA B 55 31.19 8.00 -8.23
N ALA B 56 32.41 7.45 -8.09
CA ALA B 56 32.77 6.25 -8.83
C ALA B 56 31.95 5.04 -8.40
N LEU B 57 31.38 5.08 -7.19
CA LEU B 57 30.53 4.00 -6.73
C LEU B 57 29.15 4.05 -7.38
N VAL B 58 28.65 5.26 -7.68
CA VAL B 58 27.37 5.38 -8.37
C VAL B 58 27.50 4.96 -9.82
N VAL B 59 28.60 5.36 -10.49
CA VAL B 59 28.83 4.96 -11.87
C VAL B 59 29.01 3.46 -11.96
N TRP B 60 29.61 2.84 -10.94
CA TRP B 60 29.74 1.39 -10.92
C TRP B 60 28.40 0.71 -10.74
N ALA B 61 27.60 1.19 -9.79
CA ALA B 61 26.28 0.59 -9.55
C ALA B 61 25.38 0.74 -10.76
N ARG B 62 25.47 1.87 -11.46
CA ARG B 62 24.60 2.13 -12.60
C ARG B 62 24.88 1.15 -13.75
N ASP B 63 26.14 0.82 -13.96
CA ASP B 63 26.50 -0.09 -15.05
C ASP B 63 26.37 -1.56 -14.69
N ILE B 64 25.92 -1.87 -13.48
CA ILE B 64 25.67 -3.28 -13.14
C ILE B 64 24.54 -3.80 -14.03
N PRO B 65 24.67 -4.99 -14.61
CA PRO B 65 23.63 -5.49 -15.51
C PRO B 65 22.27 -5.56 -14.82
N HIS B 66 21.25 -5.08 -15.52
CA HIS B 66 19.85 -5.02 -15.09
C HIS B 66 19.62 -4.02 -13.96
N PHE B 67 20.64 -3.30 -13.51
CA PHE B 67 20.43 -2.30 -12.47
C PHE B 67 19.76 -1.07 -13.05
N SER B 68 20.13 -0.67 -14.27
CA SER B 68 19.48 0.47 -14.92
C SER B 68 18.03 0.17 -15.24
N GLN B 69 17.69 -1.09 -15.46
CA GLN B 69 16.31 -1.48 -15.74
C GLN B 69 15.42 -1.47 -14.51
N LEU B 70 15.99 -1.23 -13.33
CA LEU B 70 15.20 -1.09 -12.12
C LEU B 70 14.53 0.29 -12.08
N GLU B 71 13.53 0.41 -11.22
CA GLU B 71 12.91 1.70 -10.98
C GLU B 71 13.92 2.65 -10.34
N MET B 72 14.00 3.88 -10.85
CA MET B 72 14.94 4.84 -10.30
C MET B 72 14.64 5.16 -8.84
N GLU B 73 13.38 4.99 -8.43
CA GLU B 73 13.06 5.07 -7.01
C GLU B 73 13.84 4.02 -6.22
N ASP B 74 13.99 2.82 -6.79
CA ASP B 74 14.72 1.76 -6.13
C ASP B 74 16.22 1.90 -6.31
N GLN B 75 16.68 2.42 -7.45
CA GLN B 75 18.11 2.58 -7.67
C GLN B 75 18.73 3.53 -6.66
N ILE B 76 18.04 4.63 -6.36
CA ILE B 76 18.55 5.60 -5.40
C ILE B 76 18.61 4.98 -4.01
N LEU B 77 17.57 4.22 -3.62
CA LEU B 77 17.53 3.66 -2.28
C LEU B 77 18.56 2.57 -2.08
N LEU B 78 18.86 1.80 -3.13
CA LEU B 78 19.91 0.78 -3.00
C LEU B 78 21.28 1.42 -2.83
N ILE B 79 21.57 2.47 -3.59
CA ILE B 79 22.85 3.15 -3.46
C ILE B 79 22.91 3.94 -2.16
N LYS B 80 21.78 4.48 -1.71
CA LYS B 80 21.77 5.28 -0.49
C LYS B 80 22.12 4.43 0.72
N GLY B 81 21.68 3.17 0.75
CA GLY B 81 21.93 2.31 1.89
C GLY B 81 23.09 1.36 1.70
N SER B 82 24.03 1.71 0.81
CA SER B 82 25.18 0.85 0.54
C SER B 82 26.49 1.58 0.33
N TRP B 83 26.48 2.91 0.20
CA TRP B 83 27.72 3.61 -0.14
C TRP B 83 28.75 3.55 0.99
N ASN B 84 28.29 3.58 2.23
CA ASN B 84 29.24 3.56 3.35
C ASN B 84 29.88 2.19 3.51
N GLU B 85 29.09 1.12 3.33
CA GLU B 85 29.64 -0.23 3.45
C GLU B 85 30.58 -0.54 2.31
N LEU B 86 30.16 -0.22 1.07
CA LEU B 86 31.03 -0.46 -0.08
C LEU B 86 32.30 0.38 -0.01
N LEU B 87 32.25 1.54 0.64
CA LEU B 87 33.46 2.32 0.85
C LEU B 87 34.40 1.61 1.81
N LEU B 88 33.88 1.21 2.98
CA LEU B 88 34.70 0.49 3.95
C LEU B 88 35.17 -0.86 3.40
N PHE B 89 34.33 -1.50 2.57
CA PHE B 89 34.73 -2.77 1.98
C PHE B 89 35.88 -2.58 0.99
N ALA B 90 35.83 -1.50 0.21
CA ALA B 90 36.94 -1.20 -0.70
C ALA B 90 38.17 -0.73 0.05
N ILE B 91 37.98 -0.02 1.18
CA ILE B 91 39.11 0.38 2.01
C ILE B 91 39.75 -0.85 2.65
N ALA B 92 38.93 -1.81 3.08
CA ALA B 92 39.46 -3.04 3.65
C ALA B 92 40.17 -3.88 2.59
N TRP B 93 39.69 -3.85 1.35
CA TRP B 93 40.33 -4.62 0.28
C TRP B 93 41.66 -4.01 -0.12
N ARG B 94 41.74 -2.67 -0.15
CA ARG B 94 42.99 -2.01 -0.51
C ARG B 94 44.02 -2.09 0.61
N SER B 95 43.57 -2.23 1.85
CA SER B 95 44.47 -2.26 3.00
C SER B 95 45.09 -3.64 3.24
N MET B 96 44.76 -4.64 2.42
CA MET B 96 45.34 -5.96 2.59
C MET B 96 46.81 -6.01 2.16
N GLU B 97 47.23 -5.10 1.27
CA GLU B 97 48.61 -5.09 0.82
C GLU B 97 49.55 -4.70 1.95
N PHE B 98 49.22 -3.63 2.68
CA PHE B 98 50.03 -3.13 3.78
C PHE B 98 49.83 -3.93 5.06
N LEU B 99 49.23 -5.11 4.97
CA LEU B 99 48.87 -5.92 6.14
C LEU B 99 49.99 -6.85 6.57
N THR B 100 51.24 -6.54 6.23
CA THR B 100 52.36 -7.35 6.69
C THR B 100 52.53 -7.28 8.21
N GLU B 101 51.99 -6.23 8.85
CA GLU B 101 52.07 -6.13 10.30
C GLU B 101 51.19 -7.17 10.98
N GLU B 102 50.12 -7.60 10.31
CA GLU B 102 49.21 -8.63 10.84
C GLU B 102 48.63 -8.24 12.19
N SER B 115 50.24 -7.78 17.55
CA SER B 115 50.73 -6.83 16.56
C SER B 115 49.57 -6.17 15.83
N PRO B 116 49.33 -4.90 16.11
CA PRO B 116 48.22 -4.18 15.48
C PRO B 116 48.63 -3.58 14.15
N PRO B 117 47.82 -3.75 13.11
CA PRO B 117 48.12 -3.07 11.84
C PRO B 117 48.04 -1.57 12.00
N GLN B 118 48.91 -0.87 11.25
CA GLN B 118 49.09 0.57 11.44
C GLN B 118 48.70 1.41 10.23
N LEU B 119 48.39 0.81 9.08
CA LEU B 119 48.08 1.56 7.87
C LEU B 119 46.73 1.14 7.32
N MET B 120 45.97 2.13 6.84
CA MET B 120 44.67 1.91 6.21
C MET B 120 44.67 2.66 4.88
N CYS B 121 44.41 1.93 3.79
CA CYS B 121 44.51 2.48 2.44
C CYS B 121 43.18 3.09 2.05
N LEU B 122 43.09 4.42 2.10
CA LEU B 122 41.88 5.11 1.66
C LEU B 122 41.75 5.06 0.14
N MET B 123 42.79 5.49 -0.57
CA MET B 123 42.82 5.46 -2.03
C MET B 123 44.21 4.96 -2.44
N PRO B 124 44.40 4.55 -3.72
CA PRO B 124 45.69 3.98 -4.14
C PRO B 124 46.92 4.83 -3.83
N GLY B 125 46.75 6.13 -3.67
CA GLY B 125 47.89 6.98 -3.35
C GLY B 125 47.89 7.44 -1.91
N MET B 126 47.20 6.72 -1.02
CA MET B 126 46.94 7.25 0.31
C MET B 126 46.83 6.11 1.31
N THR B 127 47.51 6.27 2.45
CA THR B 127 47.42 5.35 3.56
C THR B 127 47.32 6.15 4.84
N LEU B 128 46.29 5.91 5.63
CA LEU B 128 46.09 6.61 6.89
C LEU B 128 46.73 5.82 8.02
N HIS B 129 47.61 6.48 8.77
CA HIS B 129 48.33 5.80 9.84
C HIS B 129 47.47 5.70 11.10
N ARG B 130 47.76 4.69 11.92
CA ARG B 130 46.94 4.44 13.10
C ARG B 130 47.09 5.52 14.15
N ASN B 131 48.28 6.13 14.26
CA ASN B 131 48.50 7.16 15.25
C ASN B 131 47.61 8.37 15.01
N SER B 132 47.30 8.66 13.75
CA SER B 132 46.36 9.75 13.45
C SER B 132 44.93 9.34 13.76
N ALA B 133 44.63 8.04 13.71
CA ALA B 133 43.28 7.57 14.04
C ALA B 133 43.04 7.63 15.55
N LEU B 134 44.06 7.35 16.34
CA LEU B 134 43.93 7.44 17.80
C LEU B 134 43.74 8.88 18.24
N GLN B 135 44.41 9.82 17.57
CA GLN B 135 44.26 11.22 17.92
C GLN B 135 42.85 11.73 17.63
N ALA B 136 42.22 11.23 16.56
CA ALA B 136 40.87 11.61 16.22
C ALA B 136 39.82 10.94 17.10
N GLY B 137 40.22 10.00 17.96
CA GLY B 137 39.27 9.30 18.80
C GLY B 137 38.45 8.25 18.08
N VAL B 138 38.90 7.80 16.91
CA VAL B 138 38.17 6.82 16.12
C VAL B 138 39.06 5.61 15.87
N GLY B 139 40.03 5.38 16.76
CA GLY B 139 40.94 4.27 16.60
C GLY B 139 40.30 2.91 16.76
N GLN B 140 39.14 2.83 17.41
CA GLN B 140 38.47 1.55 17.59
C GLN B 140 37.92 1.03 16.27
N ILE B 141 37.25 1.90 15.50
CA ILE B 141 36.80 1.53 14.17
C ILE B 141 38.00 1.21 13.28
N PHE B 142 39.06 2.00 13.40
CA PHE B 142 40.26 1.79 12.61
C PHE B 142 40.79 0.37 12.76
N ASP B 143 40.77 -0.16 13.99
CA ASP B 143 41.23 -1.53 14.21
C ASP B 143 40.21 -2.57 13.76
N ARG B 144 38.91 -2.25 13.87
CA ARG B 144 37.89 -3.20 13.43
C ARG B 144 37.94 -3.40 11.92
N VAL B 145 38.24 -2.34 11.17
CA VAL B 145 38.31 -2.45 9.72
C VAL B 145 39.45 -3.37 9.31
N LEU B 146 40.60 -3.25 9.96
CA LEU B 146 41.78 -4.00 9.55
C LEU B 146 41.78 -5.43 10.10
N SER B 147 41.11 -5.66 11.22
CA SER B 147 41.11 -6.99 11.83
C SER B 147 39.93 -7.84 11.34
N GLU B 148 38.71 -7.34 11.51
CA GLU B 148 37.53 -8.11 11.15
C GLU B 148 37.29 -8.20 9.66
N LEU B 149 37.92 -7.33 8.86
CA LEU B 149 37.72 -7.30 7.42
C LEU B 149 39.02 -7.53 6.66
N SER B 150 39.99 -6.63 6.77
CA SER B 150 41.21 -6.74 5.98
C SER B 150 41.98 -8.01 6.32
N LEU B 151 42.16 -8.29 7.61
CA LEU B 151 42.96 -9.46 8.00
C LEU B 151 42.21 -10.76 7.77
N LYS B 152 40.88 -10.75 7.94
CA LYS B 152 40.11 -11.98 7.73
C LYS B 152 40.07 -12.34 6.25
N MET B 153 39.95 -11.35 5.37
CA MET B 153 39.95 -11.62 3.93
C MET B 153 41.32 -12.11 3.46
N ARG B 154 42.40 -11.61 4.05
CA ARG B 154 43.72 -12.10 3.70
C ARG B 154 43.92 -13.54 4.17
N THR B 155 43.46 -13.86 5.38
CA THR B 155 43.56 -15.23 5.87
C THR B 155 42.71 -16.17 5.03
N LEU B 156 41.48 -15.77 4.70
CA LEU B 156 40.64 -16.56 3.81
C LEU B 156 41.14 -16.54 2.37
N ARG B 157 42.12 -15.70 2.05
CA ARG B 157 42.68 -15.58 0.71
C ARG B 157 41.58 -15.29 -0.31
N VAL B 158 40.88 -14.20 -0.08
CA VAL B 158 39.79 -13.77 -0.96
C VAL B 158 40.39 -13.17 -2.21
N ASP B 159 39.93 -13.64 -3.37
CA ASP B 159 40.40 -13.12 -4.65
C ASP B 159 39.49 -11.99 -5.11
N GLN B 160 39.81 -11.40 -6.27
CA GLN B 160 39.02 -10.29 -6.77
C GLN B 160 37.64 -10.74 -7.23
N ALA B 161 37.53 -11.97 -7.73
CA ALA B 161 36.23 -12.47 -8.18
C ALA B 161 35.26 -12.57 -7.02
N GLU B 162 35.72 -13.01 -5.86
CA GLU B 162 34.86 -13.08 -4.68
C GLU B 162 34.61 -11.69 -4.11
N TYR B 163 35.53 -10.75 -4.33
CA TYR B 163 35.35 -9.40 -3.79
C TYR B 163 34.29 -8.63 -4.57
N VAL B 164 34.30 -8.74 -5.91
CA VAL B 164 33.33 -8.01 -6.70
C VAL B 164 31.94 -8.61 -6.54
N ALA B 165 31.85 -9.92 -6.32
CA ALA B 165 30.55 -10.55 -6.10
C ALA B 165 29.92 -10.06 -4.81
N LEU B 166 30.71 -9.98 -3.73
CA LEU B 166 30.19 -9.47 -2.47
C LEU B 166 29.76 -8.01 -2.58
N LYS B 167 30.45 -7.22 -3.41
CA LYS B 167 30.05 -5.83 -3.61
C LYS B 167 28.63 -5.75 -4.15
N ALA B 168 28.28 -6.61 -5.10
CA ALA B 168 26.93 -6.60 -5.65
C ALA B 168 25.91 -7.06 -4.60
N ILE B 169 26.26 -8.08 -3.82
CA ILE B 169 25.34 -8.58 -2.79
C ILE B 169 25.09 -7.50 -1.75
N ILE B 170 26.11 -6.70 -1.43
CA ILE B 170 25.92 -5.58 -0.51
C ILE B 170 24.93 -4.57 -1.11
N LEU B 171 25.07 -4.29 -2.40
CA LEU B 171 24.22 -3.28 -3.03
C LEU B 171 22.80 -3.80 -3.24
N LEU B 172 22.67 -5.03 -3.73
CA LEU B 172 21.37 -5.59 -4.09
C LEU B 172 20.69 -6.19 -2.85
N ASN B 173 20.29 -5.30 -1.95
CA ASN B 173 19.65 -5.70 -0.71
C ASN B 173 18.15 -5.55 -0.85
N PRO B 174 17.38 -6.64 -0.90
CA PRO B 174 15.91 -6.49 -0.99
C PRO B 174 15.27 -5.96 0.28
N ASP B 175 15.97 -6.02 1.41
CA ASP B 175 15.44 -5.57 2.69
C ASP B 175 15.55 -4.06 2.88
N VAL B 176 15.99 -3.33 1.85
CA VAL B 176 16.07 -1.87 1.95
C VAL B 176 14.65 -1.31 2.10
N LYS B 177 14.47 -0.45 3.10
CA LYS B 177 13.16 0.09 3.38
C LYS B 177 12.74 1.11 2.32
N GLY B 178 11.52 0.98 1.83
CA GLY B 178 10.98 1.92 0.86
C GLY B 178 11.06 1.50 -0.58
N LEU B 179 11.51 0.29 -0.87
CA LEU B 179 11.61 -0.17 -2.25
C LEU B 179 10.23 -0.33 -2.88
N LYS B 180 10.14 -0.05 -4.18
CA LYS B 180 8.89 -0.22 -4.90
C LYS B 180 8.70 -1.66 -5.34
N ASN B 181 9.73 -2.27 -5.91
CA ASN B 181 9.67 -3.64 -6.40
C ASN B 181 10.75 -4.44 -5.69
N ARG B 182 10.39 -5.03 -4.55
CA ARG B 182 11.33 -5.84 -3.77
C ARG B 182 11.77 -7.08 -4.55
N GLN B 183 10.84 -7.71 -5.26
CA GLN B 183 11.18 -8.94 -5.98
C GLN B 183 12.14 -8.68 -7.13
N GLU B 184 12.13 -7.47 -7.71
CA GLU B 184 13.10 -7.16 -8.75
C GLU B 184 14.52 -7.14 -8.19
N VAL B 185 14.69 -6.63 -6.97
CA VAL B 185 16.00 -6.66 -6.34
C VAL B 185 16.36 -8.07 -5.91
N GLU B 186 15.36 -8.88 -5.55
CA GLU B 186 15.63 -10.24 -5.08
C GLU B 186 16.28 -11.08 -6.18
N VAL B 187 15.72 -11.04 -7.39
CA VAL B 187 16.22 -11.89 -8.47
C VAL B 187 17.68 -11.57 -8.78
N LEU B 188 18.07 -10.30 -8.66
CA LEU B 188 19.46 -9.93 -8.93
C LEU B 188 20.39 -10.45 -7.84
N ARG B 189 19.99 -10.34 -6.57
CA ARG B 189 20.83 -10.86 -5.50
C ARG B 189 20.89 -12.38 -5.52
N GLU B 190 19.78 -13.03 -5.84
CA GLU B 190 19.76 -14.49 -5.87
C GLU B 190 20.69 -15.03 -6.96
N LYS B 191 20.82 -14.33 -8.09
CA LYS B 191 21.77 -14.75 -9.11
C LYS B 191 23.21 -14.61 -8.62
N MET B 192 23.47 -13.65 -7.74
CA MET B 192 24.82 -13.51 -7.19
C MET B 192 25.14 -14.63 -6.22
N PHE B 193 24.16 -15.12 -5.47
CA PHE B 193 24.38 -16.29 -4.63
C PHE B 193 24.72 -17.51 -5.47
N LEU B 194 24.10 -17.63 -6.65
CA LEU B 194 24.42 -18.72 -7.55
C LEU B 194 25.82 -18.55 -8.15
N CYS B 195 26.16 -17.32 -8.56
CA CYS B 195 27.47 -17.08 -9.13
C CYS B 195 28.57 -17.28 -8.11
N LEU B 196 28.34 -16.87 -6.86
CA LEU B 196 29.37 -16.99 -5.84
C LEU B 196 29.58 -18.45 -5.43
N ASP B 197 28.50 -19.20 -5.24
CA ASP B 197 28.62 -20.60 -4.88
C ASP B 197 29.24 -21.41 -6.01
N GLU B 198 28.90 -21.08 -7.26
CA GLU B 198 29.49 -21.76 -8.40
C GLU B 198 30.99 -21.50 -8.48
N TYR B 199 31.41 -20.25 -8.24
CA TYR B 199 32.83 -19.92 -8.29
C TYR B 199 33.59 -20.66 -7.19
N CYS B 200 33.00 -20.79 -6.01
CA CYS B 200 33.67 -21.46 -4.91
C CYS B 200 33.81 -22.96 -5.18
N ARG B 201 32.80 -23.56 -5.81
CA ARG B 201 32.88 -25.00 -6.07
C ARG B 201 33.87 -25.31 -7.19
N ARG B 202 33.96 -24.44 -8.19
CA ARG B 202 34.86 -24.70 -9.32
C ARG B 202 36.30 -24.35 -8.98
N SER B 203 36.53 -23.19 -8.38
CA SER B 203 37.90 -22.74 -8.08
C SER B 203 38.43 -23.33 -6.78
N ARG B 204 37.72 -23.13 -5.68
CA ARG B 204 38.17 -23.60 -4.37
C ARG B 204 37.37 -24.83 -3.96
N SER B 205 37.58 -25.90 -4.73
CA SER B 205 36.80 -27.12 -4.54
C SER B 205 37.06 -27.76 -3.18
N SER B 206 38.25 -27.53 -2.60
CA SER B 206 38.57 -28.14 -1.32
C SER B 206 37.79 -27.50 -0.18
N GLU B 207 37.72 -26.17 -0.16
CA GLU B 207 37.03 -25.45 0.90
C GLU B 207 35.52 -25.48 0.65
N GLU B 208 34.77 -26.05 1.59
CA GLU B 208 33.32 -26.17 1.45
C GLU B 208 32.55 -25.13 2.26
N GLY B 209 33.14 -24.59 3.32
CA GLY B 209 32.53 -23.52 4.08
C GLY B 209 32.87 -22.14 3.58
N ARG B 210 33.44 -22.03 2.38
CA ARG B 210 33.89 -20.73 1.88
C ARG B 210 32.71 -19.84 1.52
N PHE B 211 31.66 -20.42 0.93
CA PHE B 211 30.46 -19.63 0.59
C PHE B 211 29.88 -18.98 1.84
N ALA B 212 29.89 -19.69 2.97
CA ALA B 212 29.44 -19.10 4.22
C ALA B 212 30.49 -18.17 4.82
N ALA B 213 31.78 -18.50 4.65
CA ALA B 213 32.82 -17.67 5.23
C ALA B 213 32.89 -16.30 4.57
N LEU B 214 32.61 -16.23 3.26
CA LEU B 214 32.60 -14.94 2.58
C LEU B 214 31.42 -14.10 3.01
N LEU B 215 30.23 -14.71 3.08
CA LEU B 215 29.03 -13.98 3.46
C LEU B 215 29.05 -13.57 4.94
N LEU B 216 29.82 -14.25 5.77
CA LEU B 216 29.93 -13.88 7.18
C LEU B 216 30.67 -12.57 7.39
N ARG B 217 31.35 -12.05 6.36
CA ARG B 217 31.99 -10.75 6.47
C ARG B 217 31.02 -9.59 6.28
N LEU B 218 29.85 -9.85 5.70
CA LEU B 218 28.88 -8.77 5.49
C LEU B 218 28.28 -8.28 6.81
N PRO B 219 27.85 -9.14 7.74
CA PRO B 219 27.36 -8.61 9.03
C PRO B 219 28.41 -7.82 9.79
N ALA B 220 29.68 -8.27 9.75
CA ALA B 220 30.74 -7.51 10.37
C ALA B 220 30.93 -6.16 9.68
N LEU B 221 30.79 -6.13 8.35
CA LEU B 221 30.87 -4.87 7.62
C LEU B 221 29.72 -3.96 8.01
N ARG B 222 28.54 -4.52 8.26
CA ARG B 222 27.39 -3.70 8.62
C ARG B 222 27.58 -3.03 9.98
N SER B 223 28.10 -3.77 10.96
CA SER B 223 28.30 -3.18 12.29
C SER B 223 29.38 -2.11 12.26
N ILE B 224 30.38 -2.25 11.40
CA ILE B 224 31.40 -1.21 11.27
C ILE B 224 30.84 -0.01 10.52
N SER B 225 29.98 -0.26 9.53
CA SER B 225 29.40 0.84 8.75
C SER B 225 28.48 1.69 9.62
N LEU B 226 27.62 1.06 10.42
CA LEU B 226 26.76 1.81 11.32
C LEU B 226 27.56 2.58 12.36
N LYS B 227 28.69 2.03 12.80
CA LYS B 227 29.55 2.73 13.74
C LYS B 227 30.24 3.91 13.07
N SER B 228 30.52 3.81 11.76
CA SER B 228 31.15 4.92 11.05
C SER B 228 30.23 6.12 10.95
N PHE B 229 28.93 5.87 10.73
CA PHE B 229 27.96 6.98 10.69
C PHE B 229 27.90 7.72 12.01
N GLU B 230 28.07 7.01 13.13
CA GLU B 230 28.02 7.66 14.43
C GLU B 230 29.08 8.74 14.55
N HIS B 231 30.31 8.42 14.16
CA HIS B 231 31.37 9.43 14.17
C HIS B 231 31.13 10.49 13.10
N LEU B 232 30.65 10.07 11.92
CA LEU B 232 30.40 11.02 10.84
C LEU B 232 29.33 12.02 11.23
N PHE B 233 28.26 11.56 11.88
CA PHE B 233 27.23 12.48 12.34
C PHE B 233 27.66 13.25 13.59
N PHE B 234 28.55 12.68 14.39
CA PHE B 234 29.00 13.37 15.59
C PHE B 234 29.83 14.61 15.26
N PHE B 235 30.55 14.59 14.14
CA PHE B 235 31.31 15.73 13.68
C PHE B 235 30.59 16.54 12.60
N HIS B 236 29.32 16.22 12.33
CA HIS B 236 28.51 16.92 11.35
C HIS B 236 29.19 16.93 9.98
N LEU B 237 29.66 15.76 9.56
CA LEU B 237 30.38 15.62 8.31
C LEU B 237 29.52 15.05 7.18
N VAL B 238 28.25 14.78 7.43
CA VAL B 238 27.36 14.18 6.45
C VAL B 238 26.31 15.20 6.02
N ALA B 239 26.07 15.27 4.72
CA ALA B 239 24.91 15.99 4.18
C ALA B 239 23.80 14.99 3.84
N ASP B 240 23.30 14.34 4.89
CA ASP B 240 22.36 13.23 4.71
C ASP B 240 21.09 13.67 3.98
N THR B 241 20.72 14.95 4.10
CA THR B 241 19.50 15.42 3.45
C THR B 241 19.63 15.42 1.92
N SER B 242 20.85 15.54 1.41
CA SER B 242 21.06 15.80 -0.01
C SER B 242 21.68 14.62 -0.76
N ILE B 243 21.99 13.51 -0.09
CA ILE B 243 22.67 12.43 -0.81
C ILE B 243 21.73 11.77 -1.81
N ALA B 244 20.44 11.66 -1.48
CA ALA B 244 19.50 11.07 -2.43
C ALA B 244 19.37 11.91 -3.69
N GLY B 245 19.50 13.23 -3.57
CA GLY B 245 19.55 14.08 -4.75
C GLY B 245 20.89 13.98 -5.47
N TYR B 246 21.97 13.82 -4.71
CA TYR B 246 23.28 13.60 -5.33
C TYR B 246 23.31 12.30 -6.11
N ILE B 247 22.72 11.24 -5.55
CA ILE B 247 22.66 9.97 -6.26
C ILE B 247 21.74 10.07 -7.47
N ARG B 248 20.65 10.83 -7.35
CA ARG B 248 19.73 11.00 -8.47
C ARG B 248 20.42 11.65 -9.65
N ASP B 249 21.06 12.82 -9.42
CA ASP B 249 21.73 13.51 -10.51
C ASP B 249 22.91 12.70 -11.05
N ALA B 250 23.58 11.94 -10.18
CA ALA B 250 24.71 11.12 -10.64
C ALA B 250 24.24 9.98 -11.52
N LEU B 251 23.03 9.45 -11.28
CA LEU B 251 22.54 8.36 -12.11
C LEU B 251 22.18 8.83 -13.52
N ARG B 252 21.76 10.08 -13.67
CA ARG B 252 21.36 10.60 -14.97
C ARG B 252 22.46 11.38 -15.67
N ASN B 253 23.16 12.26 -14.94
CA ASN B 253 24.05 13.22 -15.56
C ASN B 253 25.49 12.75 -15.67
N HIS B 254 25.93 11.81 -14.83
CA HIS B 254 27.31 11.35 -14.90
C HIS B 254 27.57 10.63 -16.23
N ALA B 255 28.72 10.94 -16.82
CA ALA B 255 29.07 10.35 -18.11
C ALA B 255 29.32 8.85 -17.95
N PRO B 256 29.13 8.08 -19.02
CA PRO B 256 29.47 6.66 -18.96
C PRO B 256 30.94 6.48 -18.66
N PRO B 257 31.30 5.40 -17.97
CA PRO B 257 32.69 5.26 -17.51
C PRO B 257 33.66 5.03 -18.65
N ILE B 258 34.87 5.57 -18.48
CA ILE B 258 35.92 5.39 -19.46
C ILE B 258 36.56 4.02 -19.29
N ASP B 259 37.27 3.57 -20.32
CA ASP B 259 37.97 2.29 -20.30
C ASP B 259 39.47 2.52 -20.25
N THR B 260 40.16 1.67 -19.49
CA THR B 260 41.61 1.77 -19.35
C THR B 260 42.31 0.76 -20.26
N MET C 1 2.46 -34.34 -13.58
CA MET C 1 1.47 -34.54 -14.63
C MET C 1 0.62 -33.29 -14.83
N VAL C 2 0.23 -33.05 -16.07
CA VAL C 2 -0.51 -31.85 -16.43
C VAL C 2 -2.00 -32.13 -16.26
N GLN C 3 -2.62 -31.49 -15.27
CA GLN C 3 -4.04 -31.63 -14.99
C GLN C 3 -4.75 -30.30 -15.18
N GLU C 4 -6.04 -30.37 -15.48
CA GLU C 4 -6.86 -29.18 -15.69
C GLU C 4 -7.82 -29.00 -14.52
N LEU C 5 -8.19 -27.74 -14.27
CA LEU C 5 -9.15 -27.41 -13.21
C LEU C 5 -10.55 -27.66 -13.73
N SER C 6 -11.12 -28.80 -13.36
CA SER C 6 -12.46 -29.16 -13.78
C SER C 6 -13.11 -30.02 -12.70
N ILE C 7 -14.42 -30.20 -12.81
CA ILE C 7 -15.13 -31.06 -11.86
C ILE C 7 -14.67 -32.50 -12.01
N GLU C 8 -14.30 -32.92 -13.21
CA GLU C 8 -13.84 -34.29 -13.43
C GLU C 8 -12.53 -34.55 -12.68
N ARG C 9 -11.60 -33.59 -12.73
CA ARG C 9 -10.34 -33.77 -12.01
C ARG C 9 -10.54 -33.71 -10.51
N LEU C 10 -11.40 -32.80 -10.05
CA LEU C 10 -11.68 -32.70 -8.61
C LEU C 10 -12.32 -33.98 -8.07
N LEU C 11 -13.11 -34.67 -8.90
CA LEU C 11 -13.67 -35.96 -8.48
C LEU C 11 -12.57 -37.00 -8.34
N GLU C 12 -11.58 -36.98 -9.23
CA GLU C 12 -10.48 -37.92 -9.14
C GLU C 12 -9.60 -37.64 -7.92
N MET C 13 -9.54 -36.38 -7.49
CA MET C 13 -8.72 -36.03 -6.34
C MET C 13 -9.35 -36.46 -5.01
N GLU C 14 -10.65 -36.75 -5.00
CA GLU C 14 -11.27 -37.26 -3.79
C GLU C 14 -10.89 -38.71 -3.53
N SER C 15 -10.73 -39.49 -4.60
CA SER C 15 -10.35 -40.89 -4.45
C SER C 15 -8.91 -41.05 -4.00
N LEU C 16 -8.09 -40.01 -4.12
CA LEU C 16 -6.69 -40.09 -3.72
C LEU C 16 -6.60 -40.14 -2.20
N VAL C 17 -5.86 -41.11 -1.68
CA VAL C 17 -5.69 -41.32 -0.24
C VAL C 17 -4.37 -40.70 0.18
N ALA C 18 -4.41 -39.88 1.23
CA ALA C 18 -3.22 -39.21 1.71
C ALA C 18 -2.51 -40.06 2.75
N ASP C 19 -1.18 -39.94 2.79
CA ASP C 19 -0.37 -40.64 3.78
C ASP C 19 -0.18 -39.74 4.99
N PRO C 20 -0.79 -40.06 6.13
CA PRO C 20 -0.66 -39.17 7.31
C PRO C 20 0.62 -39.42 8.08
N SER C 21 1.69 -39.80 7.39
CA SER C 21 2.96 -40.05 8.07
C SER C 21 3.51 -38.78 8.71
N GLU C 22 3.33 -37.64 8.03
CA GLU C 22 3.69 -36.34 8.59
C GLU C 22 2.46 -35.74 9.26
N GLU C 23 2.54 -35.51 10.56
CA GLU C 23 1.43 -35.00 11.35
C GLU C 23 1.72 -33.58 11.82
N PHE C 24 0.68 -32.74 11.82
CA PHE C 24 0.79 -31.37 12.28
C PHE C 24 -0.32 -31.09 13.29
N GLN C 25 0.04 -30.39 14.37
CA GLN C 25 -0.84 -30.25 15.53
C GLN C 25 -1.68 -28.98 15.42
N PHE C 26 -2.62 -29.01 14.47
CA PHE C 26 -3.58 -27.93 14.34
C PHE C 26 -4.44 -27.82 15.59
N LEU C 27 -4.94 -28.95 16.08
CA LEU C 27 -5.80 -29.01 17.24
C LEU C 27 -5.10 -29.80 18.34
N ARG C 28 -4.99 -29.20 19.52
CA ARG C 28 -4.34 -29.86 20.65
C ARG C 28 -5.05 -29.43 21.94
N VAL C 29 -4.95 -30.29 22.96
CA VAL C 29 -5.59 -29.99 24.24
C VAL C 29 -4.92 -28.79 24.90
N GLY C 30 -3.60 -28.85 25.06
CA GLY C 30 -2.86 -27.73 25.61
C GLY C 30 -2.80 -27.77 27.12
N PRO C 31 -1.94 -26.93 27.70
CA PRO C 31 -1.80 -26.91 29.17
C PRO C 31 -2.84 -26.04 29.86
N ASP C 32 -3.25 -24.96 29.19
CA ASP C 32 -4.32 -24.08 29.69
C ASP C 32 -5.70 -24.57 29.26
N SER C 33 -5.91 -25.88 29.26
CA SER C 33 -7.15 -26.45 28.74
C SER C 33 -8.26 -26.33 29.77
N ASN C 34 -9.36 -25.68 29.38
CA ASN C 34 -10.55 -25.62 30.21
C ASN C 34 -11.34 -26.92 30.19
N VAL C 35 -10.97 -27.85 29.33
CA VAL C 35 -11.68 -29.14 29.23
C VAL C 35 -11.53 -29.88 30.57
N PRO C 36 -12.61 -30.46 31.10
CA PRO C 36 -12.49 -31.25 32.33
C PRO C 36 -11.49 -32.38 32.15
N PRO C 37 -10.71 -32.69 33.18
CA PRO C 37 -9.69 -33.73 33.03
C PRO C 37 -10.23 -35.09 32.59
N LYS C 38 -11.44 -35.44 33.03
CA LYS C 38 -12.02 -36.73 32.64
C LYS C 38 -12.22 -36.81 31.13
N PHE C 39 -12.52 -35.69 30.48
CA PHE C 39 -12.79 -35.67 29.06
C PHE C 39 -11.63 -35.10 28.24
N ARG C 40 -10.48 -34.86 28.86
CA ARG C 40 -9.35 -34.35 28.10
C ARG C 40 -8.78 -35.38 27.14
N ALA C 41 -8.78 -36.65 27.54
CA ALA C 41 -8.26 -37.71 26.68
C ALA C 41 -9.13 -37.94 25.46
N PRO C 42 -10.46 -38.00 25.59
CA PRO C 42 -11.29 -38.10 24.37
C PRO C 42 -11.16 -36.89 23.45
N VAL C 43 -11.04 -35.69 24.02
CA VAL C 43 -10.87 -34.49 23.20
C VAL C 43 -9.53 -34.54 22.46
N SER C 44 -8.49 -35.05 23.13
CA SER C 44 -7.19 -35.20 22.45
C SER C 44 -7.30 -36.16 21.28
N SER C 45 -8.07 -37.24 21.45
CA SER C 45 -8.28 -38.17 20.33
C SER C 45 -9.09 -37.52 19.22
N LEU C 46 -10.05 -36.67 19.58
CA LEU C 46 -10.80 -35.93 18.58
C LEU C 46 -9.89 -34.98 17.81
N CYS C 47 -8.96 -34.33 18.52
CA CYS C 47 -8.04 -33.40 17.86
C CYS C 47 -7.13 -34.13 16.89
N GLN C 48 -6.65 -35.32 17.27
CA GLN C 48 -5.81 -36.10 16.35
C GLN C 48 -6.59 -36.50 15.10
N ILE C 49 -7.88 -36.79 15.26
CA ILE C 49 -8.70 -37.15 14.11
C ILE C 49 -8.98 -35.92 13.25
N GLY C 50 -9.20 -34.77 13.88
CA GLY C 50 -9.32 -33.54 13.11
C GLY C 50 -8.03 -33.16 12.41
N ASN C 51 -6.89 -33.31 13.10
CA ASN C 51 -5.62 -32.95 12.50
C ASN C 51 -5.30 -33.80 11.28
N LYS C 52 -5.64 -35.09 11.33
CA LYS C 52 -5.38 -35.95 10.18
C LYS C 52 -6.23 -35.54 8.98
N GLN C 53 -7.47 -35.11 9.22
CA GLN C 53 -8.32 -34.65 8.13
C GLN C 53 -7.82 -33.33 7.57
N ILE C 54 -7.29 -32.45 8.43
CA ILE C 54 -6.71 -31.20 7.97
C ILE C 54 -5.49 -31.47 7.10
N ALA C 55 -4.70 -32.48 7.46
CA ALA C 55 -3.54 -32.85 6.65
C ALA C 55 -3.97 -33.26 5.25
N ALA C 56 -4.98 -34.13 5.15
CA ALA C 56 -5.51 -34.48 3.84
C ALA C 56 -6.16 -33.30 3.14
N LEU C 57 -6.59 -32.30 3.91
CA LEU C 57 -7.16 -31.10 3.32
C LEU C 57 -6.08 -30.24 2.68
N VAL C 58 -4.91 -30.16 3.30
CA VAL C 58 -3.80 -29.41 2.73
C VAL C 58 -3.24 -30.13 1.50
N VAL C 59 -3.13 -31.46 1.59
CA VAL C 59 -2.63 -32.25 0.47
C VAL C 59 -3.60 -32.15 -0.72
N TRP C 60 -4.90 -32.08 -0.43
CA TRP C 60 -5.89 -31.91 -1.50
C TRP C 60 -5.76 -30.53 -2.14
N ALA C 61 -5.63 -29.48 -1.32
CA ALA C 61 -5.54 -28.13 -1.87
C ALA C 61 -4.29 -27.95 -2.71
N ARG C 62 -3.18 -28.59 -2.32
CA ARG C 62 -1.92 -28.42 -3.04
C ARG C 62 -2.03 -28.91 -4.48
N ASP C 63 -2.67 -30.06 -4.69
CA ASP C 63 -2.79 -30.65 -6.01
C ASP C 63 -3.96 -30.11 -6.81
N ILE C 64 -4.70 -29.13 -6.29
CA ILE C 64 -5.71 -28.49 -7.13
C ILE C 64 -5.00 -27.77 -8.27
N PRO C 65 -5.44 -27.95 -9.51
CA PRO C 65 -4.77 -27.26 -10.63
C PRO C 65 -4.76 -25.75 -10.44
N HIS C 66 -3.61 -25.14 -10.73
CA HIS C 66 -3.29 -23.72 -10.64
C HIS C 66 -3.12 -23.24 -9.20
N PHE C 67 -3.39 -24.07 -8.19
CA PHE C 67 -3.16 -23.64 -6.81
C PHE C 67 -1.68 -23.53 -6.50
N SER C 68 -0.85 -24.41 -7.07
CA SER C 68 0.58 -24.33 -6.87
C SER C 68 1.20 -23.15 -7.60
N GLN C 69 0.55 -22.65 -8.66
CA GLN C 69 1.04 -21.48 -9.37
C GLN C 69 0.84 -20.19 -8.60
N LEU C 70 0.08 -20.22 -7.51
CA LEU C 70 -0.11 -19.03 -6.68
C LEU C 70 1.12 -18.79 -5.80
N GLU C 71 1.24 -17.56 -5.32
CA GLU C 71 2.31 -17.23 -4.39
C GLU C 71 2.16 -18.03 -3.12
N MET C 72 3.30 -18.46 -2.56
CA MET C 72 3.28 -19.27 -1.35
C MET C 72 2.60 -18.54 -0.20
N GLU C 73 2.74 -17.20 -0.15
CA GLU C 73 2.06 -16.42 0.87
C GLU C 73 0.55 -16.57 0.76
N ASP C 74 0.02 -16.58 -0.46
CA ASP C 74 -1.42 -16.67 -0.66
C ASP C 74 -1.93 -18.09 -0.44
N GLN C 75 -1.13 -19.10 -0.82
CA GLN C 75 -1.55 -20.49 -0.62
C GLN C 75 -1.75 -20.79 0.87
N ILE C 76 -0.88 -20.23 1.72
CA ILE C 76 -1.01 -20.46 3.15
C ILE C 76 -2.28 -19.79 3.68
N LEU C 77 -2.55 -18.55 3.25
CA LEU C 77 -3.70 -17.82 3.76
C LEU C 77 -5.02 -18.40 3.25
N LEU C 78 -5.03 -18.95 2.04
CA LEU C 78 -6.25 -19.57 1.53
C LEU C 78 -6.60 -20.83 2.31
N ILE C 79 -5.60 -21.63 2.66
CA ILE C 79 -5.85 -22.84 3.45
C ILE C 79 -6.09 -22.48 4.91
N LYS C 80 -5.44 -21.42 5.42
CA LYS C 80 -5.63 -21.03 6.81
C LYS C 80 -7.04 -20.55 7.09
N GLY C 81 -7.70 -19.95 6.11
CA GLY C 81 -9.05 -19.44 6.30
C GLY C 81 -10.13 -20.32 5.70
N SER C 82 -9.79 -21.58 5.44
CA SER C 82 -10.76 -22.51 4.85
C SER C 82 -10.80 -23.88 5.50
N TRP C 83 -9.81 -24.24 6.33
CA TRP C 83 -9.72 -25.61 6.82
C TRP C 83 -10.91 -25.95 7.73
N ASN C 84 -11.32 -25.01 8.57
CA ASN C 84 -12.43 -25.28 9.49
C ASN C 84 -13.74 -25.43 8.74
N GLU C 85 -13.98 -24.58 7.74
CA GLU C 85 -15.20 -24.70 6.95
C GLU C 85 -15.20 -25.99 6.14
N LEU C 86 -14.05 -26.34 5.54
CA LEU C 86 -13.98 -27.54 4.73
C LEU C 86 -14.08 -28.81 5.57
N LEU C 87 -13.68 -28.74 6.85
CA LEU C 87 -13.87 -29.89 7.73
C LEU C 87 -15.35 -30.14 7.99
N LEU C 88 -16.07 -29.11 8.42
CA LEU C 88 -17.50 -29.24 8.66
C LEU C 88 -18.25 -29.60 7.38
N PHE C 89 -17.76 -29.13 6.23
CA PHE C 89 -18.40 -29.48 4.97
C PHE C 89 -18.22 -30.97 4.67
N ALA C 90 -17.04 -31.52 4.97
CA ALA C 90 -16.84 -32.95 4.81
C ALA C 90 -17.57 -33.73 5.89
N ILE C 91 -17.67 -33.17 7.10
CA ILE C 91 -18.43 -33.82 8.17
C ILE C 91 -19.91 -33.89 7.81
N ALA C 92 -20.44 -32.81 7.22
CA ALA C 92 -21.84 -32.80 6.83
C ALA C 92 -22.11 -33.71 5.66
N TRP C 93 -21.17 -33.82 4.72
CA TRP C 93 -21.36 -34.69 3.56
C TRP C 93 -21.43 -36.15 3.97
N ARG C 94 -20.52 -36.58 4.84
CA ARG C 94 -20.53 -37.98 5.27
C ARG C 94 -21.72 -38.29 6.18
N SER C 95 -22.22 -37.29 6.91
CA SER C 95 -23.30 -37.52 7.86
C SER C 95 -24.65 -37.73 7.19
N MET C 96 -24.74 -37.55 5.86
CA MET C 96 -26.02 -37.74 5.19
C MET C 96 -26.45 -39.20 5.19
N GLU C 97 -25.49 -40.13 5.13
CA GLU C 97 -25.84 -41.54 5.18
C GLU C 97 -26.50 -41.91 6.50
N PHE C 98 -25.99 -41.39 7.61
CA PHE C 98 -26.52 -41.70 8.94
C PHE C 98 -27.78 -40.90 9.26
N LEU C 99 -28.38 -40.24 8.27
CA LEU C 99 -29.73 -39.69 8.40
C LEU C 99 -30.76 -40.76 8.02
N THR C 100 -30.62 -41.93 8.66
CA THR C 100 -31.46 -43.09 8.37
C THR C 100 -32.93 -42.85 8.67
N GLU C 101 -33.30 -41.64 9.11
CA GLU C 101 -34.71 -41.27 9.28
C GLU C 101 -35.28 -40.74 7.96
N GLU C 102 -35.34 -41.65 6.98
CA GLU C 102 -35.82 -41.31 5.65
C GLU C 102 -37.25 -40.76 5.72
N ARG C 103 -37.42 -39.52 5.30
CA ARG C 103 -38.71 -38.83 5.38
C ARG C 103 -39.31 -38.68 3.99
N ASP C 104 -40.65 -38.65 3.96
CA ASP C 104 -41.37 -38.49 2.69
C ASP C 104 -41.82 -37.04 2.50
N THR C 114 -39.82 -37.15 13.99
CA THR C 114 -40.26 -36.94 15.36
C THR C 114 -39.11 -36.43 16.24
N SER C 115 -37.91 -36.92 15.96
CA SER C 115 -36.73 -36.56 16.73
C SER C 115 -35.65 -36.00 15.82
N PRO C 116 -34.79 -35.11 16.34
CA PRO C 116 -33.72 -34.54 15.52
C PRO C 116 -32.70 -35.60 15.17
N PRO C 117 -31.91 -35.38 14.11
CA PRO C 117 -30.83 -36.32 13.78
C PRO C 117 -29.84 -36.45 14.94
N GLN C 118 -29.40 -37.69 15.18
CA GLN C 118 -28.61 -38.01 16.37
C GLN C 118 -27.16 -38.36 16.09
N LEU C 119 -26.81 -38.72 14.85
CA LEU C 119 -25.47 -39.18 14.53
C LEU C 119 -24.78 -38.25 13.55
N MET C 120 -23.50 -37.98 13.81
CA MET C 120 -22.66 -37.14 12.96
C MET C 120 -21.37 -37.90 12.71
N CYS C 121 -21.03 -38.08 11.43
CA CYS C 121 -19.90 -38.92 11.03
C CYS C 121 -18.65 -38.06 10.94
N LEU C 122 -17.82 -38.08 11.98
CA LEU C 122 -16.55 -37.35 11.96
C LEU C 122 -15.58 -37.98 10.96
N MET C 123 -15.46 -39.30 10.99
CA MET C 123 -14.55 -40.03 10.13
C MET C 123 -15.21 -41.36 9.75
N PRO C 124 -14.75 -42.00 8.67
CA PRO C 124 -15.47 -43.17 8.14
C PRO C 124 -15.78 -44.27 9.15
N GLY C 125 -15.02 -44.40 10.23
CA GLY C 125 -15.30 -45.45 11.18
C GLY C 125 -15.85 -44.94 12.50
N MET C 126 -16.48 -43.77 12.47
CA MET C 126 -16.75 -43.05 13.72
C MET C 126 -17.96 -42.15 13.56
N THR C 127 -18.83 -42.15 14.57
CA THR C 127 -20.02 -41.31 14.59
C THR C 127 -20.17 -40.68 15.96
N LEU C 128 -20.39 -39.36 15.99
CA LEU C 128 -20.57 -38.63 17.23
C LEU C 128 -22.07 -38.52 17.52
N HIS C 129 -22.49 -39.04 18.67
CA HIS C 129 -23.90 -39.04 19.02
C HIS C 129 -24.32 -37.69 19.59
N ARG C 130 -25.60 -37.36 19.38
CA ARG C 130 -26.10 -36.05 19.80
C ARG C 130 -26.02 -35.88 21.31
N ASN C 131 -26.22 -36.95 22.07
CA ASN C 131 -26.14 -36.86 23.53
C ASN C 131 -24.74 -36.46 23.99
N SER C 132 -23.71 -36.84 23.24
CA SER C 132 -22.36 -36.41 23.58
C SER C 132 -22.17 -34.92 23.32
N ALA C 133 -22.81 -34.40 22.27
CA ALA C 133 -22.71 -32.97 21.98
C ALA C 133 -23.48 -32.14 23.01
N LEU C 134 -24.54 -32.70 23.58
CA LEU C 134 -25.28 -31.97 24.61
C LEU C 134 -24.45 -31.80 25.88
N GLN C 135 -23.64 -32.80 26.22
CA GLN C 135 -22.80 -32.70 27.41
C GLN C 135 -21.75 -31.61 27.25
N ALA C 136 -21.15 -31.51 26.07
CA ALA C 136 -20.13 -30.51 25.81
C ALA C 136 -20.70 -29.11 25.63
N GLY C 137 -22.02 -28.94 25.69
CA GLY C 137 -22.61 -27.64 25.49
C GLY C 137 -22.58 -27.16 24.06
N VAL C 138 -22.46 -28.07 23.10
CA VAL C 138 -22.40 -27.71 21.68
C VAL C 138 -23.53 -28.42 20.94
N GLY C 139 -24.69 -28.53 21.59
CA GLY C 139 -25.81 -29.20 20.95
C GLY C 139 -26.44 -28.39 19.83
N GLN C 140 -26.46 -27.07 19.96
CA GLN C 140 -27.05 -26.23 18.92
C GLN C 140 -26.27 -26.32 17.62
N ILE C 141 -24.95 -26.09 17.69
CA ILE C 141 -24.12 -26.17 16.49
C ILE C 141 -24.12 -27.58 15.92
N PHE C 142 -24.23 -28.59 16.79
CA PHE C 142 -24.38 -29.97 16.31
C PHE C 142 -25.65 -30.11 15.47
N ASP C 143 -26.75 -29.52 15.92
CA ASP C 143 -28.00 -29.61 15.17
C ASP C 143 -27.97 -28.75 13.91
N ARG C 144 -27.23 -27.63 13.94
CA ARG C 144 -27.14 -26.79 12.75
C ARG C 144 -26.39 -27.49 11.63
N VAL C 145 -25.37 -28.28 11.98
CA VAL C 145 -24.60 -29.00 10.96
C VAL C 145 -25.49 -30.01 10.24
N LEU C 146 -26.29 -30.76 11.00
CA LEU C 146 -27.06 -31.85 10.42
C LEU C 146 -28.34 -31.38 9.74
N SER C 147 -28.87 -30.21 10.11
CA SER C 147 -30.11 -29.73 9.52
C SER C 147 -29.85 -28.75 8.39
N GLU C 148 -29.03 -27.74 8.62
CA GLU C 148 -28.75 -26.73 7.60
C GLU C 148 -27.82 -27.23 6.50
N LEU C 149 -27.01 -28.25 6.79
CA LEU C 149 -26.05 -28.77 5.82
C LEU C 149 -26.37 -30.20 5.41
N SER C 150 -26.35 -31.16 6.35
CA SER C 150 -26.56 -32.56 6.00
C SER C 150 -27.97 -32.79 5.46
N LEU C 151 -28.98 -32.39 6.24
CA LEU C 151 -30.36 -32.62 5.82
C LEU C 151 -30.74 -31.78 4.62
N LYS C 152 -30.15 -30.58 4.49
CA LYS C 152 -30.48 -29.73 3.36
C LYS C 152 -29.87 -30.24 2.06
N MET C 153 -28.67 -30.82 2.14
CA MET C 153 -28.03 -31.35 0.93
C MET C 153 -28.70 -32.65 0.48
N ARG C 154 -29.24 -33.44 1.41
CA ARG C 154 -30.01 -34.62 1.01
C ARG C 154 -31.32 -34.21 0.33
N THR C 155 -32.01 -33.21 0.89
CA THR C 155 -33.22 -32.71 0.26
C THR C 155 -32.92 -32.16 -1.13
N LEU C 156 -31.82 -31.41 -1.27
CA LEU C 156 -31.42 -30.87 -2.56
C LEU C 156 -30.85 -31.94 -3.49
N ARG C 157 -30.62 -33.16 -3.00
CA ARG C 157 -30.08 -34.25 -3.81
C ARG C 157 -28.73 -33.86 -4.44
N VAL C 158 -27.83 -33.35 -3.60
CA VAL C 158 -26.52 -32.92 -4.07
C VAL C 158 -25.67 -34.14 -4.35
N ASP C 159 -25.09 -34.19 -5.56
CA ASP C 159 -24.22 -35.29 -5.93
C ASP C 159 -22.76 -34.95 -5.58
N GLN C 160 -21.87 -35.91 -5.83
CA GLN C 160 -20.47 -35.71 -5.48
C GLN C 160 -19.80 -34.70 -6.41
N ALA C 161 -20.29 -34.56 -7.63
CA ALA C 161 -19.72 -33.57 -8.55
C ALA C 161 -19.99 -32.15 -8.07
N GLU C 162 -21.20 -31.89 -7.58
CA GLU C 162 -21.51 -30.58 -7.02
C GLU C 162 -20.79 -30.36 -5.69
N TYR C 163 -20.54 -31.44 -4.93
CA TYR C 163 -19.87 -31.31 -3.65
C TYR C 163 -18.43 -30.86 -3.80
N VAL C 164 -17.70 -31.44 -4.75
CA VAL C 164 -16.30 -31.08 -4.92
C VAL C 164 -16.16 -29.69 -5.54
N ALA C 165 -17.15 -29.27 -6.33
CA ALA C 165 -17.11 -27.93 -6.89
C ALA C 165 -17.28 -26.87 -5.81
N LEU C 166 -18.15 -27.13 -4.84
CA LEU C 166 -18.31 -26.20 -3.73
C LEU C 166 -17.05 -26.16 -2.86
N LYS C 167 -16.38 -27.30 -2.70
CA LYS C 167 -15.12 -27.34 -1.94
C LYS C 167 -14.09 -26.39 -2.53
N ALA C 168 -13.95 -26.38 -3.86
CA ALA C 168 -13.03 -25.46 -4.49
C ALA C 168 -13.46 -24.01 -4.30
N ILE C 169 -14.76 -23.74 -4.33
CA ILE C 169 -15.25 -22.38 -4.14
C ILE C 169 -15.02 -21.93 -2.71
N ILE C 170 -15.14 -22.84 -1.74
CA ILE C 170 -14.86 -22.50 -0.35
C ILE C 170 -13.38 -22.14 -0.17
N LEU C 171 -12.49 -22.93 -0.79
CA LEU C 171 -11.06 -22.69 -0.63
C LEU C 171 -10.62 -21.43 -1.36
N LEU C 172 -11.03 -21.27 -2.63
CA LEU C 172 -10.60 -20.16 -3.45
C LEU C 172 -11.42 -18.90 -3.11
N ASN C 173 -11.10 -18.34 -1.94
CA ASN C 173 -11.79 -17.16 -1.44
C ASN C 173 -10.95 -15.93 -1.72
N PRO C 174 -11.33 -15.07 -2.67
CA PRO C 174 -10.53 -13.86 -2.92
C PRO C 174 -10.62 -12.84 -1.80
N ASP C 175 -11.66 -12.87 -0.97
CA ASP C 175 -11.85 -11.91 0.10
C ASP C 175 -11.01 -12.23 1.33
N VAL C 176 -10.13 -13.22 1.26
CA VAL C 176 -9.24 -13.52 2.37
C VAL C 176 -8.30 -12.34 2.58
N LYS C 177 -8.21 -11.89 3.83
CA LYS C 177 -7.40 -10.73 4.16
C LYS C 177 -5.92 -11.10 4.16
N GLY C 178 -5.11 -10.24 3.57
CA GLY C 178 -3.67 -10.45 3.51
C GLY C 178 -3.16 -11.07 2.23
N LEU C 179 -4.04 -11.38 1.29
CA LEU C 179 -3.60 -11.98 0.03
C LEU C 179 -2.75 -11.00 -0.76
N LYS C 180 -1.73 -11.55 -1.43
CA LYS C 180 -0.81 -10.73 -2.22
C LYS C 180 -1.33 -10.50 -3.64
N ASN C 181 -1.95 -11.50 -4.25
CA ASN C 181 -2.50 -11.41 -5.61
C ASN C 181 -3.96 -11.84 -5.53
N ARG C 182 -4.84 -10.88 -5.19
CA ARG C 182 -6.25 -11.18 -5.03
C ARG C 182 -6.89 -11.60 -6.34
N GLN C 183 -6.60 -10.88 -7.43
CA GLN C 183 -7.23 -11.19 -8.70
C GLN C 183 -6.78 -12.54 -9.27
N GLU C 184 -5.64 -13.06 -8.83
CA GLU C 184 -5.26 -14.40 -9.23
C GLU C 184 -6.18 -15.44 -8.61
N VAL C 185 -6.59 -15.23 -7.37
CA VAL C 185 -7.54 -16.13 -6.72
C VAL C 185 -8.93 -15.94 -7.32
N GLU C 186 -9.24 -14.73 -7.79
CA GLU C 186 -10.55 -14.49 -8.40
C GLU C 186 -10.74 -15.33 -9.65
N VAL C 187 -9.74 -15.33 -10.55
CA VAL C 187 -9.85 -16.08 -11.79
C VAL C 187 -10.09 -17.56 -11.52
N LEU C 188 -9.50 -18.08 -10.44
CA LEU C 188 -9.69 -19.49 -10.11
C LEU C 188 -11.11 -19.76 -9.62
N ARG C 189 -11.63 -18.90 -8.74
CA ARG C 189 -12.99 -19.09 -8.25
C ARG C 189 -14.01 -18.85 -9.37
N GLU C 190 -13.76 -17.86 -10.23
CA GLU C 190 -14.69 -17.58 -11.32
C GLU C 190 -14.77 -18.76 -12.30
N LYS C 191 -13.71 -19.56 -12.39
CA LYS C 191 -13.76 -20.76 -13.23
C LYS C 191 -14.70 -21.79 -12.63
N MET C 192 -14.68 -21.93 -11.29
CA MET C 192 -15.58 -22.89 -10.65
C MET C 192 -17.03 -22.47 -10.74
N PHE C 193 -17.30 -21.16 -10.73
CA PHE C 193 -18.67 -20.69 -10.98
C PHE C 193 -19.12 -21.08 -12.39
N LEU C 194 -18.19 -21.06 -13.34
CA LEU C 194 -18.52 -21.51 -14.70
C LEU C 194 -18.72 -23.01 -14.74
N CYS C 195 -17.88 -23.77 -14.02
CA CYS C 195 -18.00 -25.23 -14.03
C CYS C 195 -19.27 -25.68 -13.32
N LEU C 196 -19.62 -25.02 -12.21
CA LEU C 196 -20.80 -25.44 -11.46
C LEU C 196 -22.09 -25.12 -12.20
N ASP C 197 -22.15 -23.95 -12.85
CA ASP C 197 -23.34 -23.59 -13.61
C ASP C 197 -23.53 -24.52 -14.81
N GLU C 198 -22.43 -24.88 -15.47
CA GLU C 198 -22.52 -25.78 -16.61
C GLU C 198 -22.97 -27.17 -16.18
N TYR C 199 -22.50 -27.65 -15.03
CA TYR C 199 -22.92 -28.95 -14.54
C TYR C 199 -24.40 -28.95 -14.20
N CYS C 200 -24.89 -27.88 -13.57
CA CYS C 200 -26.30 -27.79 -13.24
C CYS C 200 -27.17 -27.66 -14.48
N ARG C 201 -26.67 -27.00 -15.52
CA ARG C 201 -27.48 -26.78 -16.71
C ARG C 201 -27.60 -28.04 -17.56
N ARG C 202 -26.52 -28.84 -17.63
CA ARG C 202 -26.56 -30.05 -18.44
C ARG C 202 -27.24 -31.21 -17.70
N SER C 203 -27.10 -31.28 -16.38
CA SER C 203 -27.65 -32.38 -15.60
C SER C 203 -29.07 -32.09 -15.12
N ARG C 204 -29.24 -30.98 -14.42
CA ARG C 204 -30.54 -30.60 -13.85
C ARG C 204 -31.08 -29.38 -14.60
N SER C 205 -31.40 -29.61 -15.88
CA SER C 205 -31.89 -28.51 -16.70
C SER C 205 -33.24 -28.01 -16.23
N SER C 206 -34.02 -28.86 -15.54
CA SER C 206 -35.31 -28.43 -15.03
C SER C 206 -35.14 -27.52 -13.82
N GLU C 207 -34.22 -27.86 -12.92
CA GLU C 207 -33.97 -27.07 -11.72
C GLU C 207 -33.18 -25.83 -12.11
N GLU C 208 -33.81 -24.66 -12.00
CA GLU C 208 -33.20 -23.41 -12.45
C GLU C 208 -32.62 -22.57 -11.32
N GLY C 209 -33.12 -22.74 -10.09
CA GLY C 209 -32.55 -22.07 -8.95
C GLY C 209 -31.51 -22.88 -8.21
N ARG C 210 -31.00 -23.95 -8.83
CA ARG C 210 -30.10 -24.85 -8.14
C ARG C 210 -28.73 -24.22 -7.93
N PHE C 211 -28.26 -23.44 -8.91
CA PHE C 211 -26.97 -22.76 -8.76
C PHE C 211 -26.97 -21.85 -7.54
N ALA C 212 -28.08 -21.15 -7.31
CA ALA C 212 -28.18 -20.33 -6.10
C ALA C 212 -28.44 -21.17 -4.87
N ALA C 213 -29.20 -22.27 -5.02
CA ALA C 213 -29.49 -23.13 -3.87
C ALA C 213 -28.23 -23.80 -3.34
N LEU C 214 -27.31 -24.19 -4.23
CA LEU C 214 -26.05 -24.77 -3.79
C LEU C 214 -25.19 -23.74 -3.06
N LEU C 215 -25.06 -22.55 -3.64
CA LEU C 215 -24.20 -21.52 -3.06
C LEU C 215 -24.77 -20.96 -1.77
N LEU C 216 -26.08 -21.10 -1.54
CA LEU C 216 -26.66 -20.64 -0.28
C LEU C 216 -26.18 -21.44 0.93
N ARG C 217 -25.57 -22.60 0.71
CA ARG C 217 -25.02 -23.38 1.81
C ARG C 217 -23.69 -22.83 2.30
N LEU C 218 -23.05 -21.95 1.54
CA LEU C 218 -21.78 -21.36 1.93
C LEU C 218 -21.95 -20.33 3.04
N PRO C 219 -22.95 -19.44 2.98
CA PRO C 219 -23.20 -18.58 4.15
C PRO C 219 -23.60 -19.37 5.38
N ALA C 220 -24.38 -20.44 5.20
CA ALA C 220 -24.73 -21.29 6.33
C ALA C 220 -23.51 -22.02 6.87
N LEU C 221 -22.59 -22.42 6.00
CA LEU C 221 -21.38 -23.07 6.46
C LEU C 221 -20.46 -22.09 7.20
N ARG C 222 -20.45 -20.82 6.79
CA ARG C 222 -19.59 -19.84 7.43
C ARG C 222 -20.03 -19.57 8.87
N SER C 223 -21.33 -19.36 9.08
CA SER C 223 -21.83 -19.08 10.42
C SER C 223 -21.59 -20.26 11.36
N ILE C 224 -21.76 -21.48 10.86
CA ILE C 224 -21.47 -22.66 11.66
C ILE C 224 -19.98 -22.76 11.95
N SER C 225 -19.15 -22.40 10.97
CA SER C 225 -17.70 -22.44 11.17
C SER C 225 -17.26 -21.41 12.21
N LEU C 226 -17.86 -20.21 12.17
CA LEU C 226 -17.52 -19.19 13.14
C LEU C 226 -17.96 -19.59 14.55
N LYS C 227 -19.11 -20.27 14.66
CA LYS C 227 -19.53 -20.77 15.95
C LYS C 227 -18.61 -21.87 16.47
N SER C 228 -17.99 -22.63 15.56
CA SER C 228 -17.04 -23.65 15.98
C SER C 228 -15.82 -23.03 16.66
N PHE C 229 -15.32 -21.92 16.11
CA PHE C 229 -14.16 -21.26 16.70
C PHE C 229 -14.48 -20.70 18.08
N GLU C 230 -15.73 -20.33 18.33
CA GLU C 230 -16.11 -19.80 19.63
C GLU C 230 -15.82 -20.81 20.73
N HIS C 231 -16.23 -22.07 20.53
CA HIS C 231 -15.95 -23.09 21.53
C HIS C 231 -14.51 -23.56 21.46
N LEU C 232 -13.94 -23.62 20.25
CA LEU C 232 -12.55 -24.06 20.12
C LEU C 232 -11.59 -23.10 20.82
N PHE C 233 -11.82 -21.79 20.67
CA PHE C 233 -10.98 -20.81 21.35
C PHE C 233 -11.27 -20.77 22.84
N PHE C 234 -12.48 -21.13 23.25
CA PHE C 234 -12.83 -21.08 24.67
C PHE C 234 -12.12 -22.18 25.45
N PHE C 235 -11.93 -23.35 24.83
CA PHE C 235 -11.23 -24.46 25.46
C PHE C 235 -9.77 -24.52 25.06
N HIS C 236 -9.28 -23.52 24.32
CA HIS C 236 -7.87 -23.42 23.92
C HIS C 236 -7.42 -24.68 23.18
N LEU C 237 -8.24 -25.10 22.21
CA LEU C 237 -7.94 -26.29 21.42
C LEU C 237 -7.22 -25.98 20.12
N VAL C 238 -7.09 -24.70 19.76
CA VAL C 238 -6.49 -24.31 18.48
C VAL C 238 -5.12 -23.68 18.76
N ALA C 239 -4.12 -24.10 18.00
CA ALA C 239 -2.79 -23.51 18.06
C ALA C 239 -2.60 -22.56 16.89
N ASP C 240 -3.35 -21.44 16.96
CA ASP C 240 -3.39 -20.48 15.87
C ASP C 240 -2.03 -19.82 15.64
N THR C 241 -1.14 -19.83 16.62
CA THR C 241 0.18 -19.24 16.45
C THR C 241 1.06 -20.05 15.51
N SER C 242 0.79 -21.35 15.36
CA SER C 242 1.63 -22.22 14.55
C SER C 242 0.90 -22.83 13.36
N ILE C 243 -0.39 -22.54 13.18
CA ILE C 243 -1.14 -23.16 12.09
C ILE C 243 -0.61 -22.70 10.74
N ALA C 244 -0.30 -21.41 10.61
CA ALA C 244 0.25 -20.91 9.35
C ALA C 244 1.57 -21.56 9.02
N GLY C 245 2.39 -21.88 10.04
CA GLY C 245 3.63 -22.59 9.78
C GLY C 245 3.39 -24.04 9.40
N TYR C 246 2.37 -24.67 9.99
CA TYR C 246 2.05 -26.06 9.66
C TYR C 246 1.70 -26.19 8.18
N ILE C 247 0.90 -25.26 7.65
CA ILE C 247 0.55 -25.30 6.24
C ILE C 247 1.77 -25.04 5.38
N ARG C 248 2.67 -24.16 5.83
CA ARG C 248 3.88 -23.86 5.08
C ARG C 248 4.76 -25.10 4.94
N ASP C 249 5.02 -25.78 6.05
CA ASP C 249 5.87 -26.97 6.00
C ASP C 249 5.18 -28.12 5.27
N ALA C 250 3.85 -28.22 5.39
CA ALA C 250 3.14 -29.30 4.72
C ALA C 250 3.19 -29.14 3.20
N LEU C 251 2.97 -27.92 2.70
CA LEU C 251 3.01 -27.69 1.26
C LEU C 251 4.37 -28.02 0.67
N ARG C 252 5.43 -27.94 1.47
CA ARG C 252 6.78 -28.20 0.98
C ARG C 252 7.21 -29.64 1.17
N ASN C 253 6.88 -30.25 2.31
CA ASN C 253 7.43 -31.54 2.69
C ASN C 253 6.46 -32.70 2.60
N HIS C 254 5.15 -32.45 2.70
CA HIS C 254 4.19 -33.55 2.72
C HIS C 254 4.22 -34.32 1.41
N ALA C 255 4.10 -35.64 1.51
CA ALA C 255 4.14 -36.48 0.33
C ALA C 255 2.86 -36.30 -0.49
N PRO C 256 2.93 -36.52 -1.81
CA PRO C 256 1.72 -36.46 -2.64
C PRO C 256 0.73 -37.53 -2.23
N PRO C 257 -0.55 -37.35 -2.51
CA PRO C 257 -1.55 -38.33 -2.05
C PRO C 257 -1.44 -39.63 -2.84
N ILE C 258 -1.47 -40.75 -2.11
CA ILE C 258 -1.43 -42.05 -2.76
C ILE C 258 -2.70 -42.28 -3.55
N ASP C 259 -2.57 -42.97 -4.68
CA ASP C 259 -3.69 -43.21 -5.59
C ASP C 259 -3.99 -44.69 -5.67
N THR C 260 -5.27 -45.02 -5.74
CA THR C 260 -5.71 -46.39 -5.97
C THR C 260 -5.93 -46.58 -7.46
N ASN C 261 -5.04 -47.33 -8.10
CA ASN C 261 -5.08 -47.53 -9.55
C ASN C 261 -6.34 -48.26 -9.99
N ASN D 20 23.24 18.09 -34.54
CA ASN D 20 22.36 17.06 -33.99
C ASN D 20 21.22 17.69 -33.20
N VAL D 21 21.50 18.07 -31.96
CA VAL D 21 20.53 18.67 -31.06
C VAL D 21 20.86 20.15 -30.92
N PRO D 22 19.89 21.05 -31.02
CA PRO D 22 20.17 22.47 -30.80
C PRO D 22 20.71 22.71 -29.41
N PRO D 23 21.94 23.22 -29.30
CA PRO D 23 22.58 23.35 -27.99
C PRO D 23 22.07 24.55 -27.22
N LEU D 24 22.42 24.57 -25.93
CA LEU D 24 22.09 25.70 -25.06
C LEU D 24 23.01 26.88 -25.36
N THR D 25 22.43 28.06 -25.55
CA THR D 25 23.22 29.25 -25.80
C THR D 25 23.96 29.67 -24.53
N ALA D 26 24.83 30.67 -24.70
CA ALA D 26 25.56 31.20 -23.55
C ALA D 26 24.62 31.86 -22.54
N ASN D 27 23.54 32.48 -23.02
CA ASN D 27 22.57 33.09 -22.11
C ASN D 27 21.81 32.04 -21.33
N GLN D 28 21.51 30.90 -21.96
CA GLN D 28 20.74 29.86 -21.30
C GLN D 28 21.60 29.06 -20.33
N LYS D 29 22.85 28.78 -20.70
CA LYS D 29 23.74 28.07 -19.79
C LYS D 29 24.05 28.90 -18.54
N SER D 30 24.13 30.23 -18.70
CA SER D 30 24.37 31.11 -17.55
C SER D 30 23.12 31.25 -16.69
N LEU D 31 21.95 31.30 -17.32
CA LEU D 31 20.71 31.39 -16.55
C LEU D 31 20.49 30.15 -15.70
N ILE D 32 20.77 28.97 -16.27
CA ILE D 32 20.66 27.74 -15.50
C ILE D 32 21.63 27.76 -14.32
N ALA D 33 22.87 28.17 -14.57
CA ALA D 33 23.86 28.25 -13.50
C ALA D 33 23.47 29.28 -12.45
N ARG D 34 22.78 30.35 -12.85
CA ARG D 34 22.35 31.36 -11.89
C ARG D 34 21.20 30.85 -11.02
N LEU D 35 20.25 30.14 -11.62
CA LEU D 35 19.07 29.70 -10.86
C LEU D 35 19.45 28.64 -9.83
N VAL D 36 20.28 27.67 -10.22
CA VAL D 36 20.69 26.64 -9.26
C VAL D 36 21.56 27.24 -8.17
N TYR D 37 22.32 28.29 -8.49
CA TYR D 37 23.19 28.91 -7.50
C TYR D 37 22.39 29.56 -6.37
N TYR D 38 21.36 30.34 -6.73
CA TYR D 38 20.60 31.06 -5.71
C TYR D 38 19.54 30.19 -5.06
N GLN D 39 18.99 29.21 -5.77
CA GLN D 39 17.99 28.34 -5.14
C GLN D 39 18.62 27.47 -4.06
N GLU D 40 19.92 27.19 -4.17
CA GLU D 40 20.61 26.45 -3.12
C GLU D 40 20.89 27.31 -1.89
N GLY D 41 21.04 28.63 -2.09
CA GLY D 41 21.25 29.51 -0.95
C GLY D 41 19.99 29.75 -0.15
N TYR D 42 18.82 29.63 -0.78
CA TYR D 42 17.55 29.80 -0.11
C TYR D 42 16.85 28.47 0.20
N GLU D 43 17.57 27.34 0.07
CA GLU D 43 17.01 26.07 0.49
C GLU D 43 16.80 26.04 2.00
N GLN D 44 17.73 26.61 2.75
CA GLN D 44 17.72 26.59 4.20
C GLN D 44 17.61 28.00 4.74
N PRO D 45 16.73 28.25 5.72
CA PRO D 45 16.59 29.61 6.26
C PRO D 45 17.82 30.05 7.02
N SER D 46 17.91 31.36 7.24
CA SER D 46 19.02 31.94 7.97
C SER D 46 18.80 31.79 9.47
N GLU D 47 19.88 31.45 10.19
CA GLU D 47 19.79 31.27 11.63
C GLU D 47 19.45 32.58 12.33
N GLU D 48 19.85 33.71 11.76
CA GLU D 48 19.51 35.00 12.34
C GLU D 48 18.03 35.31 12.17
N ASP D 49 17.48 35.06 10.97
CA ASP D 49 16.06 35.24 10.73
C ASP D 49 15.22 34.14 11.37
N LEU D 50 15.83 33.05 11.80
CA LEU D 50 15.08 31.95 12.42
C LEU D 50 14.43 32.37 13.73
N LYS D 51 15.18 33.09 14.57
CA LYS D 51 14.68 33.48 15.88
C LYS D 51 13.86 34.77 15.86
N ARG D 52 13.94 35.56 14.80
CA ARG D 52 13.22 36.82 14.76
C ARG D 52 11.73 36.63 14.52
N VAL D 53 11.36 35.74 13.59
CA VAL D 53 9.95 35.54 13.27
C VAL D 53 9.20 34.86 14.40
N THR D 54 9.91 34.20 15.32
CA THR D 54 9.26 33.55 16.45
C THR D 54 8.94 34.51 17.58
N GLN D 55 9.67 35.63 17.68
CA GLN D 55 9.45 36.59 18.75
C GLN D 55 8.25 37.48 18.51
N THR D 56 7.64 37.44 17.32
CA THR D 56 6.49 38.28 17.04
C THR D 56 5.26 37.82 17.81
N TRP D 57 4.99 36.51 17.78
CA TRP D 57 3.85 35.95 18.50
C TRP D 57 4.07 34.47 18.78
N ASP D 65 -3.91 23.84 23.55
CA ASP D 65 -3.59 25.10 24.22
C ASP D 65 -2.12 25.45 24.02
N SER D 66 -1.31 24.45 23.70
CA SER D 66 0.12 24.68 23.48
C SER D 66 0.36 25.54 22.25
N ASP D 67 -0.40 25.30 21.18
CA ASP D 67 -0.28 26.03 19.92
C ASP D 67 1.14 25.97 19.36
N MET D 68 1.85 24.89 19.66
CA MET D 68 3.23 24.72 19.22
C MET D 68 3.30 24.06 17.85
N PRO D 69 2.52 23.00 17.56
CA PRO D 69 2.51 22.49 16.18
C PRO D 69 2.06 23.52 15.16
N PHE D 70 1.06 24.33 15.50
CA PHE D 70 0.61 25.37 14.58
C PHE D 70 1.65 26.47 14.43
N ARG D 71 2.43 26.74 15.47
CA ARG D 71 3.44 27.78 15.39
C ARG D 71 4.63 27.35 14.55
N GLN D 72 5.06 26.10 14.70
CA GLN D 72 6.23 25.62 13.96
C GLN D 72 5.95 25.54 12.46
N ILE D 73 4.73 25.12 12.09
CA ILE D 73 4.36 25.06 10.68
C ILE D 73 4.31 26.45 10.09
N THR D 74 3.72 27.41 10.81
CA THR D 74 3.60 28.77 10.30
C THR D 74 4.95 29.49 10.30
N GLU D 75 5.75 29.29 11.35
CA GLU D 75 7.06 29.94 11.40
C GLU D 75 7.94 29.49 10.25
N MET D 76 7.96 28.18 9.96
CA MET D 76 8.74 27.70 8.84
C MET D 76 8.15 28.17 7.50
N THR D 77 6.83 28.34 7.45
CA THR D 77 6.22 28.87 6.24
C THR D 77 6.58 30.33 6.02
N ILE D 78 6.60 31.13 7.09
CA ILE D 78 7.03 32.52 6.98
C ILE D 78 8.45 32.61 6.46
N LEU D 79 9.36 31.84 7.06
CA LEU D 79 10.76 31.89 6.67
C LEU D 79 10.94 31.46 5.22
N THR D 80 10.29 30.36 4.83
CA THR D 80 10.45 29.85 3.47
C THR D 80 9.84 30.80 2.45
N VAL D 81 8.68 31.40 2.78
CA VAL D 81 8.06 32.37 1.87
C VAL D 81 8.97 33.57 1.70
N GLN D 82 9.61 34.02 2.78
CA GLN D 82 10.57 35.12 2.68
C GLN D 82 11.73 34.75 1.76
N LEU D 83 12.15 33.49 1.78
CA LEU D 83 13.21 33.05 0.87
C LEU D 83 12.71 32.96 -0.56
N ILE D 84 11.42 32.66 -0.75
CA ILE D 84 10.86 32.60 -2.11
C ILE D 84 10.81 34.00 -2.72
N VAL D 85 10.48 35.01 -1.92
CA VAL D 85 10.38 36.37 -2.43
C VAL D 85 11.77 36.90 -2.81
N GLU D 86 12.77 36.62 -1.98
CA GLU D 86 14.13 37.05 -2.30
C GLU D 86 14.65 36.36 -3.55
N PHE D 87 14.29 35.09 -3.74
CA PHE D 87 14.67 34.38 -4.96
C PHE D 87 13.98 34.98 -6.17
N ALA D 88 12.70 35.36 -6.03
CA ALA D 88 11.95 35.88 -7.15
C ALA D 88 12.34 37.32 -7.50
N LYS D 89 12.74 38.11 -6.51
CA LYS D 89 13.15 39.48 -6.79
C LYS D 89 14.45 39.54 -7.56
N GLY D 90 15.37 38.59 -7.30
CA GLY D 90 16.63 38.55 -8.03
C GLY D 90 16.55 37.67 -9.26
N LEU D 91 15.35 37.54 -9.83
CA LEU D 91 15.14 36.71 -11.00
C LEU D 91 15.18 37.57 -12.26
N PRO D 92 15.90 37.15 -13.29
CA PRO D 92 15.94 37.94 -14.54
C PRO D 92 14.55 38.15 -15.13
N GLY D 93 14.18 39.42 -15.29
CA GLY D 93 12.88 39.80 -15.79
C GLY D 93 11.95 40.38 -14.74
N PHE D 94 12.23 40.12 -13.45
CA PHE D 94 11.37 40.63 -12.39
C PHE D 94 11.45 42.14 -12.26
N SER D 95 12.54 42.75 -12.71
CA SER D 95 12.67 44.20 -12.66
C SER D 95 11.96 44.88 -13.82
N LYS D 96 11.66 44.16 -14.90
CA LYS D 96 11.01 44.76 -16.06
C LYS D 96 9.54 45.05 -15.82
N ILE D 97 8.92 44.36 -14.87
CA ILE D 97 7.49 44.50 -14.63
C ILE D 97 7.26 45.56 -13.56
N SER D 98 6.04 46.11 -13.54
CA SER D 98 5.70 47.18 -12.62
C SER D 98 5.61 46.65 -11.19
N GLN D 99 5.57 47.59 -10.24
CA GLN D 99 5.49 47.21 -8.83
C GLN D 99 4.17 46.51 -8.53
N SER D 100 3.08 46.95 -9.16
CA SER D 100 1.79 46.32 -8.93
C SER D 100 1.76 44.90 -9.48
N ASP D 101 2.50 44.64 -10.57
CA ASP D 101 2.58 43.29 -11.11
C ASP D 101 3.55 42.42 -10.33
N GLN D 102 4.58 43.02 -9.72
CA GLN D 102 5.49 42.24 -8.88
C GLN D 102 4.75 41.67 -7.68
N ILE D 103 3.92 42.48 -7.02
CA ILE D 103 3.19 41.99 -5.85
C ILE D 103 2.16 40.96 -6.27
N THR D 104 1.54 41.13 -7.44
CA THR D 104 0.55 40.16 -7.91
C THR D 104 1.18 38.80 -8.16
N LEU D 105 2.39 38.78 -8.72
CA LEU D 105 3.08 37.52 -8.95
C LEU D 105 3.60 36.91 -7.65
N LEU D 106 4.07 37.75 -6.73
CA LEU D 106 4.58 37.26 -5.46
C LEU D 106 3.47 36.69 -4.59
N LYS D 107 2.28 37.31 -4.62
CA LYS D 107 1.17 36.81 -3.84
C LYS D 107 0.71 35.45 -4.33
N ALA D 108 0.67 35.25 -5.64
CA ALA D 108 0.11 34.03 -6.20
C ALA D 108 1.09 32.86 -6.12
N CYS D 109 2.35 33.09 -6.45
CA CYS D 109 3.33 32.01 -6.49
C CYS D 109 3.80 31.58 -5.11
N SER D 110 3.54 32.37 -4.07
CA SER D 110 4.05 32.06 -2.74
C SER D 110 3.58 30.68 -2.27
N SER D 111 2.26 30.44 -2.32
CA SER D 111 1.73 29.18 -1.83
C SER D 111 2.14 28.01 -2.74
N GLU D 112 2.18 28.25 -4.05
CA GLU D 112 2.47 27.15 -4.98
C GLU D 112 3.95 26.76 -4.93
N VAL D 113 4.84 27.75 -4.86
CA VAL D 113 6.25 27.43 -4.71
C VAL D 113 6.53 26.76 -3.37
N MET D 114 5.75 27.12 -2.34
CA MET D 114 5.86 26.44 -1.06
C MET D 114 5.60 24.94 -1.21
N MET D 115 4.65 24.57 -2.06
CA MET D 115 4.39 23.15 -2.30
C MET D 115 5.57 22.48 -2.98
N LEU D 116 6.31 23.21 -3.82
CA LEU D 116 7.48 22.65 -4.47
C LEU D 116 8.66 22.54 -3.50
N ARG D 117 8.84 23.55 -2.63
CA ARG D 117 9.91 23.50 -1.65
CA ARG D 117 9.91 23.50 -1.65
C ARG D 117 9.75 22.29 -0.73
N VAL D 118 8.55 22.04 -0.25
CA VAL D 118 8.31 20.93 0.67
C VAL D 118 8.41 19.60 -0.07
N ALA D 119 7.80 19.51 -1.26
CA ALA D 119 7.87 18.28 -2.04
C ALA D 119 9.29 17.95 -2.48
N ARG D 120 10.15 18.96 -2.59
CA ARG D 120 11.55 18.71 -2.95
C ARG D 120 12.29 17.98 -1.84
N ARG D 121 11.83 18.07 -0.60
CA ARG D 121 12.47 17.44 0.54
C ARG D 121 11.77 16.15 0.98
N TYR D 122 11.14 15.46 0.03
CA TYR D 122 10.44 14.22 0.35
C TYR D 122 11.42 13.06 0.40
N ASP D 123 11.38 12.30 1.49
CA ASP D 123 12.24 11.13 1.68
C ASP D 123 11.43 9.87 1.37
N ALA D 124 11.87 9.12 0.35
CA ALA D 124 11.11 7.96 -0.09
C ALA D 124 11.12 6.86 0.96
N ALA D 125 12.22 6.71 1.69
CA ALA D 125 12.34 5.61 2.65
C ALA D 125 11.36 5.78 3.80
N THR D 126 11.32 6.97 4.40
CA THR D 126 10.46 7.23 5.53
C THR D 126 9.07 7.73 5.14
N ASP D 127 8.86 8.07 3.87
CA ASP D 127 7.59 8.60 3.38
C ASP D 127 7.15 9.81 4.21
N SER D 128 8.04 10.80 4.28
CA SER D 128 7.79 12.01 5.04
C SER D 128 8.61 13.15 4.44
N VAL D 129 8.54 14.30 5.09
CA VAL D 129 9.26 15.50 4.65
C VAL D 129 10.43 15.73 5.60
N LEU D 130 11.65 15.71 5.05
CA LEU D 130 12.86 15.92 5.83
C LEU D 130 13.37 17.34 5.54
N PHE D 131 13.11 18.25 6.48
CA PHE D 131 13.48 19.65 6.34
C PHE D 131 14.64 20.03 7.25
N ALA D 132 15.56 19.09 7.50
CA ALA D 132 16.67 19.26 8.42
C ALA D 132 16.17 19.60 9.82
N ASN D 133 15.42 20.69 9.96
CA ASN D 133 14.73 20.97 11.20
C ASN D 133 13.79 19.81 11.56
N ASN D 134 13.01 19.35 10.59
CA ASN D 134 12.20 18.13 10.71
C ASN D 134 11.23 18.20 11.89
N GLN D 135 10.75 19.39 12.22
CA GLN D 135 9.82 19.56 13.32
C GLN D 135 8.51 20.20 12.91
N ALA D 136 8.44 20.88 11.77
CA ALA D 136 7.23 21.57 11.35
C ALA D 136 6.33 20.67 10.51
N TYR D 137 6.82 20.22 9.35
CA TYR D 137 6.00 19.50 8.37
C TYR D 137 6.03 18.00 8.67
N THR D 138 5.33 17.63 9.73
CA THR D 138 5.23 16.24 10.16
C THR D 138 3.77 15.85 10.29
N ARG D 139 3.51 14.54 10.21
CA ARG D 139 2.15 14.03 10.42
C ARG D 139 1.66 14.36 11.83
N ASP D 140 2.56 14.33 12.81
CA ASP D 140 2.16 14.55 14.19
C ASP D 140 1.74 15.99 14.44
N ASN D 141 2.49 16.95 13.89
CA ASN D 141 2.14 18.35 14.10
C ASN D 141 0.86 18.74 13.36
N TYR D 142 0.61 18.12 12.20
CA TYR D 142 -0.62 18.43 11.48
C TYR D 142 -1.85 17.81 12.15
N ARG D 143 -1.69 16.66 12.79
CA ARG D 143 -2.81 16.06 13.51
C ARG D 143 -3.12 16.82 14.79
N LYS D 144 -2.08 17.30 15.48
CA LYS D 144 -2.31 18.07 16.70
C LYS D 144 -2.87 19.45 16.41
N ALA D 145 -2.56 20.02 15.24
CA ALA D 145 -3.07 21.32 14.84
C ALA D 145 -4.45 21.25 14.20
N GLY D 146 -5.06 20.06 14.16
CA GLY D 146 -6.37 19.89 13.58
C GLY D 146 -6.40 19.70 12.08
N MET D 147 -5.27 19.83 11.41
CA MET D 147 -5.20 19.70 9.94
C MET D 147 -4.66 18.33 9.55
N ALA D 148 -5.29 17.27 10.05
CA ALA D 148 -4.83 15.91 9.77
C ALA D 148 -5.11 15.51 8.33
N TYR D 149 -6.21 15.99 7.75
CA TYR D 149 -6.56 15.65 6.38
C TYR D 149 -5.65 16.33 5.37
N VAL D 150 -5.02 17.45 5.74
CA VAL D 150 -4.24 18.22 4.78
C VAL D 150 -2.94 17.51 4.43
N ILE D 151 -2.28 16.91 5.43
CA ILE D 151 -0.95 16.35 5.21
C ILE D 151 -0.99 15.20 4.20
N GLU D 152 -2.10 14.46 4.15
CA GLU D 152 -2.20 13.38 3.19
C GLU D 152 -2.31 13.89 1.77
N ASP D 153 -2.99 15.03 1.56
CA ASP D 153 -3.02 15.64 0.24
C ASP D 153 -1.65 16.16 -0.15
N LEU D 154 -0.90 16.70 0.82
CA LEU D 154 0.46 17.16 0.55
C LEU D 154 1.39 16.00 0.25
N LEU D 155 1.29 14.92 1.02
CA LEU D 155 2.16 13.76 0.80
C LEU D 155 1.90 13.11 -0.55
N HIS D 156 0.66 13.14 -1.02
CA HIS D 156 0.35 12.58 -2.34
C HIS D 156 1.06 13.37 -3.44
N PHE D 157 1.05 14.71 -3.33
CA PHE D 157 1.79 15.52 -4.30
C PHE D 157 3.30 15.30 -4.17
N CYS D 158 3.78 15.05 -2.95
CA CYS D 158 5.21 14.78 -2.76
C CYS D 158 5.61 13.49 -3.46
N ARG D 159 4.81 12.43 -3.30
CA ARG D 159 5.13 11.16 -3.95
C ARG D 159 5.01 11.27 -5.47
N CYS D 160 4.02 12.02 -5.95
CA CYS D 160 3.85 12.19 -7.39
C CYS D 160 5.03 12.95 -7.99
N MET D 161 5.45 14.03 -7.33
CA MET D 161 6.56 14.81 -7.85
C MET D 161 7.89 14.09 -7.67
N TYR D 162 8.01 13.26 -6.63
CA TYR D 162 9.24 12.51 -6.43
C TYR D 162 9.45 11.47 -7.52
N SER D 163 8.37 10.91 -8.07
CA SER D 163 8.49 9.92 -9.12
C SER D 163 8.98 10.51 -10.43
N MET D 164 8.97 11.85 -10.58
CA MET D 164 9.44 12.47 -11.81
C MET D 164 10.96 12.58 -11.86
N MET D 165 11.63 12.57 -10.71
CA MET D 165 13.10 12.57 -10.64
C MET D 165 13.68 13.80 -11.34
N MET D 166 13.14 14.97 -11.01
CA MET D 166 13.66 16.22 -11.56
C MET D 166 14.99 16.55 -10.90
N ASP D 167 15.98 16.93 -11.71
CA ASP D 167 17.22 17.45 -11.17
C ASP D 167 17.03 18.89 -10.70
N ASN D 168 18.10 19.48 -10.19
CA ASN D 168 18.01 20.86 -9.71
C ASN D 168 17.76 21.85 -10.84
N VAL D 169 18.00 21.45 -12.09
CA VAL D 169 17.76 22.35 -13.22
C VAL D 169 16.27 22.35 -13.59
N HIS D 170 15.68 21.16 -13.71
CA HIS D 170 14.24 21.07 -13.92
C HIS D 170 13.48 21.81 -12.84
N TYR D 171 13.88 21.59 -11.57
CA TYR D 171 13.15 22.15 -10.45
C TYR D 171 13.30 23.67 -10.38
N ALA D 172 14.51 24.20 -10.64
CA ALA D 172 14.72 25.63 -10.58
C ALA D 172 14.02 26.35 -11.73
N LEU D 173 14.13 25.81 -12.94
CA LEU D 173 13.43 26.41 -14.08
C LEU D 173 11.92 26.36 -13.89
N LEU D 174 11.42 25.25 -13.34
CA LEU D 174 9.99 25.16 -13.04
C LEU D 174 9.57 26.25 -12.06
N THR D 175 10.40 26.52 -11.04
CA THR D 175 10.07 27.55 -10.06
C THR D 175 9.91 28.92 -10.72
N ALA D 176 10.80 29.24 -11.67
CA ALA D 176 10.69 30.51 -12.37
C ALA D 176 9.46 30.54 -13.26
N ILE D 177 9.11 29.40 -13.87
CA ILE D 177 7.92 29.35 -14.72
C ILE D 177 6.66 29.56 -13.89
N VAL D 178 6.66 29.09 -12.63
CA VAL D 178 5.51 29.31 -11.75
C VAL D 178 5.36 30.80 -11.44
N ILE D 179 6.49 31.48 -11.21
CA ILE D 179 6.42 32.88 -10.77
C ILE D 179 5.91 33.78 -11.88
N PHE D 180 6.35 33.55 -13.12
CA PHE D 180 5.94 34.35 -14.26
C PHE D 180 4.73 33.78 -14.97
N SER D 181 3.86 33.07 -14.26
CA SER D 181 2.64 32.55 -14.84
C SER D 181 1.60 33.65 -14.97
N ASP D 182 0.66 33.45 -15.89
CA ASP D 182 -0.42 34.41 -16.11
C ASP D 182 -1.36 34.39 -14.91
N ARG D 183 -1.42 35.49 -14.17
CA ARG D 183 -2.25 35.61 -13.00
C ARG D 183 -3.38 36.61 -13.23
N PRO D 184 -4.53 36.43 -12.58
CA PRO D 184 -5.60 37.42 -12.71
C PRO D 184 -5.20 38.75 -12.10
N GLY D 185 -5.59 39.83 -12.78
CA GLY D 185 -5.29 41.16 -12.29
C GLY D 185 -3.91 41.69 -12.63
N LEU D 186 -3.28 41.16 -13.68
CA LEU D 186 -1.99 41.66 -14.11
C LEU D 186 -2.16 42.85 -15.04
N GLU D 187 -1.32 43.87 -14.84
CA GLU D 187 -1.41 45.06 -15.68
C GLU D 187 -0.83 44.80 -17.07
N GLN D 188 0.27 44.05 -17.15
CA GLN D 188 0.94 43.75 -18.41
C GLN D 188 1.06 42.23 -18.54
N PRO D 189 -0.03 41.54 -18.88
CA PRO D 189 0.05 40.08 -19.04
C PRO D 189 0.93 39.66 -20.22
N SER D 190 0.94 40.45 -21.30
CA SER D 190 1.76 40.09 -22.46
C SER D 190 3.24 40.21 -22.15
N LEU D 191 3.62 41.06 -21.19
CA LEU D 191 5.02 41.20 -20.83
C LEU D 191 5.48 40.02 -19.98
N VAL D 192 4.68 39.64 -18.97
CA VAL D 192 5.02 38.51 -18.12
C VAL D 192 5.03 37.22 -18.94
N GLU D 193 4.20 37.14 -19.97
CA GLU D 193 4.18 35.96 -20.82
C GLU D 193 5.47 35.81 -21.61
N GLU D 194 6.03 36.94 -22.07
CA GLU D 194 7.31 36.89 -22.77
C GLU D 194 8.44 36.45 -21.83
N ILE D 195 8.40 36.92 -20.58
CA ILE D 195 9.41 36.53 -19.61
C ILE D 195 9.30 35.03 -19.30
N GLN D 196 8.07 34.53 -19.16
CA GLN D 196 7.89 33.11 -18.89
C GLN D 196 8.36 32.26 -20.06
N ARG D 197 8.08 32.71 -21.29
CA ARG D 197 8.54 31.97 -22.47
C ARG D 197 10.06 31.93 -22.54
N TYR D 198 10.73 32.92 -21.95
CA TYR D 198 12.19 32.93 -21.91
C TYR D 198 12.73 31.82 -21.02
N TYR D 199 11.99 31.45 -19.97
CA TYR D 199 12.39 30.32 -19.14
C TYR D 199 11.89 28.98 -19.68
N LEU D 200 10.73 28.98 -20.35
CA LEU D 200 10.21 27.75 -20.93
C LEU D 200 11.14 27.19 -21.99
N ASN D 201 11.65 28.06 -22.87
CA ASN D 201 12.55 27.59 -23.92
C ASN D 201 13.88 27.13 -23.35
N THR D 202 14.33 27.73 -22.24
CA THR D 202 15.53 27.23 -21.57
C THR D 202 15.31 25.82 -21.05
N LEU D 203 14.14 25.56 -20.47
CA LEU D 203 13.82 24.22 -20.01
C LEU D 203 13.65 23.25 -21.17
N ARG D 204 13.08 23.73 -22.28
CA ARG D 204 12.86 22.86 -23.43
C ARG D 204 14.19 22.40 -24.03
N VAL D 205 15.11 23.34 -24.25
CA VAL D 205 16.39 23.00 -24.86
C VAL D 205 17.23 22.16 -23.89
N TYR D 206 17.14 22.46 -22.59
CA TYR D 206 17.88 21.67 -21.61
C TYR D 206 17.45 20.20 -21.63
N ILE D 207 16.14 19.96 -21.70
CA ILE D 207 15.64 18.59 -21.80
C ILE D 207 16.07 17.95 -23.12
N LEU D 208 16.19 18.75 -24.18
CA LEU D 208 16.60 18.21 -25.48
C LEU D 208 18.05 17.73 -25.44
N ASN D 209 18.96 18.57 -24.94
CA ASN D 209 20.35 18.15 -24.86
C ASN D 209 20.55 17.04 -23.83
N GLN D 210 19.78 17.08 -22.74
CA GLN D 210 19.89 16.05 -21.71
C GLN D 210 19.52 14.68 -22.26
N ASN D 211 18.50 14.61 -23.12
CA ASN D 211 18.01 13.35 -23.67
C ASN D 211 18.47 13.11 -25.10
N SER D 212 19.43 13.90 -25.61
CA SER D 212 19.97 13.74 -26.95
C SER D 212 18.87 13.81 -28.01
N ALA D 213 17.92 14.73 -27.82
CA ALA D 213 16.79 14.92 -28.73
C ALA D 213 15.99 13.64 -28.93
N SER D 214 15.91 12.81 -27.90
CA SER D 214 15.07 11.62 -27.96
C SER D 214 13.61 12.03 -28.05
N PRO D 215 12.75 11.15 -28.57
CA PRO D 215 11.32 11.49 -28.63
C PRO D 215 10.73 11.82 -27.27
N ARG D 216 11.27 11.25 -26.19
CA ARG D 216 10.74 11.46 -24.85
C ARG D 216 10.96 12.87 -24.31
N SER D 217 11.60 13.76 -25.08
CA SER D 217 11.87 15.11 -24.58
C SER D 217 10.57 15.86 -24.33
N ALA D 218 9.57 15.67 -25.19
CA ALA D 218 8.27 16.31 -24.97
C ALA D 218 7.54 15.70 -23.78
N VAL D 219 7.76 14.41 -23.53
CA VAL D 219 7.12 13.76 -22.38
C VAL D 219 7.67 14.33 -21.08
N ILE D 220 8.99 14.45 -20.97
CA ILE D 220 9.59 15.05 -19.78
C ILE D 220 9.20 16.52 -19.68
N PHE D 221 9.16 17.22 -20.81
CA PHE D 221 8.74 18.61 -20.80
C PHE D 221 7.24 18.75 -20.52
N GLY D 222 6.45 17.76 -20.92
CA GLY D 222 5.01 17.83 -20.67
C GLY D 222 4.67 17.54 -19.22
N LYS D 223 5.32 16.54 -18.63
CA LYS D 223 5.04 16.20 -17.24
C LYS D 223 5.46 17.33 -16.29
N ILE D 224 6.52 18.06 -16.63
CA ILE D 224 6.92 19.20 -15.82
C ILE D 224 5.86 20.30 -15.91
N LEU D 225 5.37 20.57 -17.12
CA LEU D 225 4.30 21.55 -17.28
C LEU D 225 3.01 21.11 -16.62
N GLY D 226 2.82 19.80 -16.43
CA GLY D 226 1.68 19.28 -15.69
C GLY D 226 1.68 19.63 -14.22
N ILE D 227 2.88 19.87 -13.65
CA ILE D 227 2.95 20.28 -12.25
C ILE D 227 2.32 21.65 -12.06
N LEU D 228 2.42 22.52 -13.07
CA LEU D 228 1.78 23.83 -13.01
C LEU D 228 0.28 23.70 -12.75
N THR D 229 -0.35 22.70 -13.37
CA THR D 229 -1.78 22.51 -13.17
C THR D 229 -2.09 22.03 -11.77
N GLU D 230 -1.27 21.11 -11.24
CA GLU D 230 -1.59 20.48 -9.96
C GLU D 230 -1.34 21.40 -8.78
N ILE D 231 -0.33 22.27 -8.88
CA ILE D 231 -0.05 23.19 -7.78
C ILE D 231 -1.11 24.28 -7.70
N ARG D 232 -1.90 24.48 -8.75
CA ARG D 232 -3.04 25.38 -8.65
C ARG D 232 -4.04 24.88 -7.62
N THR D 233 -4.27 23.56 -7.57
CA THR D 233 -5.20 23.01 -6.60
C THR D 233 -4.67 23.16 -5.18
N LEU D 234 -3.39 22.85 -4.97
CA LEU D 234 -2.80 22.99 -3.64
C LEU D 234 -2.80 24.44 -3.18
N GLY D 235 -2.51 25.37 -4.09
CA GLY D 235 -2.62 26.78 -3.75
C GLY D 235 -4.05 27.19 -3.43
N MET D 236 -5.03 26.52 -4.05
CA MET D 236 -6.42 26.80 -3.72
C MET D 236 -6.80 26.19 -2.37
N GLN D 237 -6.25 25.02 -2.05
CA GLN D 237 -6.51 24.42 -0.74
C GLN D 237 -5.94 25.27 0.39
N ASN D 238 -4.80 25.91 0.15
CA ASN D 238 -4.22 26.79 1.17
C ASN D 238 -5.09 28.01 1.41
N SER D 239 -5.69 28.56 0.34
CA SER D 239 -6.57 29.71 0.52
C SER D 239 -7.83 29.34 1.28
N ASN D 240 -8.38 28.15 1.02
CA ASN D 240 -9.56 27.69 1.76
C ASN D 240 -9.21 27.35 3.20
N MET D 241 -8.00 26.82 3.44
CA MET D 241 -7.60 26.50 4.81
C MET D 241 -7.38 27.78 5.63
N CYS D 242 -6.78 28.80 5.02
CA CYS D 242 -6.56 30.05 5.74
C CYS D 242 -7.88 30.71 6.11
N ILE D 243 -8.89 30.59 5.25
CA ILE D 243 -10.21 31.14 5.57
C ILE D 243 -10.87 30.32 6.68
N SER D 244 -10.72 29.00 6.64
CA SER D 244 -11.29 28.17 7.70
C SER D 244 -10.62 28.43 9.04
N LEU D 245 -9.31 28.68 9.03
CA LEU D 245 -8.62 29.02 10.27
C LEU D 245 -9.06 30.38 10.79
N LYS D 246 -9.37 31.32 9.90
CA LYS D 246 -9.85 32.63 10.32
C LYS D 246 -11.27 32.55 10.88
N LEU D 247 -12.07 31.59 10.40
CA LEU D 247 -13.42 31.43 10.93
C LEU D 247 -13.40 30.82 12.32
N LYS D 248 -12.51 29.85 12.56
CA LYS D 248 -12.39 29.19 13.85
C LYS D 248 -11.56 29.99 14.86
N ASN D 249 -11.34 31.28 14.60
CA ASN D 249 -10.67 32.20 15.52
C ASN D 249 -9.23 31.77 15.84
N ARG D 250 -8.60 30.98 14.97
CA ARG D 250 -7.21 30.60 15.14
C ARG D 250 -6.32 31.66 14.51
N LYS D 251 -5.28 32.07 15.24
CA LYS D 251 -4.47 33.21 14.84
C LYS D 251 -3.46 32.79 13.78
N LEU D 252 -3.65 33.29 12.56
CA LEU D 252 -2.71 33.18 11.45
C LEU D 252 -1.73 34.34 11.48
N PRO D 253 -0.45 34.10 11.21
CA PRO D 253 0.52 35.18 11.29
C PRO D 253 0.18 36.30 10.34
N PRO D 254 0.52 37.54 10.69
CA PRO D 254 0.15 38.68 9.83
C PRO D 254 0.84 38.67 8.49
N PHE D 255 2.11 38.24 8.43
CA PHE D 255 2.81 38.22 7.15
C PHE D 255 2.18 37.23 6.18
N LEU D 256 1.65 36.12 6.69
CA LEU D 256 0.97 35.15 5.83
C LEU D 256 -0.43 35.62 5.45
N GLU D 257 -1.08 36.39 6.31
CA GLU D 257 -2.41 36.91 5.98
C GLU D 257 -2.35 37.97 4.89
N GLU D 258 -1.25 38.73 4.82
CA GLU D 258 -1.12 39.77 3.80
C GLU D 258 -0.63 39.22 2.48
N ILE D 259 0.35 38.30 2.53
CA ILE D 259 0.92 37.75 1.30
C ILE D 259 -0.10 36.92 0.53
N TRP D 260 -1.14 36.41 1.19
CA TRP D 260 -2.14 35.59 0.55
C TRP D 260 -3.52 36.22 0.55
N ASP D 261 -3.67 37.43 1.06
CA ASP D 261 -4.94 38.16 1.09
C ASP D 261 -6.03 37.33 1.77
N VAL D 262 -5.76 36.93 3.00
CA VAL D 262 -6.72 36.18 3.81
C VAL D 262 -7.66 37.18 4.47
N ALA D 263 -8.95 37.08 4.15
CA ALA D 263 -9.92 38.05 4.65
C ALA D 263 -10.18 37.81 6.14
N ASP D 264 -10.41 38.92 6.86
CA ASP D 264 -10.70 38.89 8.29
C ASP D 264 -12.18 38.54 8.50
N VAL D 265 -12.50 37.29 8.18
CA VAL D 265 -13.88 36.85 8.03
C VAL D 265 -14.44 36.37 9.36
N ALA D 266 -15.77 36.48 9.49
CA ALA D 266 -16.47 36.03 10.69
C ALA D 266 -17.18 34.70 10.43
N VAL E 21 22.91 -36.54 -3.60
CA VAL E 21 23.12 -35.55 -2.55
C VAL E 21 23.73 -36.20 -1.31
N PRO E 22 24.80 -35.61 -0.79
CA PRO E 22 25.42 -36.13 0.43
C PRO E 22 24.44 -36.11 1.59
N PRO E 23 24.31 -37.22 2.32
CA PRO E 23 23.28 -37.31 3.35
C PRO E 23 23.70 -36.64 4.66
N LEU E 24 22.70 -36.37 5.49
CA LEU E 24 22.94 -35.83 6.81
C LEU E 24 23.48 -36.92 7.74
N THR E 25 24.51 -36.57 8.51
CA THR E 25 25.05 -37.50 9.48
C THR E 25 24.10 -37.64 10.67
N ALA E 26 24.34 -38.68 11.48
CA ALA E 26 23.51 -38.89 12.67
C ALA E 26 23.69 -37.76 13.68
N ASN E 27 24.88 -37.18 13.76
CA ASN E 27 25.10 -36.05 14.67
C ASN E 27 24.36 -34.81 14.19
N GLN E 28 24.22 -34.64 12.87
CA GLN E 28 23.52 -33.49 12.35
C GLN E 28 22.00 -33.62 12.53
N LYS E 29 21.47 -34.83 12.32
CA LYS E 29 20.04 -35.05 12.56
C LYS E 29 19.69 -34.90 14.03
N SER E 30 20.58 -35.35 14.92
CA SER E 30 20.34 -35.19 16.36
C SER E 30 20.43 -33.73 16.76
N LEU E 31 21.35 -32.98 16.15
CA LEU E 31 21.45 -31.55 16.43
C LEU E 31 20.21 -30.81 15.95
N ILE E 32 19.72 -31.15 14.75
CA ILE E 32 18.48 -30.56 14.25
C ILE E 32 17.32 -30.91 15.18
N ALA E 33 17.26 -32.17 15.63
CA ALA E 33 16.18 -32.59 16.50
C ALA E 33 16.25 -31.93 17.87
N ARG E 34 17.47 -31.68 18.39
CA ARG E 34 17.60 -31.08 19.70
C ARG E 34 17.25 -29.58 19.67
N LEU E 35 17.51 -28.90 18.55
CA LEU E 35 17.26 -27.48 18.48
C LEU E 35 15.77 -27.19 18.35
N VAL E 36 15.10 -27.88 17.42
CA VAL E 36 13.66 -27.68 17.25
C VAL E 36 12.89 -28.07 18.50
N TYR E 37 13.37 -29.09 19.21
CA TYR E 37 12.71 -29.51 20.44
C TYR E 37 12.80 -28.42 21.51
N TYR E 38 14.00 -27.90 21.76
CA TYR E 38 14.18 -26.90 22.80
C TYR E 38 13.62 -25.55 22.37
N GLN E 39 13.76 -25.20 21.09
CA GLN E 39 13.21 -23.93 20.63
C GLN E 39 11.69 -23.91 20.76
N GLU E 40 11.03 -25.05 20.48
CA GLU E 40 9.60 -25.14 20.71
C GLU E 40 9.26 -24.98 22.19
N GLY E 41 10.19 -25.33 23.08
CA GLY E 41 9.96 -25.16 24.50
C GLY E 41 10.00 -23.71 24.93
N TYR E 42 10.89 -22.93 24.33
CA TYR E 42 11.04 -21.51 24.67
C TYR E 42 10.17 -20.61 23.80
N GLU E 43 9.34 -21.18 22.93
CA GLU E 43 8.44 -20.34 22.13
C GLU E 43 7.30 -19.77 22.98
N GLN E 44 6.82 -20.54 23.95
CA GLN E 44 5.68 -20.14 24.76
C GLN E 44 6.16 -19.49 26.04
N PRO E 45 5.94 -18.19 26.23
CA PRO E 45 6.31 -17.54 27.49
C PRO E 45 5.37 -17.95 28.61
N SER E 46 5.76 -17.56 29.84
CA SER E 46 4.95 -17.85 31.02
C SER E 46 5.19 -16.74 32.04
N GLU E 47 4.11 -16.07 32.45
CA GLU E 47 4.21 -14.94 33.37
C GLU E 47 4.89 -15.33 34.68
N ASP E 67 0.38 -1.15 34.79
CA ASP E 67 0.59 -1.76 33.49
C ASP E 67 0.56 -0.71 32.38
N MET E 68 1.65 0.04 32.25
CA MET E 68 1.77 1.04 31.20
C MET E 68 2.31 0.41 29.93
N PRO E 69 2.15 1.08 28.78
CA PRO E 69 2.67 0.49 27.53
C PRO E 69 4.16 0.18 27.56
N PHE E 70 4.97 1.07 28.16
CA PHE E 70 6.39 0.79 28.27
C PHE E 70 6.67 -0.38 29.21
N ARG E 71 5.76 -0.64 30.14
CA ARG E 71 5.94 -1.72 31.10
C ARG E 71 5.74 -3.09 30.44
N GLN E 72 4.67 -3.22 29.65
CA GLN E 72 4.38 -4.50 29.01
C GLN E 72 5.44 -4.87 27.99
N ILE E 73 5.96 -3.89 27.26
CA ILE E 73 7.00 -4.16 26.27
C ILE E 73 8.28 -4.64 26.94
N THR E 74 8.68 -3.95 28.00
CA THR E 74 9.93 -4.33 28.69
C THR E 74 9.76 -5.62 29.47
N GLU E 75 8.59 -5.83 30.09
CA GLU E 75 8.37 -7.06 30.84
C GLU E 75 8.38 -8.27 29.92
N MET E 76 7.85 -8.12 28.70
CA MET E 76 7.89 -9.21 27.73
C MET E 76 9.30 -9.46 27.24
N THR E 77 10.13 -8.41 27.15
CA THR E 77 11.51 -8.58 26.69
C THR E 77 12.35 -9.31 27.73
N ILE E 78 12.17 -8.99 29.01
CA ILE E 78 12.90 -9.68 30.07
C ILE E 78 12.59 -11.17 30.02
N LEU E 79 11.31 -11.52 29.90
CA LEU E 79 10.92 -12.93 29.90
C LEU E 79 11.50 -13.66 28.69
N THR E 80 11.47 -13.03 27.52
CA THR E 80 11.98 -13.70 26.32
C THR E 80 13.50 -13.77 26.32
N VAL E 81 14.17 -12.70 26.76
CA VAL E 81 15.63 -12.72 26.83
C VAL E 81 16.10 -13.81 27.79
N GLN E 82 15.39 -14.00 28.90
CA GLN E 82 15.71 -15.10 29.81
C GLN E 82 15.58 -16.44 29.10
N LEU E 83 14.54 -16.60 28.28
CA LEU E 83 14.38 -17.85 27.53
C LEU E 83 15.46 -18.01 26.47
N ILE E 84 15.98 -16.91 25.95
CA ILE E 84 17.04 -16.99 24.94
C ILE E 84 18.34 -17.46 25.59
N VAL E 85 18.62 -16.99 26.81
CA VAL E 85 19.85 -17.36 27.49
C VAL E 85 19.84 -18.85 27.82
N GLU E 86 18.72 -19.36 28.31
CA GLU E 86 18.62 -20.79 28.62
C GLU E 86 18.79 -21.64 27.37
N PHE E 87 18.29 -21.15 26.23
CA PHE E 87 18.49 -21.86 24.97
C PHE E 87 19.96 -21.85 24.57
N ALA E 88 20.65 -20.73 24.82
CA ALA E 88 22.04 -20.61 24.42
C ALA E 88 23.00 -21.32 25.37
N LYS E 89 22.65 -21.39 26.66
CA LYS E 89 23.53 -22.08 27.60
C LYS E 89 23.54 -23.58 27.39
N GLY E 90 22.40 -24.16 26.99
CA GLY E 90 22.33 -25.57 26.70
C GLY E 90 22.59 -25.89 25.24
N LEU E 91 23.30 -24.98 24.57
CA LEU E 91 23.62 -25.14 23.14
C LEU E 91 24.96 -25.85 22.99
N PRO E 92 25.05 -26.84 22.11
CA PRO E 92 26.32 -27.56 21.92
C PRO E 92 27.46 -26.61 21.56
N GLY E 93 28.54 -26.67 22.34
CA GLY E 93 29.69 -25.82 22.15
C GLY E 93 29.76 -24.64 23.10
N PHE E 94 28.66 -24.33 23.80
CA PHE E 94 28.66 -23.17 24.69
C PHE E 94 29.47 -23.44 25.96
N SER E 95 29.60 -24.71 26.35
CA SER E 95 30.38 -25.06 27.53
C SER E 95 31.88 -25.10 27.26
N LYS E 96 32.29 -25.08 25.99
CA LYS E 96 33.71 -25.13 25.66
C LYS E 96 34.39 -23.77 25.73
N ILE E 97 33.62 -22.69 25.66
CA ILE E 97 34.19 -21.34 25.68
C ILE E 97 34.23 -20.83 27.11
N SER E 98 35.09 -19.83 27.35
CA SER E 98 35.22 -19.25 28.66
C SER E 98 33.98 -18.44 29.03
N GLN E 99 33.80 -18.20 30.33
CA GLN E 99 32.64 -17.45 30.79
C GLN E 99 32.68 -16.01 30.30
N SER E 100 33.88 -15.42 30.22
CA SER E 100 33.99 -14.06 29.70
C SER E 100 33.57 -13.99 28.24
N ASP E 101 33.79 -15.06 27.47
CA ASP E 101 33.26 -15.13 26.12
C ASP E 101 31.78 -15.49 26.11
N GLN E 102 31.32 -16.27 27.09
CA GLN E 102 29.90 -16.55 27.19
C GLN E 102 29.10 -15.28 27.43
N ILE E 103 29.57 -14.42 28.34
CA ILE E 103 28.88 -13.17 28.60
C ILE E 103 28.94 -12.25 27.38
N THR E 104 30.09 -12.20 26.71
CA THR E 104 30.22 -11.36 25.53
C THR E 104 29.26 -11.79 24.43
N LEU E 105 29.09 -13.10 24.25
CA LEU E 105 28.17 -13.60 23.24
C LEU E 105 26.72 -13.37 23.65
N LEU E 106 26.40 -13.62 24.92
CA LEU E 106 25.02 -13.47 25.37
C LEU E 106 24.57 -12.02 25.34
N LYS E 107 25.45 -11.09 25.71
CA LYS E 107 25.08 -9.68 25.69
C LYS E 107 24.89 -9.16 24.27
N ALA E 108 25.60 -9.71 23.30
CA ALA E 108 25.52 -9.24 21.93
C ALA E 108 24.39 -9.90 21.14
N CYS E 109 24.17 -11.20 21.34
CA CYS E 109 23.16 -11.91 20.57
C CYS E 109 21.76 -11.77 21.13
N SER E 110 21.62 -11.31 22.39
CA SER E 110 20.31 -11.26 23.01
C SER E 110 19.37 -10.35 22.25
N SER E 111 19.82 -9.15 21.90
CA SER E 111 18.96 -8.20 21.20
C SER E 111 18.65 -8.66 19.78
N GLU E 112 19.63 -9.28 19.11
CA GLU E 112 19.43 -9.71 17.73
C GLU E 112 18.50 -10.92 17.66
N VAL E 113 18.67 -11.87 18.59
CA VAL E 113 17.77 -13.02 18.63
C VAL E 113 16.37 -12.59 19.03
N MET E 114 16.25 -11.51 19.81
CA MET E 114 14.94 -10.96 20.12
C MET E 114 14.18 -10.58 18.85
N MET E 115 14.89 -10.01 17.87
CA MET E 115 14.24 -9.66 16.61
C MET E 115 13.75 -10.91 15.88
N LEU E 116 14.49 -12.01 15.99
CA LEU E 116 14.07 -13.25 15.35
C LEU E 116 12.87 -13.87 16.09
N ARG E 117 12.82 -13.72 17.41
CA ARG E 117 11.70 -14.27 18.17
CA ARG E 117 11.70 -14.27 18.17
C ARG E 117 10.40 -13.55 17.84
N VAL E 118 10.44 -12.22 17.75
CA VAL E 118 9.24 -11.45 17.46
C VAL E 118 8.82 -11.64 16.00
N ALA E 119 9.78 -11.62 15.07
CA ALA E 119 9.44 -11.77 13.67
C ALA E 119 8.85 -13.15 13.37
N ARG E 120 9.23 -14.16 14.15
CA ARG E 120 8.68 -15.50 13.96
C ARG E 120 7.19 -15.55 14.26
N ARG E 121 6.67 -14.60 15.02
CA ARG E 121 5.26 -14.53 15.37
C ARG E 121 4.51 -13.48 14.56
N TYR E 122 4.95 -13.22 13.32
CA TYR E 122 4.27 -12.27 12.46
C TYR E 122 3.06 -12.92 11.80
N ASP E 123 1.91 -12.25 11.89
CA ASP E 123 0.67 -12.74 11.30
C ASP E 123 0.40 -11.96 10.02
N ALA E 124 0.39 -12.65 8.88
CA ALA E 124 0.24 -11.98 7.61
C ALA E 124 -1.18 -11.44 7.42
N ALA E 125 -2.18 -12.13 7.95
CA ALA E 125 -3.56 -11.70 7.75
C ALA E 125 -3.85 -10.36 8.42
N THR E 126 -3.35 -10.18 9.64
CA THR E 126 -3.56 -8.95 10.39
C THR E 126 -2.42 -7.95 10.25
N ASP E 127 -1.31 -8.34 9.62
CA ASP E 127 -0.12 -7.51 9.49
C ASP E 127 0.33 -6.99 10.86
N SER E 128 0.57 -7.94 11.76
CA SER E 128 0.95 -7.61 13.12
C SER E 128 1.67 -8.81 13.73
N VAL E 129 2.15 -8.64 14.96
CA VAL E 129 2.83 -9.69 15.70
C VAL E 129 1.84 -10.24 16.72
N LEU E 130 1.60 -11.55 16.68
CA LEU E 130 0.67 -12.22 17.58
C LEU E 130 1.46 -13.15 18.51
N PHE E 131 1.56 -12.75 19.77
CA PHE E 131 2.24 -13.53 20.80
C PHE E 131 1.21 -14.24 21.68
N ALA E 132 1.67 -14.77 22.81
CA ALA E 132 0.76 -15.39 23.76
C ALA E 132 -0.04 -14.33 24.51
N ASN E 133 0.64 -13.33 25.05
CA ASN E 133 -0.06 -12.22 25.68
C ASN E 133 -0.78 -11.35 24.65
N ASN E 134 -0.20 -11.20 23.46
CA ASN E 134 -0.81 -10.50 22.33
C ASN E 134 -1.09 -9.03 22.65
N GLN E 135 -0.41 -8.46 23.66
CA GLN E 135 -0.61 -7.08 24.04
C GLN E 135 0.68 -6.32 24.26
N ALA E 136 1.84 -6.98 24.19
CA ALA E 136 3.11 -6.28 24.45
C ALA E 136 3.63 -5.60 23.19
N TYR E 137 3.91 -6.39 22.15
CA TYR E 137 4.52 -5.87 20.92
C TYR E 137 3.43 -5.54 19.91
N THR E 138 2.69 -4.48 20.22
CA THR E 138 1.59 -4.01 19.39
C THR E 138 1.84 -2.57 18.95
N ARG E 139 1.16 -2.17 17.89
CA ARG E 139 1.27 -0.79 17.41
C ARG E 139 0.82 0.20 18.47
N ASP E 140 -0.30 -0.09 19.14
CA ASP E 140 -0.86 0.85 20.10
C ASP E 140 0.06 1.05 21.29
N ASN E 141 0.67 -0.03 21.80
CA ASN E 141 1.55 0.10 22.95
C ASN E 141 2.84 0.84 22.61
N TYR E 142 3.32 0.70 21.37
CA TYR E 142 4.54 1.42 20.99
C TYR E 142 4.26 2.89 20.71
N ARG E 143 3.08 3.24 20.21
CA ARG E 143 2.75 4.64 20.00
C ARG E 143 2.59 5.37 21.32
N LYS E 144 2.00 4.73 22.32
CA LYS E 144 1.78 5.38 23.60
C LYS E 144 3.06 5.54 24.41
N ALA E 145 4.02 4.64 24.20
CA ALA E 145 5.28 4.68 24.93
C ALA E 145 6.31 5.60 24.29
N GLY E 146 5.92 6.38 23.27
CA GLY E 146 6.82 7.28 22.59
C GLY E 146 7.63 6.66 21.49
N MET E 147 7.66 5.34 21.37
CA MET E 147 8.42 4.64 20.34
C MET E 147 7.54 4.26 19.17
N ALA E 148 6.85 5.25 18.59
CA ALA E 148 5.90 4.98 17.51
C ALA E 148 6.61 4.61 16.22
N TYR E 149 7.82 5.13 16.00
CA TYR E 149 8.57 4.81 14.79
C TYR E 149 9.29 3.47 14.89
N VAL E 150 9.54 3.00 16.11
CA VAL E 150 10.28 1.75 16.29
C VAL E 150 9.47 0.56 15.81
N ILE E 151 8.16 0.54 16.12
CA ILE E 151 7.33 -0.60 15.76
C ILE E 151 7.21 -0.74 14.25
N GLU E 152 7.25 0.37 13.52
CA GLU E 152 7.16 0.29 12.06
C GLU E 152 8.43 -0.30 11.45
N ASP E 153 9.59 -0.01 12.04
CA ASP E 153 10.83 -0.62 11.57
C ASP E 153 10.84 -2.12 11.84
N LEU E 154 10.32 -2.52 13.00
CA LEU E 154 10.28 -3.95 13.33
C LEU E 154 9.34 -4.70 12.39
N LEU E 155 8.17 -4.12 12.09
CA LEU E 155 7.22 -4.77 11.20
C LEU E 155 7.79 -4.94 9.80
N HIS E 156 8.61 -3.99 9.34
CA HIS E 156 9.27 -4.17 8.04
C HIS E 156 10.18 -5.38 8.04
N PHE E 157 10.92 -5.59 9.13
CA PHE E 157 11.75 -6.78 9.23
C PHE E 157 10.91 -8.05 9.31
N CYS E 158 9.74 -7.97 9.96
CA CYS E 158 8.88 -9.14 10.09
C CYS E 158 8.38 -9.60 8.73
N ARG E 159 7.87 -8.68 7.93
CA ARG E 159 7.37 -9.04 6.60
C ARG E 159 8.51 -9.43 5.67
N CYS E 160 9.71 -8.89 5.89
CA CYS E 160 10.86 -9.33 5.11
C CYS E 160 11.24 -10.76 5.44
N MET E 161 11.31 -11.09 6.73
CA MET E 161 11.66 -12.44 7.13
C MET E 161 10.53 -13.43 6.85
N TYR E 162 9.29 -12.96 6.89
CA TYR E 162 8.15 -13.84 6.62
C TYR E 162 8.15 -14.32 5.18
N SER E 163 8.67 -13.52 4.25
CA SER E 163 8.67 -13.90 2.84
C SER E 163 9.68 -14.99 2.52
N MET E 164 10.59 -15.32 3.45
CA MET E 164 11.59 -16.33 3.18
C MET E 164 11.07 -17.75 3.41
N MET E 165 9.98 -17.90 4.16
CA MET E 165 9.35 -19.21 4.38
C MET E 165 10.32 -20.19 5.02
N MET E 166 11.03 -19.71 6.04
CA MET E 166 11.94 -20.58 6.78
C MET E 166 11.16 -21.55 7.63
N ASP E 167 11.52 -22.84 7.56
CA ASP E 167 10.92 -23.82 8.45
C ASP E 167 11.55 -23.71 9.83
N ASN E 168 11.13 -24.57 10.75
CA ASN E 168 11.67 -24.52 12.10
C ASN E 168 13.14 -24.95 12.14
N VAL E 169 13.59 -25.73 11.16
CA VAL E 169 14.99 -26.14 11.11
C VAL E 169 15.86 -24.95 10.68
N HIS E 170 15.43 -24.24 9.64
CA HIS E 170 16.17 -23.05 9.20
C HIS E 170 16.27 -22.03 10.32
N TYR E 171 15.15 -21.74 10.98
CA TYR E 171 15.13 -20.70 12.00
C TYR E 171 15.94 -21.10 13.23
N ALA E 172 15.88 -22.37 13.61
CA ALA E 172 16.62 -22.83 14.79
C ALA E 172 18.12 -22.77 14.55
N LEU E 173 18.60 -23.34 13.43
CA LEU E 173 20.01 -23.29 13.11
C LEU E 173 20.49 -21.85 12.94
N LEU E 174 19.65 -21.00 12.33
CA LEU E 174 20.00 -19.59 12.20
C LEU E 174 20.23 -18.96 13.56
N THR E 175 19.40 -19.28 14.54
CA THR E 175 19.55 -18.71 15.87
C THR E 175 20.89 -19.08 16.49
N ALA E 176 21.35 -20.31 16.26
CA ALA E 176 22.66 -20.71 16.79
C ALA E 176 23.78 -19.97 16.07
N ILE E 177 23.61 -19.70 14.77
CA ILE E 177 24.63 -18.97 14.02
C ILE E 177 24.74 -17.52 14.52
N VAL E 178 23.62 -16.94 14.95
CA VAL E 178 23.67 -15.60 15.54
C VAL E 178 24.41 -15.63 16.88
N ILE E 179 24.14 -16.65 17.70
CA ILE E 179 24.73 -16.71 19.04
C ILE E 179 26.24 -16.88 18.94
N PHE E 180 26.71 -17.73 18.02
CA PHE E 180 28.13 -17.98 17.85
C PHE E 180 28.75 -17.14 16.75
N SER E 181 28.21 -15.94 16.50
CA SER E 181 28.81 -15.03 15.55
C SER E 181 29.98 -14.28 16.18
N ASP E 182 30.89 -13.83 15.32
CA ASP E 182 32.09 -13.15 15.79
C ASP E 182 31.72 -11.78 16.37
N ARG E 183 32.04 -11.57 17.63
CA ARG E 183 31.77 -10.32 18.33
C ARG E 183 33.09 -9.64 18.71
N PRO E 184 33.09 -8.32 18.82
CA PRO E 184 34.32 -7.62 19.24
C PRO E 184 34.69 -7.96 20.68
N GLY E 185 35.99 -8.16 20.90
CA GLY E 185 36.47 -8.41 22.24
C GLY E 185 36.33 -9.84 22.72
N LEU E 186 36.43 -10.82 21.83
CA LEU E 186 36.37 -12.22 22.23
C LEU E 186 37.77 -12.73 22.58
N GLU E 187 37.85 -13.48 23.68
CA GLU E 187 39.13 -14.03 24.10
C GLU E 187 39.61 -15.10 23.12
N GLN E 188 38.71 -15.98 22.69
CA GLN E 188 39.03 -17.05 21.75
C GLN E 188 38.10 -16.96 20.54
N PRO E 189 38.34 -15.99 19.64
CA PRO E 189 37.47 -15.87 18.46
C PRO E 189 37.60 -17.05 17.51
N SER E 190 38.79 -17.63 17.38
CA SER E 190 38.97 -18.77 16.49
C SER E 190 38.22 -20.00 16.97
N LEU E 191 38.00 -20.10 18.29
CA LEU E 191 37.26 -21.24 18.83
C LEU E 191 35.77 -21.12 18.53
N VAL E 192 35.19 -19.94 18.78
CA VAL E 192 33.77 -19.74 18.51
C VAL E 192 33.47 -19.91 17.03
N GLU E 193 34.42 -19.56 16.16
CA GLU E 193 34.23 -19.73 14.73
C GLU E 193 34.12 -21.20 14.36
N GLU E 194 34.89 -22.07 15.03
CA GLU E 194 34.77 -23.50 14.80
C GLU E 194 33.39 -23.99 15.22
N ILE E 195 32.86 -23.48 16.32
CA ILE E 195 31.55 -23.91 16.81
C ILE E 195 30.46 -23.43 15.86
N GLN E 196 30.55 -22.19 15.39
CA GLN E 196 29.56 -21.67 14.45
C GLN E 196 29.58 -22.45 13.15
N ARG E 197 30.77 -22.86 12.71
CA ARG E 197 30.88 -23.65 11.49
C ARG E 197 30.21 -25.01 11.62
N TYR E 198 30.12 -25.52 12.85
CA TYR E 198 29.41 -26.78 13.10
C TYR E 198 27.93 -26.65 12.83
N TYR E 199 27.36 -25.45 13.00
CA TYR E 199 25.96 -25.22 12.66
C TYR E 199 25.78 -24.74 11.23
N LEU E 200 26.74 -23.98 10.69
CA LEU E 200 26.66 -23.54 9.30
C LEU E 200 26.63 -24.73 8.35
N ASN E 201 27.52 -25.70 8.58
CA ASN E 201 27.56 -26.87 7.72
C ASN E 201 26.31 -27.73 7.88
N THR E 202 25.74 -27.77 9.09
CA THR E 202 24.48 -28.48 9.29
C THR E 202 23.36 -27.83 8.49
N LEU E 203 23.32 -26.49 8.47
CA LEU E 203 22.30 -25.79 7.69
C LEU E 203 22.51 -25.98 6.20
N ARG E 204 23.78 -25.98 5.75
CA ARG E 204 24.06 -26.17 4.34
C ARG E 204 23.62 -27.54 3.86
N VAL E 205 23.98 -28.59 4.60
CA VAL E 205 23.64 -29.95 4.20
C VAL E 205 22.13 -30.18 4.30
N TYR E 206 21.47 -29.53 5.26
CA TYR E 206 20.01 -29.66 5.36
C TYR E 206 19.32 -29.06 4.15
N ILE E 207 19.71 -27.85 3.76
CA ILE E 207 19.13 -27.20 2.58
C ILE E 207 19.45 -27.99 1.32
N LEU E 208 20.60 -28.65 1.29
CA LEU E 208 20.97 -29.44 0.11
C LEU E 208 20.07 -30.66 -0.04
N ASN E 209 19.81 -31.38 1.05
CA ASN E 209 18.99 -32.58 0.96
C ASN E 209 17.52 -32.24 0.77
N GLN E 210 17.05 -31.17 1.42
CA GLN E 210 15.65 -30.77 1.26
C GLN E 210 15.34 -30.35 -0.18
N ASN E 211 16.34 -29.82 -0.89
CA ASN E 211 16.16 -29.36 -2.26
C ASN E 211 16.85 -30.28 -3.26
N SER E 212 17.20 -31.50 -2.85
CA SER E 212 17.78 -32.52 -3.75
C SER E 212 19.03 -32.00 -4.46
N ALA E 213 19.87 -31.27 -3.72
CA ALA E 213 21.15 -30.77 -4.22
C ALA E 213 20.97 -29.89 -5.46
N SER E 214 19.83 -29.21 -5.57
CA SER E 214 19.63 -28.29 -6.68
C SER E 214 20.53 -27.06 -6.52
N PRO E 215 20.88 -26.40 -7.62
CA PRO E 215 21.69 -25.18 -7.50
C PRO E 215 21.04 -24.11 -6.64
N ARG E 216 19.71 -24.09 -6.57
CA ARG E 216 18.99 -23.10 -5.77
C ARG E 216 19.22 -23.27 -4.27
N SER E 217 19.92 -24.32 -3.85
CA SER E 217 20.21 -24.50 -2.43
C SER E 217 21.06 -23.36 -1.89
N ALA E 218 21.98 -22.83 -2.71
CA ALA E 218 22.79 -21.70 -2.26
C ALA E 218 21.96 -20.43 -2.12
N VAL E 219 20.89 -20.30 -2.91
CA VAL E 219 20.01 -19.14 -2.77
C VAL E 219 19.34 -19.13 -1.41
N ILE E 220 18.78 -20.28 -1.00
CA ILE E 220 18.18 -20.38 0.32
C ILE E 220 19.23 -20.19 1.40
N PHE E 221 20.40 -20.80 1.22
CA PHE E 221 21.47 -20.67 2.21
C PHE E 221 22.01 -19.26 2.25
N GLY E 222 22.04 -18.56 1.11
CA GLY E 222 22.54 -17.20 1.09
C GLY E 222 21.60 -16.21 1.75
N LYS E 223 20.29 -16.38 1.52
CA LYS E 223 19.32 -15.46 2.11
C LYS E 223 19.26 -15.63 3.62
N ILE E 224 19.39 -16.86 4.11
CA ILE E 224 19.39 -17.09 5.56
C ILE E 224 20.59 -16.42 6.20
N LEU E 225 21.77 -16.51 5.56
CA LEU E 225 22.95 -15.82 6.07
C LEU E 225 22.83 -14.30 5.92
N GLY E 226 21.99 -13.82 5.01
CA GLY E 226 21.75 -12.40 4.88
C GLY E 226 21.01 -11.80 6.06
N ILE E 227 20.22 -12.60 6.77
CA ILE E 227 19.51 -12.11 7.95
C ILE E 227 20.50 -11.69 9.04
N LEU E 228 21.66 -12.37 9.10
CA LEU E 228 22.69 -11.97 10.06
C LEU E 228 23.09 -10.52 9.87
N THR E 229 23.14 -10.06 8.62
CA THR E 229 23.51 -8.67 8.35
C THR E 229 22.42 -7.71 8.79
N GLU E 230 21.15 -8.10 8.65
CA GLU E 230 20.05 -7.18 8.90
C GLU E 230 19.75 -7.04 10.39
N ILE E 231 19.90 -8.11 11.17
CA ILE E 231 19.66 -8.00 12.61
C ILE E 231 20.76 -7.25 13.33
N ARG E 232 21.91 -7.02 12.68
CA ARG E 232 22.93 -6.16 13.26
C ARG E 232 22.42 -4.72 13.38
N THR E 233 21.67 -4.25 12.38
CA THR E 233 21.12 -2.90 12.43
C THR E 233 20.03 -2.80 13.49
N LEU E 234 19.14 -3.80 13.55
CA LEU E 234 18.07 -3.78 14.54
C LEU E 234 18.63 -3.85 15.95
N GLY E 235 19.63 -4.70 16.17
CA GLY E 235 20.29 -4.75 17.47
C GLY E 235 20.99 -3.44 17.81
N MET E 236 21.49 -2.74 16.79
CA MET E 236 22.11 -1.44 17.02
C MET E 236 21.07 -0.37 17.32
N GLN E 237 19.89 -0.47 16.71
CA GLN E 237 18.81 0.47 17.02
C GLN E 237 18.37 0.34 18.47
N ASN E 238 18.34 -0.89 18.99
CA ASN E 238 17.93 -1.11 20.37
C ASN E 238 18.92 -0.48 21.34
N SER E 239 20.22 -0.65 21.10
CA SER E 239 21.22 -0.10 22.00
C SER E 239 21.18 1.43 22.00
N ASN E 240 20.96 2.04 20.83
CA ASN E 240 20.80 3.49 20.77
C ASN E 240 19.48 3.94 21.36
N MET E 241 18.44 3.11 21.24
CA MET E 241 17.17 3.44 21.89
C MET E 241 17.31 3.36 23.41
N CYS E 242 18.08 2.38 23.91
CA CYS E 242 18.23 2.23 25.36
C CYS E 242 18.94 3.43 25.97
N ILE E 243 19.98 3.94 25.32
CA ILE E 243 20.67 5.10 25.86
C ILE E 243 19.81 6.35 25.73
N SER E 244 18.92 6.40 24.74
CA SER E 244 18.02 7.53 24.60
C SER E 244 16.93 7.49 25.66
N LEU E 245 16.52 6.30 26.08
CA LEU E 245 15.48 6.19 27.11
C LEU E 245 16.01 6.62 28.47
N LYS E 246 17.26 6.26 28.80
CA LYS E 246 17.84 6.70 30.06
C LYS E 246 18.10 8.21 30.07
N LEU E 247 18.39 8.78 28.90
CA LEU E 247 18.49 10.24 28.80
C LEU E 247 17.14 10.90 29.07
N LYS E 248 16.06 10.31 28.54
CA LYS E 248 14.71 10.78 28.80
C LYS E 248 14.16 10.25 30.14
N ASN E 249 15.01 9.67 30.98
CA ASN E 249 14.63 9.20 32.31
C ASN E 249 13.51 8.16 32.24
N ARG E 250 13.72 7.16 31.40
CA ARG E 250 12.78 6.05 31.30
C ARG E 250 13.17 4.94 32.26
N LYS E 251 12.17 4.23 32.77
CA LYS E 251 12.38 3.16 33.75
C LYS E 251 12.76 1.87 33.02
N LEU E 252 13.99 1.84 32.53
CA LEU E 252 14.51 0.64 31.91
C LEU E 252 14.80 -0.40 32.99
N PRO E 253 14.37 -1.65 32.82
CA PRO E 253 14.58 -2.65 33.86
C PRO E 253 16.06 -2.88 34.09
N PRO E 254 16.44 -3.32 35.29
CA PRO E 254 17.87 -3.52 35.58
C PRO E 254 18.52 -4.60 34.74
N PHE E 255 17.81 -5.71 34.50
CA PHE E 255 18.39 -6.79 33.70
C PHE E 255 18.60 -6.37 32.26
N LEU E 256 17.73 -5.50 31.72
CA LEU E 256 17.92 -5.03 30.36
C LEU E 256 19.00 -3.96 30.26
N GLU E 257 19.19 -3.16 31.31
CA GLU E 257 20.24 -2.16 31.29
C GLU E 257 21.62 -2.78 31.43
N GLU E 258 21.73 -3.89 32.16
CA GLU E 258 23.01 -4.55 32.35
C GLU E 258 23.42 -5.36 31.12
N ILE E 259 22.47 -6.07 30.51
CA ILE E 259 22.78 -6.95 29.39
C ILE E 259 23.17 -6.15 28.14
N TRP E 260 22.79 -4.88 28.06
CA TRP E 260 23.03 -4.07 26.88
C TRP E 260 23.96 -2.89 27.15
N ASP E 261 24.53 -2.79 28.35
CA ASP E 261 25.51 -1.78 28.71
C ASP E 261 25.00 -0.36 28.40
N VAL E 262 23.98 0.02 29.14
CA VAL E 262 23.35 1.32 28.96
C VAL E 262 23.91 2.31 29.98
N ASN F 20 -32.66 -15.18 -27.80
CA ASN F 20 -33.38 -16.21 -27.06
C ASN F 20 -33.00 -16.18 -25.58
N VAL F 21 -33.20 -15.03 -24.95
CA VAL F 21 -32.89 -14.83 -23.54
C VAL F 21 -34.20 -14.61 -22.79
N PRO F 22 -34.48 -15.35 -21.73
CA PRO F 22 -35.73 -15.15 -20.98
C PRO F 22 -35.81 -13.74 -20.41
N PRO F 23 -36.89 -13.04 -20.66
CA PRO F 23 -37.00 -11.64 -20.23
C PRO F 23 -37.51 -11.52 -18.80
N LEU F 24 -37.42 -10.30 -18.28
CA LEU F 24 -37.96 -9.97 -16.97
C LEU F 24 -39.46 -9.79 -17.06
N THR F 25 -40.19 -10.41 -16.12
CA THR F 25 -41.64 -10.27 -16.10
C THR F 25 -42.02 -8.90 -15.55
N ALA F 26 -43.32 -8.58 -15.62
CA ALA F 26 -43.81 -7.33 -15.07
C ALA F 26 -43.70 -7.32 -13.55
N ASN F 27 -43.87 -8.47 -12.91
CA ASN F 27 -43.72 -8.54 -11.46
C ASN F 27 -42.26 -8.35 -11.03
N GLN F 28 -41.32 -8.81 -11.86
CA GLN F 28 -39.92 -8.66 -11.54
C GLN F 28 -39.44 -7.23 -11.79
N LYS F 29 -39.87 -6.63 -12.90
CA LYS F 29 -39.49 -5.25 -13.18
C LYS F 29 -40.10 -4.29 -12.15
N SER F 30 -41.32 -4.59 -11.69
CA SER F 30 -41.94 -3.74 -10.68
C SER F 30 -41.25 -3.88 -9.34
N LEU F 31 -40.80 -5.09 -9.00
CA LEU F 31 -40.06 -5.28 -7.76
C LEU F 31 -38.72 -4.55 -7.81
N ILE F 32 -38.05 -4.58 -8.96
CA ILE F 32 -36.78 -3.88 -9.11
C ILE F 32 -36.98 -2.38 -8.90
N ALA F 33 -37.98 -1.80 -9.56
CA ALA F 33 -38.27 -0.38 -9.39
C ALA F 33 -38.70 -0.06 -7.98
N ARG F 34 -39.42 -0.99 -7.33
CA ARG F 34 -39.83 -0.79 -5.94
C ARG F 34 -38.62 -0.67 -5.02
N LEU F 35 -37.67 -1.60 -5.16
CA LEU F 35 -36.54 -1.64 -4.23
C LEU F 35 -35.61 -0.44 -4.43
N VAL F 36 -35.28 -0.12 -5.67
CA VAL F 36 -34.37 0.99 -5.94
C VAL F 36 -34.97 2.30 -5.46
N TYR F 37 -36.29 2.45 -5.60
CA TYR F 37 -36.95 3.67 -5.15
C TYR F 37 -36.87 3.82 -3.63
N TYR F 38 -37.26 2.78 -2.89
CA TYR F 38 -37.26 2.86 -1.43
C TYR F 38 -35.87 2.79 -0.83
N GLN F 39 -34.88 2.27 -1.56
CA GLN F 39 -33.52 2.26 -1.03
CA GLN F 39 -33.52 2.26 -1.04
C GLN F 39 -32.90 3.64 -1.08
N GLU F 40 -33.36 4.50 -2.00
CA GLU F 40 -32.88 5.88 -2.07
C GLU F 40 -33.49 6.73 -0.97
N GLY F 41 -34.72 6.41 -0.53
CA GLY F 41 -35.32 7.15 0.56
C GLY F 41 -34.68 6.84 1.91
N TYR F 42 -34.20 5.62 2.09
CA TYR F 42 -33.57 5.20 3.33
C TYR F 42 -32.06 5.13 3.23
N GLU F 43 -31.47 5.58 2.12
CA GLU F 43 -30.02 5.48 1.96
C GLU F 43 -29.28 6.38 2.92
N GLN F 44 -29.85 7.54 3.26
CA GLN F 44 -29.20 8.50 4.14
C GLN F 44 -30.25 9.05 5.10
N PRO F 45 -29.90 9.21 6.37
CA PRO F 45 -30.85 9.79 7.33
C PRO F 45 -31.14 11.24 7.00
N SER F 46 -32.25 11.72 7.55
CA SER F 46 -32.66 13.10 7.32
C SER F 46 -31.63 14.07 7.90
N GLU F 47 -31.33 15.12 7.13
CA GLU F 47 -30.38 16.13 7.57
C GLU F 47 -30.83 16.82 8.85
N GLU F 48 -32.14 16.81 9.13
CA GLU F 48 -32.64 17.44 10.35
C GLU F 48 -32.04 16.81 11.60
N ASP F 49 -31.87 15.49 11.60
CA ASP F 49 -31.25 14.83 12.73
C ASP F 49 -29.76 15.11 12.80
N LEU F 50 -29.13 15.40 11.67
CA LEU F 50 -27.70 15.66 11.61
C LEU F 50 -27.40 17.12 11.93
N ASP F 65 -10.51 16.53 21.33
CA ASP F 65 -10.87 17.09 22.63
C ASP F 65 -12.37 17.05 22.85
N SER F 66 -13.09 17.96 22.20
CA SER F 66 -14.53 18.04 22.39
C SER F 66 -15.28 16.94 21.64
N ASP F 67 -14.65 16.31 20.65
CA ASP F 67 -15.33 15.29 19.87
C ASP F 67 -15.54 14.03 20.70
N MET F 68 -16.71 13.41 20.54
CA MET F 68 -17.05 12.16 21.21
C MET F 68 -17.06 11.05 20.17
N PRO F 69 -15.95 10.32 20.00
CA PRO F 69 -15.88 9.37 18.87
C PRO F 69 -16.89 8.23 18.96
N PHE F 70 -17.00 7.59 20.12
CA PHE F 70 -17.95 6.48 20.25
C PHE F 70 -19.39 6.94 20.11
N ARG F 71 -19.68 8.19 20.52
CA ARG F 71 -21.04 8.71 20.36
C ARG F 71 -21.41 8.84 18.89
N GLN F 72 -20.50 9.39 18.08
CA GLN F 72 -20.82 9.61 16.67
C GLN F 72 -21.00 8.30 15.91
N ILE F 73 -20.27 7.26 16.30
CA ILE F 73 -20.37 5.98 15.61
C ILE F 73 -21.69 5.29 15.95
N THR F 74 -22.06 5.29 17.24
CA THR F 74 -23.27 4.59 17.65
C THR F 74 -24.53 5.29 17.18
N GLU F 75 -24.55 6.63 17.27
CA GLU F 75 -25.75 7.38 16.87
C GLU F 75 -26.03 7.20 15.39
N MET F 76 -24.99 7.19 14.55
CA MET F 76 -25.19 6.93 13.13
C MET F 76 -25.69 5.51 12.89
N THR F 77 -25.21 4.55 13.69
CA THR F 77 -25.68 3.18 13.56
C THR F 77 -27.14 3.06 14.01
N ILE F 78 -27.52 3.76 15.09
CA ILE F 78 -28.90 3.73 15.56
C ILE F 78 -29.83 4.25 14.48
N LEU F 79 -29.47 5.38 13.86
CA LEU F 79 -30.32 5.97 12.83
C LEU F 79 -30.37 5.09 11.59
N THR F 80 -29.24 4.49 11.21
CA THR F 80 -29.21 3.68 10.00
C THR F 80 -29.94 2.36 10.20
N VAL F 81 -29.80 1.75 11.37
CA VAL F 81 -30.50 0.49 11.66
C VAL F 81 -32.02 0.71 11.60
N GLN F 82 -32.48 1.85 12.10
CA GLN F 82 -33.91 2.17 12.00
C GLN F 82 -34.35 2.25 10.55
N LEU F 83 -33.51 2.82 9.68
CA LEU F 83 -33.82 2.86 8.25
C LEU F 83 -33.82 1.47 7.65
N ILE F 84 -32.97 0.57 8.15
CA ILE F 84 -32.96 -0.81 7.66
C ILE F 84 -34.23 -1.53 8.07
N VAL F 85 -34.71 -1.28 9.30
CA VAL F 85 -35.95 -1.91 9.75
C VAL F 85 -37.14 -1.38 8.96
N GLU F 86 -37.18 -0.07 8.71
CA GLU F 86 -38.28 0.51 7.94
C GLU F 86 -38.24 0.01 6.50
N PHE F 87 -37.06 -0.16 5.94
CA PHE F 87 -36.94 -0.68 4.58
C PHE F 87 -37.37 -2.15 4.51
N ALA F 88 -37.13 -2.92 5.57
CA ALA F 88 -37.48 -4.33 5.56
C ALA F 88 -38.97 -4.56 5.84
N LYS F 89 -39.62 -3.66 6.58
CA LYS F 89 -41.04 -3.83 6.86
C LYS F 89 -41.88 -3.67 5.60
N GLY F 90 -41.51 -2.74 4.74
CA GLY F 90 -42.23 -2.52 3.49
C GLY F 90 -41.73 -3.39 2.36
N LEU F 91 -41.08 -4.50 2.70
CA LEU F 91 -40.53 -5.41 1.70
C LEU F 91 -41.57 -6.47 1.34
N PRO F 92 -41.82 -6.71 0.05
CA PRO F 92 -42.81 -7.72 -0.34
C PRO F 92 -42.49 -9.09 0.23
N GLY F 93 -43.43 -9.62 1.00
CA GLY F 93 -43.27 -10.91 1.66
C GLY F 93 -43.04 -10.81 3.14
N PHE F 94 -42.68 -9.62 3.65
CA PHE F 94 -42.42 -9.46 5.08
C PHE F 94 -43.67 -9.59 5.92
N SER F 95 -44.84 -9.30 5.35
CA SER F 95 -46.11 -9.40 6.08
C SER F 95 -46.65 -10.82 6.13
N LYS F 96 -46.11 -11.74 5.32
CA LYS F 96 -46.60 -13.11 5.31
C LYS F 96 -46.08 -13.94 6.47
N ILE F 97 -44.94 -13.57 7.04
CA ILE F 97 -44.33 -14.34 8.13
C ILE F 97 -44.90 -13.90 9.46
N SER F 98 -44.66 -14.68 10.51
CA SER F 98 -45.13 -14.33 11.84
C SER F 98 -44.30 -13.18 12.42
N GLN F 99 -44.81 -12.60 13.50
CA GLN F 99 -44.11 -11.49 14.15
C GLN F 99 -42.80 -11.98 14.77
N SER F 100 -42.80 -13.17 15.36
CA SER F 100 -41.58 -13.72 15.94
C SER F 100 -40.55 -14.04 14.87
N ASP F 101 -41.00 -14.40 13.67
CA ASP F 101 -40.07 -14.56 12.56
C ASP F 101 -39.58 -13.20 12.05
N GLN F 102 -40.41 -12.17 12.14
CA GLN F 102 -39.97 -10.82 11.77
C GLN F 102 -38.84 -10.35 12.67
N ILE F 103 -38.97 -10.59 13.99
CA ILE F 103 -37.93 -10.16 14.92
C ILE F 103 -36.65 -10.97 14.71
N THR F 104 -36.79 -12.26 14.40
CA THR F 104 -35.62 -13.09 14.15
C THR F 104 -34.86 -12.62 12.91
N LEU F 105 -35.59 -12.24 11.86
CA LEU F 105 -34.94 -11.79 10.64
C LEU F 105 -34.31 -10.42 10.83
N LEU F 106 -34.97 -9.53 11.57
CA LEU F 106 -34.47 -8.17 11.71
C LEU F 106 -33.21 -8.10 12.57
N LYS F 107 -33.15 -8.89 13.64
CA LYS F 107 -31.97 -8.88 14.50
C LYS F 107 -30.75 -9.47 13.79
N ALA F 108 -30.97 -10.44 12.91
CA ALA F 108 -29.84 -11.11 12.26
C ALA F 108 -29.32 -10.34 11.06
N CYS F 109 -30.19 -9.62 10.34
CA CYS F 109 -29.79 -8.91 9.14
C CYS F 109 -29.34 -7.48 9.41
N SER F 110 -29.74 -6.89 10.54
CA SER F 110 -29.45 -5.48 10.80
C SER F 110 -27.95 -5.22 10.77
N SER F 111 -27.17 -6.05 11.46
CA SER F 111 -25.72 -5.85 11.49
C SER F 111 -25.09 -6.13 10.13
N GLU F 112 -25.61 -7.11 9.39
CA GLU F 112 -25.03 -7.45 8.10
C GLU F 112 -25.36 -6.40 7.06
N VAL F 113 -26.61 -5.90 7.04
CA VAL F 113 -26.97 -4.86 6.10
C VAL F 113 -26.24 -3.57 6.43
N MET F 114 -25.94 -3.33 7.71
CA MET F 114 -25.10 -2.19 8.07
C MET F 114 -23.77 -2.23 7.32
N MET F 115 -23.19 -3.43 7.17
CA MET F 115 -21.95 -3.55 6.40
C MET F 115 -22.18 -3.21 4.94
N LEU F 116 -23.35 -3.57 4.40
CA LEU F 116 -23.65 -3.22 3.01
C LEU F 116 -23.87 -1.72 2.84
N ARG F 117 -24.57 -1.09 3.79
CA ARG F 117 -24.80 0.34 3.71
CA ARG F 117 -24.80 0.34 3.71
C ARG F 117 -23.50 1.13 3.81
N VAL F 118 -22.62 0.73 4.72
CA VAL F 118 -21.35 1.42 4.89
C VAL F 118 -20.44 1.19 3.68
N ALA F 119 -20.39 -0.04 3.18
CA ALA F 119 -19.54 -0.35 2.04
C ALA F 119 -20.06 0.30 0.77
N ARG F 120 -21.38 0.55 0.69
CA ARG F 120 -21.93 1.22 -0.48
C ARG F 120 -21.51 2.68 -0.55
N ARG F 121 -21.19 3.28 0.60
CA ARG F 121 -20.74 4.66 0.68
C ARG F 121 -19.22 4.78 0.70
N TYR F 122 -18.52 3.80 0.12
CA TYR F 122 -17.07 3.83 0.09
C TYR F 122 -16.58 4.76 -1.02
N ASP F 123 -15.64 5.63 -0.66
CA ASP F 123 -15.03 6.57 -1.60
C ASP F 123 -13.64 6.06 -1.97
N ALA F 124 -13.42 5.78 -3.26
CA ALA F 124 -12.14 5.24 -3.68
C ALA F 124 -11.03 6.28 -3.64
N ALA F 125 -11.38 7.56 -3.82
CA ALA F 125 -10.36 8.60 -3.84
C ALA F 125 -9.73 8.80 -2.47
N THR F 126 -10.55 8.83 -1.42
CA THR F 126 -10.07 9.03 -0.07
C THR F 126 -9.82 7.73 0.69
N ASP F 127 -10.20 6.59 0.11
CA ASP F 127 -10.08 5.28 0.76
C ASP F 127 -10.72 5.31 2.15
N SER F 128 -11.97 5.76 2.20
CA SER F 128 -12.71 5.86 3.44
C SER F 128 -14.20 5.76 3.13
N VAL F 129 -15.02 5.91 4.16
CA VAL F 129 -16.47 5.86 4.03
C VAL F 129 -16.97 7.30 4.04
N LEU F 130 -17.50 7.74 2.89
CA LEU F 130 -18.03 9.10 2.73
C LEU F 130 -19.52 9.06 2.99
N PHE F 131 -19.91 9.22 4.25
CA PHE F 131 -21.30 9.16 4.66
C PHE F 131 -21.91 10.55 4.62
N ALA F 132 -23.16 10.68 5.07
CA ALA F 132 -23.80 11.99 5.14
C ALA F 132 -23.12 12.89 6.16
N ASN F 133 -22.83 12.34 7.35
CA ASN F 133 -22.10 13.11 8.35
C ASN F 133 -20.60 13.15 8.04
N ASN F 134 -20.06 12.08 7.48
CA ASN F 134 -18.64 11.97 7.11
C ASN F 134 -17.71 12.16 8.31
N GLN F 135 -18.26 12.09 9.53
CA GLN F 135 -17.46 12.19 10.74
C GLN F 135 -17.65 11.03 11.68
N ALA F 136 -18.53 10.07 11.35
CA ALA F 136 -18.78 8.93 12.21
C ALA F 136 -17.86 7.76 11.88
N TYR F 137 -17.98 7.22 10.67
CA TYR F 137 -17.22 6.03 10.26
C TYR F 137 -15.91 6.46 9.61
N THR F 138 -15.01 6.96 10.44
CA THR F 138 -13.69 7.39 10.00
C THR F 138 -12.62 6.67 10.81
N ARG F 139 -11.40 6.63 10.26
CA ARG F 139 -10.28 6.05 10.99
C ARG F 139 -10.02 6.81 12.27
N ASP F 140 -10.15 8.15 12.24
CA ASP F 140 -9.86 8.96 13.41
C ASP F 140 -10.83 8.67 14.54
N ASN F 141 -12.13 8.59 14.23
CA ASN F 141 -13.11 8.29 15.25
C ASN F 141 -12.99 6.85 15.74
N TYR F 142 -12.57 5.94 14.87
CA TYR F 142 -12.40 4.55 15.28
C TYR F 142 -11.12 4.33 16.07
N ARG F 143 -10.06 5.07 15.75
CA ARG F 143 -8.82 4.93 16.50
C ARG F 143 -8.90 5.63 17.85
N LYS F 144 -9.68 6.72 17.96
CA LYS F 144 -9.87 7.40 19.22
C LYS F 144 -10.83 6.67 20.15
N ALA F 145 -11.73 5.86 19.61
CA ALA F 145 -12.68 5.09 20.41
C ALA F 145 -12.13 3.75 20.84
N GLY F 146 -10.87 3.44 20.53
CA GLY F 146 -10.25 2.20 20.92
C GLY F 146 -10.38 1.06 19.92
N MET F 147 -11.19 1.24 18.88
CA MET F 147 -11.40 0.19 17.88
C MET F 147 -10.59 0.51 16.61
N ALA F 148 -9.28 0.62 16.80
CA ALA F 148 -8.40 0.98 15.68
C ALA F 148 -8.24 -0.17 14.69
N TYR F 149 -8.32 -1.42 15.17
CA TYR F 149 -8.19 -2.56 14.29
C TYR F 149 -9.48 -2.91 13.56
N VAL F 150 -10.63 -2.49 14.11
CA VAL F 150 -11.92 -2.84 13.52
C VAL F 150 -12.14 -2.11 12.19
N ILE F 151 -11.73 -0.84 12.12
CA ILE F 151 -12.00 -0.04 10.94
C ILE F 151 -11.29 -0.61 9.72
N GLU F 152 -10.14 -1.27 9.92
CA GLU F 152 -9.44 -1.87 8.78
C GLU F 152 -10.16 -3.11 8.26
N ASP F 153 -10.81 -3.87 9.15
CA ASP F 153 -11.60 -4.99 8.68
C ASP F 153 -12.81 -4.53 7.88
N LEU F 154 -13.43 -3.42 8.31
CA LEU F 154 -14.57 -2.87 7.58
C LEU F 154 -14.14 -2.33 6.23
N LEU F 155 -13.05 -1.54 6.21
CA LEU F 155 -12.60 -0.95 4.96
C LEU F 155 -12.13 -1.99 3.96
N HIS F 156 -11.60 -3.12 4.45
CA HIS F 156 -11.22 -4.20 3.54
C HIS F 156 -12.45 -4.76 2.82
N PHE F 157 -13.54 -4.95 3.56
CA PHE F 157 -14.79 -5.38 2.93
C PHE F 157 -15.32 -4.30 1.99
N CYS F 158 -15.08 -3.02 2.30
CA CYS F 158 -15.50 -1.96 1.41
C CYS F 158 -14.78 -2.03 0.07
N ARG F 159 -13.45 -2.19 0.10
CA ARG F 159 -12.70 -2.25 -1.13
C ARG F 159 -13.03 -3.50 -1.93
N CYS F 160 -13.30 -4.61 -1.24
CA CYS F 160 -13.65 -5.84 -1.94
C CYS F 160 -15.01 -5.72 -2.62
N MET F 161 -15.99 -5.12 -1.95
CA MET F 161 -17.31 -4.96 -2.54
C MET F 161 -17.32 -3.86 -3.59
N TYR F 162 -16.53 -2.81 -3.39
CA TYR F 162 -16.48 -1.71 -4.36
C TYR F 162 -15.91 -2.18 -5.69
N SER F 163 -15.01 -3.17 -5.67
CA SER F 163 -14.42 -3.67 -6.90
C SER F 163 -15.41 -4.48 -7.73
N MET F 164 -16.52 -4.90 -7.15
CA MET F 164 -17.50 -5.69 -7.89
C MET F 164 -18.38 -4.85 -8.81
N MET F 165 -18.48 -3.54 -8.55
CA MET F 165 -19.20 -2.61 -9.43
C MET F 165 -20.67 -2.99 -9.57
N MET F 166 -21.30 -3.27 -8.44
CA MET F 166 -22.73 -3.57 -8.44
C MET F 166 -23.53 -2.29 -8.66
N ASP F 167 -24.52 -2.34 -9.56
CA ASP F 167 -25.42 -1.22 -9.72
C ASP F 167 -26.43 -1.20 -8.58
N ASN F 168 -27.32 -0.21 -8.58
CA ASN F 168 -28.32 -0.11 -7.53
C ASN F 168 -29.35 -1.24 -7.60
N VAL F 169 -29.43 -1.96 -8.71
CA VAL F 169 -30.34 -3.11 -8.78
C VAL F 169 -29.70 -4.33 -8.11
N HIS F 170 -28.42 -4.59 -8.41
CA HIS F 170 -27.69 -5.65 -7.71
C HIS F 170 -27.72 -5.42 -6.20
N TYR F 171 -27.45 -4.18 -5.78
CA TYR F 171 -27.32 -3.88 -4.36
C TYR F 171 -28.68 -3.94 -3.66
N ALA F 172 -29.75 -3.51 -4.33
CA ALA F 172 -31.07 -3.53 -3.72
C ALA F 172 -31.60 -4.95 -3.59
N LEU F 173 -31.44 -5.76 -4.64
CA LEU F 173 -31.86 -7.15 -4.57
C LEU F 173 -31.02 -7.94 -3.58
N LEU F 174 -29.71 -7.65 -3.54
CA LEU F 174 -28.85 -8.32 -2.57
C LEU F 174 -29.29 -8.04 -1.14
N THR F 175 -29.65 -6.78 -0.85
CA THR F 175 -30.11 -6.44 0.49
C THR F 175 -31.35 -7.22 0.88
N ALA F 176 -32.29 -7.39 -0.07
CA ALA F 176 -33.49 -8.16 0.21
C ALA F 176 -33.18 -9.63 0.45
N ILE F 177 -32.19 -10.17 -0.27
CA ILE F 177 -31.81 -11.57 -0.08
C ILE F 177 -31.16 -11.77 1.29
N VAL F 178 -30.43 -10.76 1.77
CA VAL F 178 -29.83 -10.86 3.11
C VAL F 178 -30.90 -10.92 4.18
N ILE F 179 -31.96 -10.12 4.03
CA ILE F 179 -32.99 -10.04 5.07
C ILE F 179 -33.77 -11.35 5.14
N PHE F 180 -34.04 -11.97 3.99
CA PHE F 180 -34.80 -13.21 3.94
C PHE F 180 -33.90 -14.46 3.91
N SER F 181 -32.70 -14.35 4.46
CA SER F 181 -31.82 -15.51 4.55
C SER F 181 -32.30 -16.43 5.67
N ASP F 182 -31.90 -17.70 5.57
CA ASP F 182 -32.28 -18.69 6.57
C ASP F 182 -31.50 -18.46 7.85
N ARG F 183 -32.20 -18.15 8.93
CA ARG F 183 -31.60 -17.86 10.23
C ARG F 183 -31.99 -18.92 11.25
N PRO F 184 -31.15 -19.15 12.25
CA PRO F 184 -31.52 -20.12 13.30
C PRO F 184 -32.70 -19.63 14.13
N GLY F 185 -33.60 -20.56 14.45
CA GLY F 185 -34.75 -20.24 15.26
C GLY F 185 -35.94 -19.67 14.52
N LEU F 186 -36.11 -20.00 13.25
CA LEU F 186 -37.25 -19.54 12.47
C LEU F 186 -38.42 -20.51 12.62
N GLU F 187 -39.62 -19.95 12.82
CA GLU F 187 -40.81 -20.78 12.92
C GLU F 187 -41.11 -21.45 11.59
N GLN F 188 -41.05 -20.68 10.49
CA GLN F 188 -41.36 -21.18 9.15
C GLN F 188 -40.15 -20.92 8.26
N PRO F 189 -39.10 -21.73 8.39
CA PRO F 189 -37.91 -21.53 7.54
C PRO F 189 -38.18 -21.75 6.07
N SER F 190 -39.06 -22.70 5.72
CA SER F 190 -39.37 -22.92 4.32
C SER F 190 -40.14 -21.76 3.71
N LEU F 191 -40.91 -21.04 4.52
CA LEU F 191 -41.63 -19.87 4.01
C LEU F 191 -40.66 -18.75 3.67
N VAL F 192 -39.71 -18.46 4.56
CA VAL F 192 -38.70 -17.44 4.29
C VAL F 192 -37.85 -17.85 3.10
N GLU F 193 -37.62 -19.15 2.92
CA GLU F 193 -36.85 -19.62 1.76
C GLU F 193 -37.60 -19.36 0.46
N GLU F 194 -38.92 -19.57 0.45
CA GLU F 194 -39.71 -19.30 -0.74
C GLU F 194 -39.77 -17.80 -1.04
N ILE F 195 -39.77 -16.97 0.00
CA ILE F 195 -39.75 -15.53 -0.21
C ILE F 195 -38.40 -15.09 -0.75
N GLN F 196 -37.32 -15.66 -0.23
CA GLN F 196 -35.98 -15.29 -0.69
C GLN F 196 -35.74 -15.72 -2.13
N ARG F 197 -36.25 -16.88 -2.52
CA ARG F 197 -36.09 -17.34 -3.89
C ARG F 197 -36.81 -16.43 -4.87
N TYR F 198 -37.86 -15.74 -4.41
CA TYR F 198 -38.52 -14.75 -5.26
C TYR F 198 -37.59 -13.60 -5.61
N TYR F 199 -36.68 -13.25 -4.70
CA TYR F 199 -35.67 -12.23 -4.97
C TYR F 199 -34.42 -12.81 -5.64
N LEU F 200 -34.07 -14.05 -5.32
CA LEU F 200 -32.94 -14.69 -6.00
C LEU F 200 -33.20 -14.83 -7.49
N ASN F 201 -34.39 -15.27 -7.87
CA ASN F 201 -34.70 -15.47 -9.28
C ASN F 201 -34.76 -14.15 -10.03
N THR F 202 -35.15 -13.06 -9.35
CA THR F 202 -35.16 -11.75 -10.00
C THR F 202 -33.73 -11.30 -10.31
N LEU F 203 -32.80 -11.48 -9.36
CA LEU F 203 -31.42 -11.10 -9.60
C LEU F 203 -30.78 -11.96 -10.68
N ARG F 204 -31.12 -13.24 -10.72
CA ARG F 204 -30.56 -14.13 -11.74
C ARG F 204 -30.99 -13.70 -13.14
N VAL F 205 -32.30 -13.48 -13.33
CA VAL F 205 -32.79 -13.09 -14.64
C VAL F 205 -32.32 -11.68 -15.01
N TYR F 206 -32.16 -10.80 -14.02
CA TYR F 206 -31.66 -9.46 -14.30
C TYR F 206 -30.23 -9.51 -14.82
N ILE F 207 -29.38 -10.31 -14.18
CA ILE F 207 -28.00 -10.44 -14.64
C ILE F 207 -27.95 -11.10 -16.01
N LEU F 208 -28.91 -12.00 -16.29
CA LEU F 208 -28.93 -12.67 -17.59
C LEU F 208 -29.23 -11.69 -18.71
N ASN F 209 -30.24 -10.84 -18.52
CA ASN F 209 -30.61 -9.90 -19.58
C ASN F 209 -29.55 -8.83 -19.77
N GLN F 210 -28.94 -8.36 -18.68
CA GLN F 210 -27.94 -7.31 -18.79
C GLN F 210 -26.67 -7.81 -19.47
N ASN F 211 -26.39 -9.11 -19.39
CA ASN F 211 -25.21 -9.69 -20.00
C ASN F 211 -25.54 -10.52 -21.24
N SER F 212 -26.77 -10.42 -21.75
CA SER F 212 -27.18 -11.10 -22.98
C SER F 212 -26.97 -12.61 -22.90
N ALA F 213 -27.28 -13.18 -21.73
CA ALA F 213 -27.18 -14.63 -21.49
C ALA F 213 -25.77 -15.16 -21.72
N SER F 214 -24.76 -14.30 -21.56
CA SER F 214 -23.38 -14.73 -21.72
C SER F 214 -23.02 -15.68 -20.58
N PRO F 215 -22.02 -16.54 -20.80
CA PRO F 215 -21.59 -17.45 -19.72
C PRO F 215 -21.14 -16.74 -18.46
N ARG F 216 -20.76 -15.47 -18.53
CA ARG F 216 -20.32 -14.73 -17.36
C ARG F 216 -21.48 -14.30 -16.46
N SER F 217 -22.71 -14.67 -16.80
CA SER F 217 -23.84 -14.33 -15.93
C SER F 217 -23.78 -15.11 -14.62
N ALA F 218 -23.20 -16.32 -14.65
CA ALA F 218 -23.07 -17.11 -13.43
C ALA F 218 -21.96 -16.57 -12.53
N VAL F 219 -20.88 -16.04 -13.11
CA VAL F 219 -19.81 -15.44 -12.31
C VAL F 219 -20.35 -14.24 -11.54
N ILE F 220 -21.11 -13.38 -12.22
CA ILE F 220 -21.67 -12.21 -11.55
C ILE F 220 -22.65 -12.64 -10.47
N PHE F 221 -23.53 -13.58 -10.79
CA PHE F 221 -24.50 -14.07 -9.82
C PHE F 221 -23.81 -14.84 -8.69
N GLY F 222 -22.70 -15.52 -8.98
CA GLY F 222 -21.99 -16.24 -7.94
C GLY F 222 -21.23 -15.32 -7.00
N LYS F 223 -20.57 -14.30 -7.55
CA LYS F 223 -19.82 -13.38 -6.70
C LYS F 223 -20.75 -12.55 -5.81
N ILE F 224 -21.91 -12.15 -6.33
CA ILE F 224 -22.88 -11.43 -5.51
C ILE F 224 -23.38 -12.32 -4.38
N LEU F 225 -23.66 -13.59 -4.68
CA LEU F 225 -24.00 -14.54 -3.63
C LEU F 225 -22.83 -14.79 -2.69
N GLY F 226 -21.60 -14.56 -3.15
CA GLY F 226 -20.44 -14.66 -2.27
C GLY F 226 -20.40 -13.59 -1.20
N ILE F 227 -21.07 -12.45 -1.43
CA ILE F 227 -21.15 -11.42 -0.39
C ILE F 227 -21.96 -11.92 0.80
N LEU F 228 -22.94 -12.79 0.55
CA LEU F 228 -23.73 -13.34 1.64
C LEU F 228 -22.84 -14.07 2.66
N THR F 229 -21.83 -14.79 2.16
CA THR F 229 -20.96 -15.55 3.05
C THR F 229 -20.08 -14.63 3.90
N GLU F 230 -19.58 -13.55 3.30
CA GLU F 230 -18.60 -12.71 4.01
C GLU F 230 -19.26 -11.82 5.06
N ILE F 231 -20.48 -11.34 4.79
CA ILE F 231 -21.15 -10.50 5.79
C ILE F 231 -21.58 -11.32 7.00
N ARG F 232 -21.62 -12.65 6.89
CA ARG F 232 -21.82 -13.48 8.07
C ARG F 232 -20.67 -13.30 9.05
N THR F 233 -19.46 -13.13 8.54
CA THR F 233 -18.30 -12.93 9.41
C THR F 233 -18.34 -11.56 10.07
N LEU F 234 -18.61 -10.52 9.27
CA LEU F 234 -18.68 -9.17 9.83
C LEU F 234 -19.81 -9.04 10.84
N GLY F 235 -20.98 -9.62 10.53
CA GLY F 235 -22.04 -9.66 11.51
C GLY F 235 -21.67 -10.43 12.76
N MET F 236 -20.78 -11.42 12.61
CA MET F 236 -20.27 -12.15 13.78
C MET F 236 -19.19 -11.35 14.50
N GLN F 237 -18.36 -10.62 13.76
CA GLN F 237 -17.37 -9.76 14.38
C GLN F 237 -18.01 -8.67 15.22
N ASN F 238 -19.17 -8.17 14.78
CA ASN F 238 -19.87 -7.15 15.56
C ASN F 238 -20.32 -7.70 16.91
N SER F 239 -20.87 -8.91 16.92
CA SER F 239 -21.32 -9.51 18.18
C SER F 239 -20.15 -9.75 19.12
N ASN F 240 -19.00 -10.16 18.58
CA ASN F 240 -17.82 -10.37 19.42
C ASN F 240 -17.23 -9.04 19.89
N MET F 241 -17.33 -7.99 19.07
CA MET F 241 -16.88 -6.68 19.51
C MET F 241 -17.80 -6.11 20.59
N CYS F 242 -19.09 -6.43 20.54
CA CYS F 242 -20.01 -5.93 21.55
C CYS F 242 -19.78 -6.59 22.90
N ILE F 243 -19.53 -7.89 22.92
CA ILE F 243 -19.23 -8.57 24.18
C ILE F 243 -17.83 -8.22 24.65
N SER F 244 -16.93 -7.86 23.73
CA SER F 244 -15.60 -7.39 24.12
C SER F 244 -15.71 -6.06 24.85
N LEU F 245 -16.46 -5.12 24.28
CA LEU F 245 -16.70 -3.85 24.97
C LEU F 245 -17.46 -4.08 26.28
N LYS F 246 -18.45 -4.97 26.26
CA LYS F 246 -19.20 -5.27 27.48
C LYS F 246 -18.30 -5.79 28.59
N LEU F 247 -17.26 -6.56 28.23
CA LEU F 247 -16.28 -7.00 29.23
C LEU F 247 -15.48 -5.83 29.75
N LYS F 248 -15.12 -4.88 28.88
CA LYS F 248 -14.41 -3.69 29.29
C LYS F 248 -15.41 -2.68 29.86
N ASN F 249 -14.98 -1.42 30.01
CA ASN F 249 -15.79 -0.40 30.67
C ASN F 249 -16.73 0.34 29.72
N ARG F 250 -16.89 -0.14 28.49
CA ARG F 250 -17.75 0.51 27.51
C ARG F 250 -19.03 -0.29 27.34
N LYS F 251 -20.16 0.40 27.33
CA LYS F 251 -21.48 -0.21 27.17
C LYS F 251 -22.16 0.39 25.96
N LEU F 252 -22.87 -0.44 25.21
CA LEU F 252 -23.56 0.01 24.02
C LEU F 252 -24.87 0.71 24.38
N PRO F 253 -25.35 1.60 23.51
CA PRO F 253 -26.65 2.25 23.74
C PRO F 253 -27.76 1.22 23.86
N PRO F 254 -28.86 1.58 24.52
CA PRO F 254 -29.92 0.58 24.76
C PRO F 254 -30.52 -0.02 23.50
N PHE F 255 -30.74 0.79 22.46
CA PHE F 255 -31.34 0.26 21.24
C PHE F 255 -30.40 -0.71 20.54
N LEU F 256 -29.10 -0.43 20.54
CA LEU F 256 -28.15 -1.35 19.94
C LEU F 256 -27.94 -2.59 20.80
N GLU F 257 -28.07 -2.45 22.12
CA GLU F 257 -27.99 -3.62 22.99
C GLU F 257 -29.22 -4.52 22.83
N GLU F 258 -30.38 -3.93 22.56
CA GLU F 258 -31.60 -4.72 22.41
C GLU F 258 -31.65 -5.44 21.07
N ILE F 259 -31.26 -4.77 19.99
CA ILE F 259 -31.34 -5.37 18.67
C ILE F 259 -30.31 -6.49 18.49
N TRP F 260 -29.24 -6.50 19.27
CA TRP F 260 -28.19 -7.50 19.15
C TRP F 260 -28.09 -8.41 20.36
N ASP F 261 -28.90 -8.18 21.40
CA ASP F 261 -28.97 -9.04 22.58
C ASP F 261 -27.60 -9.23 23.22
N VAL F 262 -26.95 -8.10 23.53
CA VAL F 262 -25.64 -8.08 24.16
C VAL F 262 -25.80 -7.56 25.58
N ALA F 263 -25.16 -8.23 26.53
CA ALA F 263 -25.23 -7.84 27.93
C ALA F 263 -24.51 -6.52 28.17
C1 EPH G . -29.32 35.18 -10.46
C2 EPH G . -29.15 34.67 -9.03
C4 EPH G . -29.91 34.24 -12.70
O2 EPH G . -29.62 34.07 -11.29
O4 EPH G . -29.95 35.36 -13.17
C18 EPH G . -30.15 33.02 -13.57
C19 EPH G . -28.92 32.13 -13.59
C20 EPH G . -27.79 32.78 -14.37
C21 EPH G . -26.76 31.76 -14.82
C22 EPH G . -25.70 31.51 -13.76
C23 EPH G . -24.87 30.27 -14.05
C24 EPH G . -25.42 29.11 -13.25
C25 EPH G . -24.88 27.89 -13.35
C26 EPH G . -25.47 26.75 -12.54
C27 EPH G . -24.84 25.42 -12.94
C28 EPH G . -25.41 24.96 -14.26
C29 EPH G . -24.63 24.78 -15.32
C30 EPH G . -23.14 25.04 -15.22
C31 EPH G . -22.38 23.83 -15.72
C32 EPH G . -20.89 24.14 -15.74
C33 EPH G . -20.06 23.40 -15.02
C34 EPH G . -18.57 23.71 -15.03
C37 EPH G . -28.80 35.80 -8.08
O5 EPH G . -29.16 35.42 -6.76
C3 EPH G . -28.49 32.54 -8.24
O1 EPH G . -28.11 33.69 -9.01
O3 EPH G . -29.65 32.44 -7.87
C5 EPH G . -27.48 31.47 -7.89
C6 EPH G . -27.06 30.78 -9.18
C7 EPH G . -26.01 29.72 -8.92
C8 EPH G . -24.86 29.87 -9.90
C9 EPH G . -23.79 28.81 -9.67
C10 EPH G . -22.59 29.08 -10.57
C11 EPH G . -21.77 27.82 -10.77
C12 EPH G . -21.02 27.94 -12.08
C13 EPH G . -20.34 26.89 -12.54
C14 EPH G . -19.60 26.98 -13.85
C15 EPH G . -20.24 27.97 -14.78
C16 EPH G . -19.69 29.16 -14.98
C17 EPH G . -20.34 30.14 -15.92
C35 EPH G . -21.25 31.08 -15.13
C36 EPH G . -21.87 32.12 -16.03
P1 EPH G . -28.74 36.36 -5.52
O6 EPH G . -28.14 35.50 -4.43
O7 EPH G . -28.00 37.55 -6.07
O8 EPH G . -30.19 36.87 -5.04
C38 EPH G . -30.66 38.15 -5.44
C39 EPH G . -31.93 38.50 -4.68
N1 EPH G . -32.76 37.32 -4.57
C1 EPH H . 42.47 14.75 14.80
C2 EPH H . 41.15 15.31 15.31
C4 EPH H . 43.61 14.32 12.61
O2 EPH H . 42.46 14.78 13.37
O4 EPH H . 44.61 13.95 13.22
C18 EPH H . 43.59 14.30 11.10
C19 EPH H . 42.47 13.39 10.60
C20 EPH H . 42.61 11.98 11.16
C21 EPH H . 41.74 11.00 10.39
C22 EPH H . 40.33 11.54 10.19
C23 EPH H . 39.43 10.54 9.47
C24 EPH H . 38.26 11.26 8.84
C25 EPH H . 37.63 10.70 7.81
C26 EPH H . 36.45 11.39 7.15
C27 EPH H . 36.55 11.28 5.64
C28 EPH H . 37.47 10.13 5.29
C29 EPH H . 36.96 8.99 4.82
C30 EPH H . 35.47 8.85 4.61
C31 EPH H . 35.18 7.55 3.88
C32 EPH H . 34.81 6.50 4.90
C33 EPH H . 33.53 6.20 5.08
C34 EPH H . 33.15 5.16 6.09
C37 EPH H . 41.05 15.17 16.82
O5 EPH H . 40.63 16.40 17.39
C3 EPH H . 39.11 15.49 14.09
O1 EPH H . 40.07 14.59 14.71
O3 EPH H . 39.37 16.67 14.03
C5 EPH H . 37.81 14.95 13.54
C6 EPH H . 38.08 13.62 12.84
C7 EPH H . 36.86 13.19 12.04
C8 EPH H . 36.77 11.67 11.94
C9 EPH H . 35.61 11.27 11.05
C10 EPH H . 34.96 9.99 11.51
C11 EPH H . 35.19 8.83 10.54
C12 EPH H . 34.76 7.55 11.20
C13 EPH H . 34.67 6.39 10.54
C14 EPH H . 34.99 6.25 9.08
C15 EPH H . 36.49 6.25 8.87
C16 EPH H . 37.27 5.46 9.59
C17 EPH H . 38.76 5.52 9.37
C35 EPH H . 39.31 6.78 10.04
C36 EPH H . 40.37 6.43 11.06
P1 EPH H . 40.38 16.51 18.97
O6 EPH H . 39.55 17.74 19.26
O7 EPH H . 39.96 15.17 19.53
O8 EPH H . 41.89 16.78 19.49
C38 EPH H . 42.40 18.11 19.62
C39 EPH H . 43.91 18.02 19.74
N1 EPH H . 44.51 19.26 19.31
C1 EPH I . -17.79 -33.19 28.02
C2 EPH I . -17.07 -31.86 28.14
C4 EPH I . -17.64 -35.24 26.59
O2 EPH I . -17.06 -34.01 27.10
O4 EPH I . -18.78 -35.53 26.90
C18 EPH I . -16.83 -36.14 25.69
C19 EPH I . -16.32 -35.34 24.51
C20 EPH I . -17.42 -35.02 23.51
C21 EPH I . -16.95 -33.97 22.52
C22 EPH I . -17.90 -33.80 21.33
C23 EPH I . -17.58 -32.51 20.59
C24 EPH I . -16.08 -32.32 20.58
C25 EPH I . -15.48 -31.45 19.76
C26 EPH I . -13.97 -31.31 19.80
C27 EPH I . -13.49 -30.70 18.50
C28 EPH I . -12.18 -31.31 18.10
C29 EPH I . -12.11 -32.02 16.98
C30 EPH I . -13.33 -32.19 16.11
C31 EPH I . -13.00 -31.81 14.67
C32 EPH I . -13.92 -30.71 14.19
C33 EPH I . -13.41 -29.57 13.75
C34 EPH I . -14.33 -28.47 13.27
C37 EPH I . -17.83 -30.91 29.05
O5 EPH I . -18.17 -31.56 30.28
C3 EPH I . -15.86 -30.37 26.71
O1 EPH I . -16.99 -31.27 26.84
O3 EPH I . -14.97 -30.40 27.56
C5 EPH I . -15.77 -29.42 25.55
C6 EPH I . -14.59 -29.80 24.67
C7 EPH I . -15.07 -30.39 23.35
C8 EPH I . -15.80 -29.34 22.51
C9 EPH I . -14.87 -28.18 22.19
C10 EPH I . -14.85 -27.91 20.69
C11 EPH I . -16.22 -27.53 20.18
C12 EPH I . -16.14 -27.31 18.69
C13 EPH I . -16.95 -28.00 17.90
C14 EPH I . -16.94 -27.84 16.41
C15 EPH I . -17.52 -29.12 15.87
C16 EPH I . -18.82 -29.33 16.09
C17 EPH I . -19.51 -30.58 15.61
C35 EPH I . -19.60 -31.54 16.79
C36 EPH I . -19.98 -30.83 18.06
P1 EPH I . -18.84 -30.71 31.48
O6 EPH I . -17.88 -30.68 32.65
O7 EPH I . -19.38 -29.43 30.92
O8 EPH I . -20.08 -31.65 31.87
C38 EPH I . -20.10 -33.02 31.48
C39 EPH I . -21.48 -33.61 31.73
N1 EPH I . -22.47 -32.83 31.00
C10 U0H J . -0.83 26.63 7.99
C20 U0H J . -1.95 20.40 0.14
C14 U0H J . -1.08 22.62 2.88
C19 U0H J . 0.35 22.19 3.08
C1 U0H J . 3.41 24.10 2.70
C11 U0H J . -0.55 28.59 6.47
C12 U0H J . -0.92 24.25 4.80
C13 U0H J . -1.68 23.61 3.67
C15 U0H J . -1.85 22.03 1.88
C16 U0H J . -3.16 22.41 1.65
C17 U0H J . -3.73 23.40 2.44
C18 U0H J . -2.99 24.00 3.45
C2 U0H J . 2.10 25.87 3.27
C3 U0H J . 2.06 25.49 4.62
C4 U0H J . 2.76 24.34 4.97
C5 U0H J . 3.45 23.63 4.00
C6 U0H J . 1.42 27.37 1.58
C7 U0H J . 1.33 26.25 5.70
C8 U0H J . -0.97 27.12 6.56
C9 U0H J . -2.41 26.97 6.08
N1 U0H J . 2.75 25.21 2.33
N2 U0H J . -0.07 26.28 5.67
N3 U0H J . -0.68 25.58 4.65
O1 U0H J . 1.42 26.98 2.94
O2 U0H J . 1.96 26.81 6.57
O3 U0H J . -0.58 23.62 5.79
O4 U0H J . -1.21 21.06 1.16
MG MG K . 18.11 34.96 -8.65
C10 U0H L . 11.96 -1.11 24.91
C20 U0H L . 13.71 -2.52 15.06
C14 U0H L . 13.01 -2.53 18.62
C19 U0H L . 12.05 -3.70 18.68
C1 U0H L . 12.13 -6.78 20.53
C11 U0H L . 14.23 -2.04 25.47
C12 U0H L . 12.71 -2.11 21.09
C13 U0H L . 13.34 -1.81 19.77
C15 U0H L . 13.59 -2.15 17.41
C16 U0H L . 14.49 -1.10 17.34
C17 U0H L . 14.82 -0.39 18.49
C18 U0H L . 14.25 -0.75 19.70
C2 U0H L . 13.48 -5.65 21.96
C3 U0H L . 12.41 -4.95 22.53
C4 U0H L . 11.14 -5.22 22.03
C5 U0H L . 11.00 -6.15 21.01
C6 U0H L . 15.81 -6.09 21.90
C7 U0H L . 12.55 -3.95 23.65
C8 U0H L . 13.31 -1.55 24.35
C9 U0H L . 13.98 -0.38 23.63
N1 U0H L . 13.36 -6.54 21.00
N2 U0H L . 13.09 -2.68 23.36
N3 U0H L . 13.57 -2.49 22.07
O1 U0H L . 14.70 -5.38 22.46
O2 U0H L . 12.19 -4.24 24.77
O3 U0H L . 11.50 -1.99 21.28
O4 U0H L . 13.19 -2.89 16.33
C1 PEG M . 30.81 -28.78 18.46
O1 PEG M . 30.56 -29.05 19.85
C2 PEG M . 31.84 -27.66 18.33
O2 PEG M . 33.13 -28.15 18.70
C3 PEG M . 34.15 -27.17 18.45
C4 PEG M . 35.52 -27.78 18.70
O4 PEG M . 35.62 -28.20 20.07
C10 U0H N . -19.74 0.38 17.60
C20 U0H N . -15.90 -5.38 10.46
C14 U0H N . -17.55 -3.08 12.73
C19 U0H N . -17.84 -1.95 11.78
C1 U0H N . -21.09 -0.77 10.62
C11 U0H N . -21.96 -0.77 17.68
C12 U0H N . -18.58 -1.79 14.64
C13 U0H N . -17.91 -3.02 14.10
C15 U0H N . -16.92 -4.24 12.29
C16 U0H N . -16.64 -5.30 13.15
C17 U0H N . -17.00 -5.21 14.48
C18 U0H N . -17.63 -4.07 14.96
C2 U0H N . -21.75 -1.39 12.70
C3 U0H N . -21.11 -0.29 13.30
C4 U0H N . -20.45 0.59 12.45
C5 U0H N . -20.43 0.34 11.09
C6 U0H N . -23.07 -3.33 12.93
C7 U0H N . -21.13 -0.01 14.78
C8 U0H N . -20.52 -0.86 17.16
C9 U0H N . -19.85 -2.11 17.72
N1 U0H N . -21.74 -1.64 11.40
N2 U0H N . -20.54 -0.93 15.65
N3 U0H N . -19.86 -1.98 15.07
O1 U0H N . -22.41 -2.22 13.52
O2 U0H N . -21.65 1.01 15.19
O3 U0H N . -18.00 -0.71 14.73
O4 U0H N . -16.57 -4.24 10.97
C1 PEG O . -42.94 -0.14 -11.55
O1 PEG O . -42.58 1.13 -12.12
C2 PEG O . -43.51 0.07 -10.16
O2 PEG O . -42.64 0.94 -9.42
C3 PEG O . -43.07 1.09 -8.07
C4 PEG O . -42.22 2.17 -7.39
O4 PEG O . -42.49 3.44 -8.01
C1 PEG P . -45.41 -17.32 -1.11
O1 PEG P . -46.30 -16.52 -0.32
C2 PEG P . -44.07 -16.61 -1.26
O2 PEG P . -44.28 -15.30 -1.81
C3 PEG P . -43.06 -14.65 -2.10
C4 PEG P . -43.33 -13.29 -2.75
O4 PEG P . -43.93 -12.41 -1.79
#